data_2O2Z
#
_entry.id   2O2Z
#
_cell.length_a   51.430
_cell.length_b   143.640
_cell.length_c   233.680
_cell.angle_alpha   90.000
_cell.angle_beta   90.000
_cell.angle_gamma   90.000
#
_symmetry.space_group_name_H-M   'P 21 21 21'
#
loop_
_entity.id
_entity.type
_entity.pdbx_description
1 polymer 'hypothetical protein'
2 non-polymer 'SULFATE ION'
3 non-polymer NICOTINAMIDE-ADENINE-DINUCLEOTIDE
4 water water
#
_entity_poly.entity_id   1
_entity_poly.type   'polypeptide(L)'
_entity_poly.pdbx_seq_one_letter_code
;G(MSE)KKKNVIVFGGGTGLSVLLRGLKTFPVSITAIVTVADDGGSSGRLRKELDIPPPGDVRNVLVALSEVEPLLEQLF
QHRFENGNGLSGHSLGNLLLAG(MSE)TSITGDFARGISE(MSE)SKVLNVRGKVLPASNRSIILHGE(MSE)EDGTIVT
GESSIPKAGKKIKRVFLTPKDTKPLREGLEAIRKADVIVIGPGSLYTSVLPNLLVPGICEAIKQSTARKVYICNV(MSE)
TQNGETDGYTASDHLQAI(MSE)DHCGVGIVDDILVHGEPISDTVKAKYAKEKAEPVIVDEHKLKALGVGTISDYFVLEQ
DDVLRHNASKVSEAILEGKPRTSSSIQ
;
_entity_poly.pdbx_strand_id   A,B,C,D
#
loop_
_chem_comp.id
_chem_comp.type
_chem_comp.name
_chem_comp.formula
NAD non-polymer NICOTINAMIDE-ADENINE-DINUCLEOTIDE 'C21 H27 N7 O14 P2'
SO4 non-polymer 'SULFATE ION' 'O4 S -2'
#
# COMPACT_ATOMS: atom_id res chain seq x y z
N GLY A 1 39.27 58.75 3.28
CA GLY A 1 40.74 58.97 3.10
C GLY A 1 41.22 58.89 1.65
N MSE A 2 40.68 57.90 0.93
CA MSE A 2 40.91 57.72 -0.49
C MSE A 2 39.70 58.31 -1.24
O MSE A 2 38.55 58.15 -0.81
CB MSE A 2 41.08 56.23 -0.83
N LYS A 3 39.97 59.03 -2.34
CA LYS A 3 38.94 59.37 -3.32
C LYS A 3 38.82 58.13 -4.18
N LYS A 4 37.69 57.45 -4.07
CA LYS A 4 37.39 56.33 -4.94
C LYS A 4 36.80 56.87 -6.24
N LYS A 5 37.40 56.51 -7.38
CA LYS A 5 36.87 56.92 -8.69
C LYS A 5 35.54 56.19 -8.83
N ASN A 6 34.52 56.87 -9.33
CA ASN A 6 33.23 56.24 -9.59
C ASN A 6 33.23 55.56 -10.94
N VAL A 7 33.00 54.24 -10.94
CA VAL A 7 33.00 53.44 -12.15
C VAL A 7 31.65 52.76 -12.36
N ILE A 8 31.10 52.93 -13.55
CA ILE A 8 29.87 52.27 -13.92
C ILE A 8 30.18 51.26 -15.02
N VAL A 9 29.67 50.04 -14.86
CA VAL A 9 29.90 48.95 -15.81
C VAL A 9 28.58 48.38 -16.32
N PHE A 10 28.49 48.25 -17.64
CA PHE A 10 27.35 47.65 -18.32
C PHE A 10 27.68 46.26 -18.82
N GLY A 11 26.88 45.27 -18.50
CA GLY A 11 27.10 43.93 -19.04
C GLY A 11 26.00 42.94 -18.69
N GLY A 12 26.33 41.66 -18.82
CA GLY A 12 25.36 40.61 -18.59
C GLY A 12 25.86 39.56 -17.62
N GLY A 13 26.29 38.44 -18.16
CA GLY A 13 26.51 37.26 -17.36
C GLY A 13 27.94 37.10 -16.93
N THR A 14 28.72 36.36 -17.71
CA THR A 14 29.94 35.82 -17.18
C THR A 14 31.08 36.83 -17.32
N GLY A 15 31.08 37.59 -18.41
CA GLY A 15 32.06 38.63 -18.63
C GLY A 15 32.05 39.71 -17.57
N LEU A 16 30.87 40.18 -17.23
CA LEU A 16 30.73 41.16 -16.19
C LEU A 16 31.19 40.60 -14.83
N SER A 17 30.79 39.37 -14.55
CA SER A 17 31.10 38.74 -13.28
C SER A 17 32.58 38.52 -13.07
N VAL A 18 33.25 38.03 -14.09
CA VAL A 18 34.70 37.90 -14.02
C VAL A 18 35.40 39.24 -13.77
N LEU A 19 35.02 40.28 -14.50
CA LEU A 19 35.64 41.60 -14.36
C LEU A 19 35.39 42.16 -12.96
N LEU A 20 34.14 42.09 -12.48
CA LEU A 20 33.78 42.72 -11.20
C LEU A 20 34.52 42.09 -10.03
N ARG A 21 34.73 40.79 -10.10
CA ARG A 21 35.40 40.05 -9.06
C ARG A 21 36.81 40.63 -8.79
N GLY A 22 37.48 41.03 -9.85
CA GLY A 22 38.76 41.75 -9.73
C GLY A 22 38.63 43.25 -9.48
N LEU A 23 37.76 43.93 -10.21
CA LEU A 23 37.64 45.40 -10.09
C LEU A 23 37.30 45.84 -8.66
N LYS A 24 36.57 45.02 -7.93
CA LYS A 24 36.13 45.36 -6.58
C LYS A 24 37.29 45.47 -5.60
N THR A 25 38.44 44.91 -5.93
CA THR A 25 39.61 45.01 -5.08
C THR A 25 40.35 46.35 -5.28
N PHE A 26 40.02 47.10 -6.33
CA PHE A 26 40.68 48.39 -6.58
C PHE A 26 39.98 49.49 -5.77
N PRO A 27 40.60 50.68 -5.65
CA PRO A 27 39.97 51.80 -4.95
C PRO A 27 38.96 52.52 -5.83
N VAL A 28 37.79 51.93 -5.95
CA VAL A 28 36.76 52.43 -6.85
C VAL A 28 35.40 52.17 -6.25
N SER A 29 34.43 53.02 -6.57
CA SER A 29 33.04 52.76 -6.23
C SER A 29 32.36 52.26 -7.49
N ILE A 30 31.84 51.04 -7.43
CA ILE A 30 31.29 50.36 -8.60
C ILE A 30 29.78 50.46 -8.64
N THR A 31 29.25 50.79 -9.81
CA THR A 31 27.84 50.59 -10.12
C THR A 31 27.77 49.66 -11.31
N ALA A 32 27.04 48.55 -11.18
CA ALA A 32 26.91 47.58 -12.27
C ALA A 32 25.50 47.65 -12.75
N ILE A 33 25.32 47.81 -14.06
CA ILE A 33 23.98 47.82 -14.62
C ILE A 33 23.82 46.60 -15.48
N VAL A 34 22.82 45.78 -15.15
CA VAL A 34 22.74 44.42 -15.64
C VAL A 34 21.53 44.21 -16.54
N THR A 35 21.76 43.63 -17.72
CA THR A 35 20.69 43.38 -18.69
C THR A 35 19.59 42.56 -18.06
N VAL A 36 18.34 42.92 -18.37
CA VAL A 36 17.19 42.12 -17.97
C VAL A 36 16.40 41.64 -19.20
N ALA A 37 17.11 41.37 -20.28
CA ALA A 37 16.51 40.92 -21.53
C ALA A 37 16.65 39.41 -21.78
N ASP A 38 17.41 38.69 -20.97
CA ASP A 38 17.59 37.26 -21.22
C ASP A 38 16.27 36.52 -21.07
N ASP A 39 16.12 35.41 -21.80
CA ASP A 39 14.94 34.59 -21.66
C ASP A 39 15.18 33.07 -21.73
N GLY A 40 16.43 32.63 -21.58
CA GLY A 40 16.75 31.21 -21.53
C GLY A 40 16.96 30.68 -20.13
N GLY A 41 17.07 29.37 -20.04
CA GLY A 41 17.43 28.65 -18.80
C GLY A 41 16.43 28.80 -17.68
N SER A 42 16.92 28.63 -16.46
CA SER A 42 16.16 28.87 -15.25
C SER A 42 15.60 30.28 -15.22
N SER A 43 16.47 31.26 -15.48
CA SER A 43 16.07 32.68 -15.54
C SER A 43 14.86 32.87 -16.39
N GLY A 44 14.90 32.29 -17.58
CA GLY A 44 13.81 32.43 -18.53
C GLY A 44 12.53 31.79 -18.05
N ARG A 45 12.60 30.59 -17.47
CA ARG A 45 11.36 29.97 -17.00
C ARG A 45 10.75 30.83 -15.90
N LEU A 46 11.58 31.32 -14.99
CA LEU A 46 11.07 32.11 -13.87
C LEU A 46 10.47 33.41 -14.37
N ARG A 47 11.12 34.01 -15.36
CA ARG A 47 10.65 35.21 -16.02
C ARG A 47 9.22 35.03 -16.53
N LYS A 48 9.03 34.00 -17.37
CA LYS A 48 7.71 33.68 -17.93
C LYS A 48 6.74 33.35 -16.82
N GLU A 49 7.10 32.40 -15.98
CA GLU A 49 6.13 31.80 -15.08
C GLU A 49 5.80 32.64 -13.86
N LEU A 50 6.71 33.49 -13.40
CA LEU A 50 6.41 34.36 -12.25
C LEU A 50 6.19 35.81 -12.64
N ASP A 51 6.32 36.13 -13.92
CA ASP A 51 6.19 37.50 -14.41
C ASP A 51 7.17 38.50 -13.72
N ILE A 52 8.43 38.14 -13.62
CA ILE A 52 9.46 39.04 -13.08
C ILE A 52 10.53 39.17 -14.13
N PRO A 53 11.45 40.12 -13.96
CA PRO A 53 12.61 40.19 -14.85
C PRO A 53 13.54 39.01 -14.65
N PRO A 54 14.27 38.58 -15.69
CA PRO A 54 15.15 37.44 -15.53
C PRO A 54 16.24 37.73 -14.48
N PRO A 55 16.34 36.90 -13.42
CA PRO A 55 17.24 37.19 -12.32
C PRO A 55 18.66 36.67 -12.46
N GLY A 56 18.93 35.84 -13.47
CA GLY A 56 20.20 35.10 -13.54
C GLY A 56 21.47 35.90 -13.68
N ASP A 57 21.50 36.85 -14.61
CA ASP A 57 22.68 37.68 -14.75
C ASP A 57 22.92 38.52 -13.49
N VAL A 58 21.85 39.03 -12.87
CA VAL A 58 21.93 39.77 -11.61
C VAL A 58 22.51 38.88 -10.53
N ARG A 59 22.04 37.64 -10.45
CA ARG A 59 22.50 36.72 -9.43
C ARG A 59 24.02 36.58 -9.51
N ASN A 60 24.54 36.33 -10.70
CA ASN A 60 25.98 36.15 -10.88
C ASN A 60 26.77 37.39 -10.51
N VAL A 61 26.24 38.55 -10.86
CA VAL A 61 26.90 39.79 -10.52
C VAL A 61 26.93 39.94 -9.01
N LEU A 62 25.83 39.63 -8.34
CA LEU A 62 25.79 39.73 -6.86
C LEU A 62 26.86 38.79 -6.22
N VAL A 63 26.97 37.58 -6.75
CA VAL A 63 27.93 36.66 -6.19
C VAL A 63 29.34 37.18 -6.40
N ALA A 64 29.62 37.72 -7.59
CA ALA A 64 30.94 38.29 -7.90
C ALA A 64 31.31 39.43 -6.93
N LEU A 65 30.32 40.19 -6.47
CA LEU A 65 30.64 41.32 -5.58
C LEU A 65 30.48 40.99 -4.09
N SER A 66 29.92 39.82 -3.79
CA SER A 66 29.63 39.43 -2.41
C SER A 66 30.89 39.22 -1.57
N GLU A 67 30.72 39.35 -0.26
CA GLU A 67 31.77 39.04 0.71
C GLU A 67 31.15 38.21 1.84
N VAL A 68 30.94 36.94 1.55
CA VAL A 68 30.34 36.03 2.51
C VAL A 68 31.14 34.73 2.59
N GLU A 69 30.86 33.94 3.61
CA GLU A 69 31.47 32.62 3.80
C GLU A 69 31.33 31.76 2.52
N PRO A 70 32.34 30.93 2.21
CA PRO A 70 32.26 30.06 1.02
C PRO A 70 31.03 29.18 0.94
N LEU A 71 30.50 28.78 2.07
CA LEU A 71 29.31 27.95 2.08
C LEU A 71 28.06 28.71 1.61
N LEU A 72 27.89 29.97 2.08
CA LEU A 72 26.74 30.79 1.65
C LEU A 72 26.84 31.10 0.16
N GLU A 73 28.06 31.28 -0.33
CA GLU A 73 28.25 31.55 -1.73
C GLU A 73 27.85 30.32 -2.54
N GLN A 74 28.16 29.14 -2.05
CA GLN A 74 27.74 27.92 -2.77
C GLN A 74 26.23 27.75 -2.72
N LEU A 75 25.63 28.13 -1.59
CA LEU A 75 24.19 27.98 -1.40
C LEU A 75 23.50 28.82 -2.45
N PHE A 76 23.98 30.04 -2.61
CA PHE A 76 23.39 30.98 -3.52
C PHE A 76 23.56 30.51 -4.99
N GLN A 77 24.63 29.75 -5.27
CA GLN A 77 24.91 29.22 -6.62
C GLN A 77 24.37 27.80 -6.82
N HIS A 78 23.73 27.25 -5.81
CA HIS A 78 23.22 25.87 -5.90
C HIS A 78 22.16 25.71 -6.98
N ARG A 79 22.27 24.62 -7.73
CA ARG A 79 21.35 24.34 -8.81
C ARG A 79 20.75 22.96 -8.61
N PHE A 80 19.43 22.91 -8.51
CA PHE A 80 18.69 21.67 -8.29
C PHE A 80 18.81 20.75 -9.50
N GLU A 81 19.09 19.47 -9.22
CA GLU A 81 19.20 18.46 -10.26
C GLU A 81 18.00 17.52 -10.29
N ASN A 82 17.14 17.58 -9.28
CA ASN A 82 15.88 16.82 -9.31
C ASN A 82 14.65 17.62 -8.85
N GLY A 83 13.46 17.06 -9.04
CA GLY A 83 12.21 17.77 -8.81
C GLY A 83 11.54 18.10 -10.13
N GLY A 85 10.07 19.87 -12.31
CA GLY A 85 9.55 21.16 -11.84
C GLY A 85 10.64 22.05 -11.27
N LEU A 86 11.31 21.55 -10.25
CA LEU A 86 12.37 22.28 -9.59
C LEU A 86 13.69 22.15 -10.36
N SER A 87 13.86 21.02 -11.05
CA SER A 87 15.11 20.65 -11.71
C SER A 87 15.60 21.70 -12.71
N GLY A 88 16.87 22.07 -12.62
CA GLY A 88 17.43 23.12 -13.44
C GLY A 88 17.48 24.49 -12.78
N HIS A 89 16.63 24.75 -11.77
CA HIS A 89 16.62 26.08 -11.17
C HIS A 89 17.78 26.36 -10.23
N SER A 90 18.24 27.61 -10.28
CA SER A 90 19.27 28.11 -9.40
C SER A 90 18.56 28.62 -8.14
N LEU A 91 19.07 28.25 -6.97
CA LEU A 91 18.49 28.68 -5.70
C LEU A 91 18.58 30.21 -5.54
N GLY A 92 19.67 30.79 -6.00
CA GLY A 92 19.85 32.25 -5.99
C GLY A 92 18.81 32.99 -6.84
N ASN A 93 18.46 32.42 -7.99
CA ASN A 93 17.34 32.95 -8.79
C ASN A 93 16.07 32.91 -7.97
N LEU A 94 15.86 31.79 -7.29
CA LEU A 94 14.64 31.60 -6.52
C LEU A 94 14.61 32.59 -5.35
N LEU A 95 15.75 32.83 -4.72
CA LEU A 95 15.81 33.86 -3.69
C LEU A 95 15.41 35.23 -4.23
N LEU A 96 15.99 35.62 -5.38
CA LEU A 96 15.70 36.89 -6.02
C LEU A 96 14.22 36.97 -6.40
N ALA A 97 13.69 35.89 -6.96
CA ALA A 97 12.27 35.80 -7.28
C ALA A 97 11.42 36.09 -6.04
N GLY A 98 11.73 35.42 -4.94
CA GLY A 98 10.97 35.57 -3.72
C GLY A 98 10.99 36.96 -3.13
N MSE A 99 12.18 37.53 -3.06
CA MSE A 99 12.32 38.90 -2.64
C MSE A 99 11.58 39.91 -3.57
O MSE A 99 10.97 40.86 -3.08
CB MSE A 99 13.82 39.23 -2.56
CG MSE A 99 14.12 40.53 -1.88
SE MSE A 99 14.01 40.45 0.04
CE MSE A 99 15.94 39.91 0.42
N THR A 100 11.62 39.68 -4.88
CA THR A 100 10.91 40.54 -5.82
C THR A 100 9.40 40.46 -5.62
N SER A 101 8.88 39.27 -5.33
CA SER A 101 7.46 39.11 -5.05
C SER A 101 7.06 39.86 -3.78
N ILE A 102 7.88 39.77 -2.76
CA ILE A 102 7.59 40.39 -1.49
C ILE A 102 7.56 41.92 -1.63
N THR A 103 8.58 42.49 -2.26
CA THR A 103 8.68 43.93 -2.43
C THR A 103 7.92 44.47 -3.64
N GLY A 104 7.47 43.59 -4.53
CA GLY A 104 6.86 44.02 -5.80
C GLY A 104 7.77 44.89 -6.65
N ASP A 105 9.07 44.75 -6.48
CA ASP A 105 10.06 45.68 -7.05
C ASP A 105 11.43 45.03 -7.17
N PHE A 106 11.84 44.72 -8.41
CA PHE A 106 13.07 43.97 -8.68
C PHE A 106 14.31 44.68 -8.15
N ALA A 107 14.37 45.98 -8.38
CA ALA A 107 15.48 46.80 -7.90
C ALA A 107 15.59 46.82 -6.35
N ARG A 108 14.45 46.87 -5.65
CA ARG A 108 14.48 46.84 -4.17
C ARG A 108 14.89 45.45 -3.73
N GLY A 109 14.45 44.43 -4.46
CA GLY A 109 14.85 43.06 -4.15
C GLY A 109 16.35 42.87 -4.26
N ILE A 110 16.93 43.42 -5.34
CA ILE A 110 18.36 43.32 -5.58
C ILE A 110 19.13 44.02 -4.46
N SER A 111 18.65 45.18 -4.03
CA SER A 111 19.37 45.90 -2.98
C SER A 111 19.25 45.20 -1.61
N GLU A 112 18.12 44.52 -1.34
CA GLU A 112 18.01 43.70 -0.13
C GLU A 112 18.94 42.50 -0.14
N MSE A 113 19.05 41.82 -1.27
CA MSE A 113 20.02 40.74 -1.41
C MSE A 113 21.45 41.27 -1.31
O MSE A 113 22.33 40.57 -0.82
CB MSE A 113 19.85 39.97 -2.71
CG MSE A 113 18.67 39.04 -2.72
SE MSE A 113 18.90 37.54 -1.51
CE MSE A 113 17.10 37.24 -1.08
N SER A 114 21.68 42.49 -1.77
CA SER A 114 23.02 43.07 -1.65
C SER A 114 23.48 43.17 -0.21
N LYS A 115 22.59 43.65 0.67
CA LYS A 115 22.87 43.73 2.11
C LYS A 115 23.16 42.36 2.66
N VAL A 116 22.30 41.39 2.36
CA VAL A 116 22.50 40.05 2.83
C VAL A 116 23.85 39.50 2.39
N LEU A 117 24.28 39.78 1.17
CA LEU A 117 25.54 39.24 0.67
C LEU A 117 26.74 40.20 0.88
N ASN A 118 26.57 41.22 1.72
CA ASN A 118 27.64 42.18 1.97
C ASN A 118 28.30 42.67 0.69
N VAL A 119 27.49 43.06 -0.28
CA VAL A 119 27.98 43.49 -1.57
C VAL A 119 28.63 44.87 -1.44
N ARG A 120 29.84 45.01 -1.95
CA ARG A 120 30.47 46.33 -2.02
C ARG A 120 30.18 46.83 -3.43
N GLY A 121 29.23 47.75 -3.54
CA GLY A 121 28.88 48.38 -4.81
C GLY A 121 27.38 48.44 -4.96
N LYS A 122 26.90 49.11 -6.00
CA LYS A 122 25.47 49.19 -6.27
C LYS A 122 25.25 48.33 -7.50
N VAL A 123 24.33 47.39 -7.38
CA VAL A 123 23.90 46.59 -8.51
C VAL A 123 22.50 47.02 -8.91
N LEU A 124 22.32 47.38 -10.18
CA LEU A 124 21.03 47.82 -10.70
C LEU A 124 20.64 47.03 -11.94
N PRO A 125 19.36 46.74 -12.09
CA PRO A 125 18.91 46.17 -13.35
C PRO A 125 18.75 47.27 -14.40
N ALA A 126 18.93 46.93 -15.67
CA ALA A 126 18.79 47.85 -16.79
C ALA A 126 17.41 48.50 -16.83
N SER A 127 16.42 47.76 -16.34
CA SER A 127 15.05 48.23 -16.15
C SER A 127 14.38 47.45 -15.02
N ASN A 128 13.34 48.01 -14.42
CA ASN A 128 12.59 47.31 -13.36
C ASN A 128 11.52 46.37 -13.90
N ARG A 129 11.41 46.30 -15.21
CA ARG A 129 10.55 45.33 -15.86
C ARG A 129 11.32 44.59 -16.94
N SER A 130 10.85 43.39 -17.29
CA SER A 130 11.42 42.60 -18.37
C SER A 130 11.54 43.43 -19.64
N ILE A 131 12.60 43.16 -20.39
CA ILE A 131 12.82 43.69 -21.71
C ILE A 131 12.78 42.50 -22.65
N ILE A 132 12.19 42.69 -23.84
CA ILE A 132 12.20 41.69 -24.91
C ILE A 132 13.18 42.16 -25.97
N LEU A 133 14.10 41.28 -26.35
CA LEU A 133 15.10 41.62 -27.34
C LEU A 133 14.62 41.04 -28.67
N HIS A 134 14.72 41.86 -29.72
CA HIS A 134 14.37 41.42 -31.07
C HIS A 134 15.55 41.65 -31.99
N GLY A 135 15.72 40.75 -32.95
CA GLY A 135 16.73 40.89 -33.95
C GLY A 135 16.13 41.04 -35.34
N GLU A 136 16.46 42.13 -36.02
CA GLU A 136 16.16 42.26 -37.44
C GLU A 136 17.31 41.61 -38.22
N MSE A 137 17.00 40.63 -39.05
CA MSE A 137 18.00 39.97 -39.88
C MSE A 137 18.23 40.76 -41.20
O MSE A 137 17.51 41.71 -41.48
CB MSE A 137 17.55 38.55 -40.18
CG MSE A 137 17.20 37.76 -38.93
SE MSE A 137 18.63 37.75 -37.60
CE MSE A 137 17.76 36.91 -36.17
N GLU A 138 19.24 40.39 -41.96
CA GLU A 138 19.53 41.07 -43.22
C GLU A 138 18.35 41.01 -44.18
N ASP A 139 17.67 39.85 -44.24
CA ASP A 139 16.48 39.71 -45.10
C ASP A 139 15.27 40.57 -44.66
N GLY A 140 15.33 41.21 -43.50
CA GLY A 140 14.23 42.04 -43.03
C GLY A 140 13.33 41.36 -42.00
N THR A 141 13.42 40.03 -41.89
CA THR A 141 12.61 39.30 -40.92
C THR A 141 13.08 39.61 -39.49
N ILE A 142 12.20 39.36 -38.53
CA ILE A 142 12.47 39.65 -37.14
C ILE A 142 12.41 38.36 -36.34
N VAL A 143 13.38 38.13 -35.49
CA VAL A 143 13.35 37.01 -34.58
C VAL A 143 13.24 37.61 -33.19
N THR A 144 12.29 37.08 -32.40
CA THR A 144 12.04 37.62 -31.07
C THR A 144 12.55 36.70 -29.97
N GLY A 145 13.20 37.30 -28.97
CA GLY A 145 13.71 36.55 -27.83
C GLY A 145 15.22 36.38 -27.86
N GLU A 146 15.87 36.82 -26.78
CA GLU A 146 17.34 36.78 -26.65
C GLU A 146 17.93 35.44 -27.04
N SER A 147 17.39 34.35 -26.52
CA SER A 147 17.98 33.02 -26.77
C SER A 147 17.63 32.44 -28.13
N SER A 148 16.61 32.99 -28.78
CA SER A 148 16.21 32.58 -30.12
C SER A 148 17.02 33.23 -31.25
N ILE A 149 17.49 34.46 -31.01
CA ILE A 149 18.18 35.22 -32.05
C ILE A 149 19.39 34.48 -32.64
N PRO A 150 20.25 33.90 -31.80
CA PRO A 150 21.43 33.21 -32.34
C PRO A 150 21.11 31.91 -33.04
N LYS A 151 19.94 31.34 -32.77
CA LYS A 151 19.54 30.09 -33.41
C LYS A 151 18.88 30.31 -34.78
N ALA A 152 18.74 31.56 -35.23
CA ALA A 152 18.07 31.85 -36.49
C ALA A 152 18.87 31.45 -37.72
N GLY A 153 20.17 31.22 -37.56
CA GLY A 153 21.05 30.93 -38.69
C GLY A 153 20.92 31.96 -39.81
N LYS A 154 20.71 33.22 -39.48
CA LYS A 154 20.82 34.32 -40.45
C LYS A 154 21.72 35.37 -39.85
N LYS A 155 22.05 36.40 -40.61
CA LYS A 155 22.95 37.44 -40.13
C LYS A 155 22.15 38.61 -39.52
N ILE A 156 22.52 39.02 -38.30
CA ILE A 156 21.87 40.13 -37.64
C ILE A 156 22.21 41.43 -38.36
N LYS A 157 21.20 42.23 -38.62
CA LYS A 157 21.38 43.60 -39.13
C LYS A 157 21.35 44.54 -37.93
N ARG A 158 20.37 44.39 -37.05
CA ARG A 158 20.35 45.15 -35.81
C ARG A 158 19.45 44.50 -34.76
N VAL A 159 19.54 45.01 -33.55
CA VAL A 159 18.65 44.60 -32.48
C VAL A 159 17.92 45.82 -31.96
N PHE A 160 16.79 45.57 -31.31
CA PHE A 160 16.02 46.61 -30.66
C PHE A 160 15.17 45.99 -29.53
N LEU A 161 14.65 46.84 -28.65
CA LEU A 161 13.98 46.41 -27.44
C LEU A 161 12.51 46.77 -27.48
N THR A 162 11.66 45.92 -26.90
CA THR A 162 10.31 46.31 -26.52
C THR A 162 10.12 45.88 -25.07
N PRO A 163 9.15 46.46 -24.35
CA PRO A 163 8.22 47.54 -24.70
C PRO A 163 8.97 48.80 -25.05
N LYS A 164 8.41 49.62 -25.91
CA LYS A 164 9.12 50.83 -26.34
C LYS A 164 9.24 51.85 -25.21
N ASP A 165 8.32 51.84 -24.26
CA ASP A 165 8.38 52.74 -23.10
C ASP A 165 9.11 52.14 -21.90
N THR A 166 10.02 51.21 -22.17
CA THR A 166 10.94 50.67 -21.16
C THR A 166 11.72 51.82 -20.55
N LYS A 167 11.82 51.81 -19.23
CA LYS A 167 12.46 52.92 -18.49
C LYS A 167 13.64 52.35 -17.72
N PRO A 168 14.74 53.08 -17.68
CA PRO A 168 15.84 52.73 -16.79
C PRO A 168 15.49 53.21 -15.40
N LEU A 169 16.26 52.79 -14.40
CA LEU A 169 16.08 53.27 -13.03
C LEU A 169 16.67 54.66 -12.92
N ARG A 170 16.01 55.54 -12.16
CA ARG A 170 16.52 56.88 -11.86
C ARG A 170 17.95 56.79 -11.32
N GLU A 171 18.17 55.87 -10.39
CA GLU A 171 19.50 55.62 -9.83
C GLU A 171 20.55 55.31 -10.89
N GLY A 172 20.14 54.59 -11.93
CA GLY A 172 21.04 54.27 -13.04
C GLY A 172 21.55 55.51 -13.75
N LEU A 173 20.60 56.40 -14.07
CA LEU A 173 20.91 57.63 -14.75
C LEU A 173 21.78 58.55 -13.88
N GLU A 174 21.51 58.61 -12.57
CA GLU A 174 22.37 59.37 -11.65
C GLU A 174 23.80 58.81 -11.68
N ALA A 175 23.92 57.48 -11.65
CA ALA A 175 25.21 56.80 -11.67
C ALA A 175 26.04 57.16 -12.89
N ILE A 176 25.41 57.29 -14.05
CA ILE A 176 26.11 57.66 -15.27
C ILE A 176 26.56 59.12 -15.16
N ARG A 177 25.68 59.97 -14.65
CA ARG A 177 25.95 61.39 -14.46
C ARG A 177 27.19 61.59 -13.59
N LYS A 178 27.27 60.86 -12.47
CA LYS A 178 28.38 60.96 -11.51
C LYS A 178 29.65 60.13 -11.88
N ALA A 179 29.60 59.35 -12.95
CA ALA A 179 30.68 58.43 -13.28
C ALA A 179 31.97 59.13 -13.69
N ASP A 180 33.10 58.65 -13.17
CA ASP A 180 34.42 59.04 -13.64
C ASP A 180 34.86 58.17 -14.80
N VAL A 181 34.57 56.87 -14.72
CA VAL A 181 34.81 55.94 -15.84
C VAL A 181 33.53 55.19 -16.17
N ILE A 182 33.26 55.03 -17.47
CA ILE A 182 32.13 54.25 -17.97
C ILE A 182 32.68 53.08 -18.76
N VAL A 183 32.42 51.85 -18.30
CA VAL A 183 32.91 50.64 -18.96
C VAL A 183 31.76 49.92 -19.60
N ILE A 184 31.90 49.62 -20.89
CA ILE A 184 30.92 48.88 -21.65
C ILE A 184 31.50 47.49 -21.93
N GLY A 185 30.84 46.48 -21.40
CA GLY A 185 31.27 45.11 -21.56
C GLY A 185 32.24 44.72 -20.46
N PRO A 186 32.78 43.50 -20.55
CA PRO A 186 32.63 42.54 -21.65
C PRO A 186 31.35 41.70 -21.60
N GLY A 187 30.92 41.23 -22.76
CA GLY A 187 29.73 40.43 -22.89
C GLY A 187 29.33 40.32 -24.34
N SER A 188 28.33 39.49 -24.64
CA SER A 188 27.79 39.42 -25.98
C SER A 188 27.44 40.82 -26.46
N LEU A 189 27.83 41.11 -27.71
CA LEU A 189 27.54 42.36 -28.36
C LEU A 189 26.03 42.54 -28.47
N TYR A 190 25.37 41.55 -29.05
CA TYR A 190 23.96 41.65 -29.42
C TYR A 190 23.00 41.29 -28.31
N THR A 191 23.44 40.44 -27.38
CA THR A 191 22.58 39.91 -26.33
C THR A 191 22.91 40.38 -24.88
N SER A 192 23.96 41.19 -24.70
CA SER A 192 24.23 41.81 -23.39
C SER A 192 24.58 43.29 -23.43
N VAL A 193 25.51 43.68 -24.32
CA VAL A 193 25.94 45.05 -24.39
C VAL A 193 24.84 45.93 -24.97
N LEU A 194 24.39 45.64 -26.19
CA LEU A 194 23.36 46.49 -26.80
C LEU A 194 22.00 46.55 -26.05
N PRO A 195 21.48 45.41 -25.55
CA PRO A 195 20.28 45.48 -24.71
C PRO A 195 20.39 46.37 -23.48
N ASN A 196 21.59 46.64 -22.99
CA ASN A 196 21.80 47.60 -21.94
C ASN A 196 21.81 49.01 -22.51
N LEU A 197 22.60 49.24 -23.56
CA LEU A 197 22.78 50.58 -24.14
C LEU A 197 21.49 51.13 -24.77
N LEU A 198 20.63 50.24 -25.28
CA LEU A 198 19.44 50.68 -25.99
C LEU A 198 18.24 51.03 -25.08
N VAL A 199 18.38 50.88 -23.77
CA VAL A 199 17.32 51.31 -22.87
C VAL A 199 17.16 52.82 -23.06
N PRO A 200 15.96 53.29 -23.35
CA PRO A 200 15.74 54.73 -23.57
C PRO A 200 16.31 55.64 -22.47
N GLY A 201 17.13 56.60 -22.87
CA GLY A 201 17.76 57.51 -21.96
C GLY A 201 19.23 57.22 -21.65
N ILE A 202 19.64 55.96 -21.81
CA ILE A 202 20.98 55.55 -21.38
C ILE A 202 22.08 56.11 -22.31
N CYS A 203 21.88 56.03 -23.62
CA CYS A 203 22.81 56.65 -24.56
C CYS A 203 22.95 58.15 -24.42
N GLU A 204 21.81 58.79 -24.17
CA GLU A 204 21.77 60.23 -23.99
C GLU A 204 22.58 60.60 -22.77
N ALA A 205 22.38 59.88 -21.66
CA ALA A 205 23.16 60.09 -20.44
C ALA A 205 24.66 59.84 -20.67
N ILE A 206 25.01 58.76 -21.37
CA ILE A 206 26.41 58.48 -21.66
C ILE A 206 27.03 59.59 -22.51
N LYS A 207 26.29 60.08 -23.51
CA LYS A 207 26.80 61.13 -24.38
C LYS A 207 27.08 62.41 -23.61
N GLN A 208 26.14 62.83 -22.76
CA GLN A 208 26.31 64.04 -21.93
C GLN A 208 27.45 63.91 -20.91
N SER A 209 27.82 62.69 -20.55
CA SER A 209 28.86 62.49 -19.55
C SER A 209 30.22 62.84 -20.13
N THR A 210 31.09 63.33 -19.29
CA THR A 210 32.47 63.66 -19.66
C THR A 210 33.43 62.58 -19.15
N ALA A 211 32.88 61.51 -18.57
CA ALA A 211 33.69 60.39 -18.13
C ALA A 211 34.42 59.77 -19.30
N ARG A 212 35.51 59.11 -19.02
CA ARG A 212 36.20 58.30 -20.00
C ARG A 212 35.39 57.03 -20.25
N LYS A 213 35.18 56.72 -21.53
CA LYS A 213 34.29 55.63 -21.93
C LYS A 213 35.08 54.54 -22.65
N VAL A 214 35.19 53.37 -22.01
CA VAL A 214 35.99 52.27 -22.56
C VAL A 214 35.11 51.09 -22.92
N TYR A 215 35.27 50.58 -24.14
CA TYR A 215 34.55 49.39 -24.56
C TYR A 215 35.49 48.22 -24.51
N ILE A 216 35.12 47.19 -23.75
CA ILE A 216 35.95 45.99 -23.62
C ILE A 216 35.48 45.02 -24.67
N CYS A 217 36.28 44.88 -25.70
CA CYS A 217 35.91 44.14 -26.88
C CYS A 217 35.88 42.61 -26.66
N ASN A 218 34.96 41.93 -27.33
CA ASN A 218 34.93 40.49 -27.26
C ASN A 218 36.23 39.89 -27.78
N VAL A 219 36.68 38.83 -27.13
CA VAL A 219 37.88 38.10 -27.50
C VAL A 219 37.58 37.02 -28.55
N MSE A 220 36.36 36.49 -28.51
CA MSE A 220 35.91 35.46 -29.44
C MSE A 220 34.58 35.84 -30.10
O MSE A 220 33.73 36.51 -29.50
CB MSE A 220 35.71 34.15 -28.67
CG MSE A 220 37.00 33.49 -28.22
SE MSE A 220 37.87 32.55 -29.65
CE MSE A 220 39.57 32.64 -28.94
N THR A 221 34.41 35.39 -31.34
CA THR A 221 33.14 35.50 -32.01
C THR A 221 32.12 34.54 -31.36
N GLN A 222 30.84 34.73 -31.68
CA GLN A 222 29.78 33.84 -31.21
C GLN A 222 28.93 33.44 -32.36
N ASN A 223 28.71 32.13 -32.52
CA ASN A 223 27.97 31.60 -33.64
C ASN A 223 26.54 32.13 -33.67
N GLY A 224 26.10 32.60 -34.83
CA GLY A 224 24.75 33.15 -34.98
C GLY A 224 24.59 34.57 -34.49
N GLU A 225 25.67 35.18 -33.98
CA GLU A 225 25.65 36.55 -33.46
C GLU A 225 26.71 37.41 -34.14
N THR A 226 27.97 37.02 -34.00
CA THR A 226 29.08 37.82 -34.49
C THR A 226 30.04 37.00 -35.39
N ASP A 227 29.49 36.08 -36.18
CA ASP A 227 30.29 35.29 -37.13
C ASP A 227 31.15 36.16 -38.02
N GLY A 228 32.47 35.98 -37.96
CA GLY A 228 33.39 36.74 -38.81
C GLY A 228 33.68 38.18 -38.41
N TYR A 229 33.15 38.64 -37.30
CA TYR A 229 33.38 40.01 -36.87
C TYR A 229 34.82 40.25 -36.48
N THR A 230 35.39 41.35 -36.97
CA THR A 230 36.64 41.88 -36.46
C THR A 230 36.33 42.81 -35.25
N ALA A 231 37.36 43.34 -34.62
CA ALA A 231 37.16 44.29 -33.55
C ALA A 231 36.41 45.51 -34.06
N SER A 232 36.76 46.02 -35.24
CA SER A 232 36.11 47.21 -35.78
C SER A 232 34.64 46.92 -36.10
N ASP A 233 34.32 45.71 -36.53
CA ASP A 233 32.93 45.31 -36.71
C ASP A 233 32.07 45.38 -35.45
N HIS A 234 32.67 45.06 -34.31
CA HIS A 234 32.00 45.18 -33.03
C HIS A 234 31.76 46.64 -32.67
N LEU A 235 32.78 47.48 -32.84
CA LEU A 235 32.67 48.89 -32.50
C LEU A 235 31.68 49.61 -33.42
N GLN A 236 31.73 49.24 -34.69
CA GLN A 236 30.85 49.76 -35.70
C GLN A 236 29.40 49.49 -35.33
N ALA A 237 29.12 48.28 -34.86
CA ALA A 237 27.76 47.90 -34.47
C ALA A 237 27.26 48.73 -33.30
N ILE A 238 28.15 49.01 -32.35
CA ILE A 238 27.80 49.86 -31.22
C ILE A 238 27.47 51.28 -31.72
N MSE A 239 28.30 51.78 -32.64
CA MSE A 239 28.10 53.13 -33.15
C MSE A 239 26.84 53.25 -34.00
O MSE A 239 26.11 54.21 -33.86
CB MSE A 239 29.33 53.57 -33.91
CG MSE A 239 30.56 53.70 -33.07
SE MSE A 239 32.16 54.26 -34.10
CE MSE A 239 32.00 56.10 -33.72
N ASP A 240 26.59 52.26 -34.85
CA ASP A 240 25.39 52.22 -35.66
C ASP A 240 24.10 52.23 -34.79
N HIS A 241 24.11 51.57 -33.64
CA HIS A 241 22.95 51.55 -32.76
C HIS A 241 22.87 52.73 -31.83
N CYS A 242 23.99 53.35 -31.49
CA CYS A 242 24.06 54.29 -30.37
C CYS A 242 24.59 55.68 -30.68
N GLY A 243 25.17 55.88 -31.85
CA GLY A 243 25.68 57.19 -32.25
C GLY A 243 27.01 57.55 -31.63
N VAL A 244 27.28 58.85 -31.54
CA VAL A 244 28.59 59.33 -31.10
C VAL A 244 28.61 59.59 -29.60
N GLY A 245 29.82 59.65 -29.03
CA GLY A 245 29.97 60.01 -27.62
C GLY A 245 29.70 58.86 -26.66
N ILE A 246 29.80 57.63 -27.16
CA ILE A 246 29.52 56.45 -26.37
C ILE A 246 30.78 55.65 -26.05
N VAL A 247 31.69 55.54 -27.01
CA VAL A 247 32.99 54.90 -26.82
C VAL A 247 34.16 55.87 -27.10
N ASP A 248 35.06 56.09 -26.14
CA ASP A 248 36.28 56.87 -26.36
C ASP A 248 37.47 55.95 -26.74
N ASP A 249 37.65 54.86 -25.99
CA ASP A 249 38.72 53.89 -26.25
C ASP A 249 38.16 52.48 -26.33
N ILE A 250 38.76 51.64 -27.15
CA ILE A 250 38.42 50.23 -27.24
C ILE A 250 39.57 49.42 -26.67
N LEU A 251 39.27 48.50 -25.74
CA LEU A 251 40.29 47.65 -25.11
C LEU A 251 40.24 46.27 -25.76
N VAL A 252 41.37 45.83 -26.29
CA VAL A 252 41.45 44.61 -27.09
C VAL A 252 42.60 43.69 -26.68
N HIS A 253 42.38 42.39 -26.81
CA HIS A 253 43.45 41.43 -26.60
C HIS A 253 44.15 41.26 -27.93
N GLY A 254 45.29 41.91 -28.08
CA GLY A 254 45.99 41.91 -29.36
C GLY A 254 47.09 40.86 -29.51
N GLU A 255 47.14 39.89 -28.62
CA GLU A 255 48.19 38.88 -28.63
C GLU A 255 47.54 37.54 -28.92
N PRO A 256 48.35 36.50 -29.17
CA PRO A 256 47.74 35.23 -29.61
C PRO A 256 47.07 34.41 -28.52
N ILE A 257 46.47 33.28 -28.94
CA ILE A 257 45.70 32.40 -28.08
C ILE A 257 46.22 31.00 -28.30
N SER A 258 46.30 30.19 -27.25
CA SER A 258 46.79 28.82 -27.37
C SER A 258 46.01 28.07 -28.45
N ASP A 259 46.65 27.10 -29.09
CA ASP A 259 46.02 26.40 -30.17
C ASP A 259 44.96 25.49 -29.63
N THR A 260 45.18 25.00 -28.40
CA THR A 260 44.19 24.13 -27.75
C THR A 260 42.87 24.86 -27.47
N VAL A 261 42.97 26.09 -26.98
CA VAL A 261 41.80 26.93 -26.74
C VAL A 261 41.11 27.26 -28.06
N LYS A 262 41.86 27.68 -29.09
CA LYS A 262 41.28 27.92 -30.43
C LYS A 262 40.49 26.72 -30.89
N ALA A 263 41.06 25.54 -30.70
CA ALA A 263 40.50 24.28 -31.14
C ALA A 263 39.17 24.01 -30.43
N LYS A 264 39.16 24.23 -29.14
CA LYS A 264 37.99 24.03 -28.34
C LYS A 264 36.86 24.99 -28.75
N TYR A 265 37.19 26.26 -28.97
CA TYR A 265 36.19 27.23 -29.43
C TYR A 265 35.74 26.99 -30.89
N ALA A 266 36.62 26.46 -31.73
CA ALA A 266 36.25 26.12 -33.12
C ALA A 266 35.13 25.07 -33.16
N LYS A 267 35.06 24.21 -32.15
CA LYS A 267 33.98 23.21 -32.09
C LYS A 267 32.61 23.84 -31.94
N GLU A 268 32.55 25.07 -31.42
CA GLU A 268 31.31 25.83 -31.35
C GLU A 268 31.23 26.94 -32.37
N LYS A 269 31.97 26.80 -33.47
CA LYS A 269 32.01 27.79 -34.54
C LYS A 269 32.31 29.21 -34.03
N ALA A 270 33.14 29.30 -32.99
CA ALA A 270 33.65 30.56 -32.45
C ALA A 270 35.12 30.66 -32.82
N GLU A 271 35.57 31.86 -33.20
CA GLU A 271 36.97 32.09 -33.51
C GLU A 271 37.45 33.42 -32.94
N PRO A 272 38.76 33.60 -32.80
CA PRO A 272 39.28 34.86 -32.28
C PRO A 272 38.84 36.09 -33.08
N VAL A 273 38.61 37.18 -32.36
CA VAL A 273 38.23 38.45 -32.95
C VAL A 273 39.53 39.11 -33.42
N ILE A 274 39.70 39.21 -34.73
CA ILE A 274 40.88 39.87 -35.30
C ILE A 274 40.89 41.34 -34.93
N VAL A 275 42.02 41.82 -34.43
CA VAL A 275 42.17 43.22 -34.07
C VAL A 275 42.73 43.97 -35.27
N ASP A 276 41.88 44.78 -35.90
CA ASP A 276 42.23 45.51 -37.11
C ASP A 276 42.45 46.99 -36.77
N GLU A 277 43.70 47.32 -36.45
CA GLU A 277 44.05 48.61 -35.86
C GLU A 277 43.84 49.82 -36.77
N HIS A 278 44.02 49.64 -38.06
CA HIS A 278 43.84 50.75 -38.97
C HIS A 278 42.39 51.13 -39.00
N LYS A 279 41.50 50.14 -39.09
CA LYS A 279 40.07 50.38 -39.11
C LYS A 279 39.58 50.97 -37.80
N LEU A 280 40.16 50.56 -36.68
CA LEU A 280 39.77 51.09 -35.37
C LEU A 280 40.18 52.56 -35.22
N LYS A 281 41.37 52.90 -35.68
CA LYS A 281 41.84 54.32 -35.64
C LYS A 281 40.96 55.17 -36.53
N ALA A 282 40.59 54.64 -37.68
CA ALA A 282 39.64 55.28 -38.60
C ALA A 282 38.27 55.56 -37.99
N LEU A 283 37.81 54.74 -37.02
CA LEU A 283 36.54 55.01 -36.32
C LEU A 283 36.69 56.06 -35.22
N GLY A 284 37.91 56.53 -35.00
CA GLY A 284 38.15 57.71 -34.17
C GLY A 284 38.35 57.47 -32.69
N VAL A 285 38.61 56.22 -32.29
CA VAL A 285 38.80 55.89 -30.89
C VAL A 285 40.23 55.48 -30.62
N GLY A 286 40.62 55.54 -29.36
CA GLY A 286 41.91 55.00 -28.90
C GLY A 286 41.87 53.48 -28.76
N THR A 287 43.03 52.85 -28.86
CA THR A 287 43.16 51.42 -28.72
C THR A 287 44.09 51.09 -27.56
N ILE A 288 43.58 50.33 -26.60
CA ILE A 288 44.38 49.80 -25.51
C ILE A 288 44.55 48.32 -25.80
N SER A 289 45.75 47.94 -26.22
CA SER A 289 46.06 46.59 -26.66
C SER A 289 47.09 45.95 -25.71
N ASP A 290 46.84 44.72 -25.27
CA ASP A 290 47.75 44.02 -24.35
C ASP A 290 47.36 42.54 -24.24
N TYR A 291 48.07 41.78 -23.39
CA TYR A 291 47.66 40.43 -22.99
C TYR A 291 46.62 40.64 -21.92
N PHE A 292 45.36 40.45 -22.28
CA PHE A 292 44.25 40.72 -21.37
C PHE A 292 43.40 39.49 -21.09
N VAL A 293 43.77 38.31 -21.57
CA VAL A 293 42.99 37.10 -21.31
C VAL A 293 43.80 36.04 -20.57
N LEU A 294 43.09 35.18 -19.83
CA LEU A 294 43.65 33.99 -19.22
C LEU A 294 42.85 32.80 -19.71
N GLU A 295 43.43 31.60 -19.58
CA GLU A 295 42.71 30.36 -19.86
C GLU A 295 42.34 29.77 -18.49
N GLN A 296 41.03 29.73 -18.20
CA GLN A 296 40.46 29.24 -16.93
C GLN A 296 39.32 28.20 -17.13
N VAL A 299 38.58 27.41 -20.87
CA VAL A 299 37.71 28.55 -21.18
C VAL A 299 38.49 29.87 -21.17
N LEU A 300 38.03 30.85 -21.93
CA LEU A 300 38.83 32.06 -22.18
C LEU A 300 38.16 33.27 -21.51
N ARG A 301 38.79 33.80 -20.48
CA ARG A 301 38.24 34.91 -19.74
C ARG A 301 39.21 36.05 -19.71
N HIS A 302 38.68 37.26 -19.55
CA HIS A 302 39.51 38.42 -19.30
C HIS A 302 40.20 38.32 -17.94
N ASN A 303 41.38 38.91 -17.89
CA ASN A 303 42.16 39.06 -16.68
C ASN A 303 41.67 40.31 -15.98
N ALA A 304 40.82 40.13 -14.99
CA ALA A 304 40.15 41.25 -14.32
C ALA A 304 41.13 42.27 -13.78
N SER A 305 42.25 41.81 -13.24
CA SER A 305 43.25 42.72 -12.68
C SER A 305 43.89 43.61 -13.72
N LYS A 306 44.42 43.02 -14.79
CA LYS A 306 45.10 43.78 -15.85
C LYS A 306 44.08 44.72 -16.46
N VAL A 307 42.89 44.22 -16.76
CA VAL A 307 41.86 45.05 -17.39
C VAL A 307 41.48 46.20 -16.49
N SER A 308 41.19 45.90 -15.22
CA SER A 308 40.82 46.96 -14.26
C SER A 308 41.88 48.05 -14.21
N GLU A 309 43.13 47.63 -14.19
CA GLU A 309 44.25 48.54 -14.06
C GLU A 309 44.45 49.37 -15.32
N ALA A 310 44.22 48.78 -16.50
CA ALA A 310 44.29 49.53 -17.77
C ALA A 310 43.17 50.58 -17.89
N ILE A 311 41.98 50.26 -17.41
CA ILE A 311 40.86 51.20 -17.47
C ILE A 311 41.02 52.36 -16.48
N LEU A 312 41.94 52.24 -15.52
CA LEU A 312 42.14 53.29 -14.52
C LEU A 312 43.45 54.06 -14.75
N GLU A 313 44.52 53.41 -15.23
CA GLU A 313 45.81 54.11 -15.56
C GLU A 313 45.73 54.84 -16.89
N LYS B 4 21.34 29.69 33.77
CA LYS B 4 20.28 29.33 32.75
C LYS B 4 19.92 27.82 32.71
N LYS B 5 18.63 27.47 32.77
CA LYS B 5 18.20 26.07 32.81
C LYS B 5 18.23 25.50 31.40
N ASN B 6 18.72 24.26 31.26
CA ASN B 6 18.71 23.55 29.95
C ASN B 6 17.36 22.91 29.70
N VAL B 7 16.72 23.31 28.61
CA VAL B 7 15.41 22.77 28.27
C VAL B 7 15.46 22.13 26.88
N ILE B 8 14.96 20.89 26.81
CA ILE B 8 14.84 20.18 25.55
C ILE B 8 13.35 20.01 25.22
N VAL B 9 12.97 20.32 23.99
CA VAL B 9 11.57 20.23 23.56
C VAL B 9 11.44 19.33 22.34
N PHE B 10 10.48 18.42 22.40
CA PHE B 10 10.15 17.50 21.34
C PHE B 10 8.84 17.88 20.67
N GLY B 11 8.88 18.11 19.36
CA GLY B 11 7.64 18.40 18.63
C GLY B 11 7.77 18.41 17.13
N GLY B 12 6.77 19.01 16.48
CA GLY B 12 6.74 19.06 15.03
C GLY B 12 6.55 20.45 14.48
N GLY B 13 5.31 20.74 14.10
CA GLY B 13 5.02 21.91 13.29
C GLY B 13 4.67 23.13 14.10
N THR B 14 3.37 23.38 14.24
CA THR B 14 2.94 24.70 14.65
C THR B 14 3.00 24.83 16.18
N GLY B 15 2.64 23.77 16.88
CA GLY B 15 2.67 23.76 18.34
C GLY B 15 4.03 24.03 18.92
N LEU B 16 5.02 23.36 18.37
CA LEU B 16 6.42 23.59 18.76
C LEU B 16 6.85 25.04 18.45
N SER B 17 6.50 25.53 17.24
CA SER B 17 6.84 26.89 16.81
C SER B 17 6.24 27.98 17.68
N VAL B 18 4.95 27.85 17.98
CA VAL B 18 4.30 28.82 18.86
C VAL B 18 4.99 28.83 20.23
N LEU B 19 5.24 27.66 20.82
CA LEU B 19 5.87 27.62 22.15
C LEU B 19 7.23 28.23 22.10
N LEU B 20 8.05 27.84 21.14
CA LEU B 20 9.46 28.25 21.12
C LEU B 20 9.62 29.76 20.96
N ARG B 21 8.71 30.39 20.22
CA ARG B 21 8.74 31.83 20.01
C ARG B 21 8.67 32.58 21.37
N GLY B 22 7.83 32.08 22.29
CA GLY B 22 7.77 32.60 23.65
C GLY B 22 8.88 32.12 24.58
N LEU B 23 9.15 30.81 24.60
CA LEU B 23 10.16 30.25 25.51
C LEU B 23 11.55 30.86 25.32
N LYS B 24 11.88 31.28 24.10
CA LYS B 24 13.23 31.82 23.85
C LYS B 24 13.48 33.12 24.62
N THR B 25 12.42 33.81 25.00
CA THR B 25 12.54 35.06 25.76
C THR B 25 12.84 34.80 27.25
N PHE B 26 12.74 33.55 27.71
CA PHE B 26 13.05 33.20 29.10
C PHE B 26 14.54 32.90 29.27
N PRO B 27 15.02 32.89 30.53
CA PRO B 27 16.45 32.58 30.76
C PRO B 27 16.69 31.09 30.69
N VAL B 28 16.76 30.55 29.47
CA VAL B 28 16.84 29.10 29.25
C VAL B 28 17.70 28.84 28.03
N SER B 29 18.39 27.71 28.01
CA SER B 29 19.06 27.25 26.78
C SER B 29 18.23 26.12 26.16
N ILE B 30 17.75 26.38 24.96
CA ILE B 30 16.75 25.58 24.31
C ILE B 30 17.41 24.63 23.34
N THR B 31 17.02 23.35 23.42
CA THR B 31 17.29 22.40 22.35
C THR B 31 15.96 21.90 21.85
N ALA B 32 15.74 22.02 20.55
CA ALA B 32 14.49 21.58 19.92
C ALA B 32 14.81 20.36 19.07
N ILE B 33 14.07 19.29 19.28
CA ILE B 33 14.25 18.10 18.47
C ILE B 33 13.01 17.90 17.65
N VAL B 34 13.20 17.92 16.33
CA VAL B 34 12.09 18.06 15.39
C VAL B 34 11.86 16.77 14.56
N THR B 35 10.62 16.30 14.51
CA THR B 35 10.29 15.12 13.74
C THR B 35 10.73 15.26 12.30
N VAL B 36 11.23 14.16 11.75
CA VAL B 36 11.57 14.06 10.34
C VAL B 36 10.76 12.95 9.67
N ALA B 37 9.53 12.75 10.12
CA ALA B 37 8.65 11.70 9.60
C ALA B 37 7.54 12.22 8.68
N ASP B 38 7.35 13.52 8.58
CA ASP B 38 6.26 14.07 7.75
C ASP B 38 6.46 13.75 6.29
N ASP B 39 5.39 13.57 5.53
CA ASP B 39 5.48 13.33 4.07
C ASP B 39 4.43 14.04 3.24
N GLY B 40 3.75 15.04 3.79
CA GLY B 40 2.79 15.84 3.05
C GLY B 40 3.34 17.19 2.62
N GLY B 41 2.60 17.85 1.72
CA GLY B 41 2.91 19.21 1.27
C GLY B 41 4.21 19.33 0.50
N SER B 42 4.74 20.55 0.49
CA SER B 42 6.04 20.85 -0.15
C SER B 42 7.14 20.00 0.47
N SER B 43 7.13 19.94 1.80
CA SER B 43 8.08 19.12 2.57
C SER B 43 8.13 17.72 2.00
N GLY B 44 6.95 17.12 1.81
CA GLY B 44 6.84 15.76 1.29
C GLY B 44 7.38 15.61 -0.10
N ARG B 45 7.03 16.53 -1.00
CA ARG B 45 7.47 16.41 -2.39
C ARG B 45 8.98 16.49 -2.44
N LEU B 46 9.58 17.40 -1.66
CA LEU B 46 11.04 17.55 -1.65
C LEU B 46 11.70 16.29 -1.07
N ARG B 47 11.08 15.77 -0.02
CA ARG B 47 11.52 14.54 0.64
C ARG B 47 11.65 13.40 -0.36
N LYS B 48 10.57 13.10 -1.09
CA LYS B 48 10.56 12.09 -2.15
C LYS B 48 11.53 12.45 -3.25
N GLU B 49 11.42 13.65 -3.80
CA GLU B 49 12.11 14.00 -5.05
C GLU B 49 13.59 14.30 -4.90
N LEU B 50 14.01 14.81 -3.75
CA LEU B 50 15.44 15.11 -3.52
C LEU B 50 16.10 14.10 -2.61
N ASP B 51 15.34 13.14 -2.08
CA ASP B 51 15.88 12.13 -1.15
C ASP B 51 16.52 12.74 0.11
N ILE B 52 15.82 13.69 0.73
CA ILE B 52 16.30 14.31 1.94
C ILE B 52 15.21 14.14 2.98
N PRO B 53 15.51 14.38 4.26
CA PRO B 53 14.46 14.43 5.28
C PRO B 53 13.55 15.61 5.04
N PRO B 54 12.26 15.49 5.41
CA PRO B 54 11.31 16.59 5.21
C PRO B 54 11.76 17.82 6.00
N PRO B 55 11.99 18.93 5.30
CA PRO B 55 12.50 20.16 5.94
C PRO B 55 11.47 21.10 6.59
N GLY B 56 10.18 20.87 6.39
CA GLY B 56 9.13 21.82 6.78
C GLY B 56 9.02 22.17 8.24
N ASP B 57 8.87 21.18 9.11
CA ASP B 57 8.78 21.42 10.55
C ASP B 57 10.05 22.08 11.08
N VAL B 58 11.21 21.66 10.58
CA VAL B 58 12.46 22.31 10.94
C VAL B 58 12.47 23.79 10.49
N ARG B 59 11.95 24.06 9.31
CA ARG B 59 11.94 25.45 8.82
C ARG B 59 11.17 26.35 9.79
N ASN B 60 9.98 25.90 10.17
CA ASN B 60 9.17 26.67 11.07
C ASN B 60 9.81 26.86 12.44
N VAL B 61 10.48 25.84 12.95
CA VAL B 61 11.18 25.94 14.22
C VAL B 61 12.28 26.98 14.09
N LEU B 62 13.03 26.92 12.99
CA LEU B 62 14.11 27.87 12.77
C LEU B 62 13.60 29.30 12.72
N VAL B 63 12.48 29.53 12.04
CA VAL B 63 11.90 30.89 12.00
C VAL B 63 11.42 31.30 13.41
N ALA B 64 10.76 30.41 14.13
CA ALA B 64 10.36 30.73 15.51
C ALA B 64 11.51 31.17 16.39
N LEU B 65 12.70 30.60 16.18
CA LEU B 65 13.85 30.95 17.05
C LEU B 65 14.76 32.04 16.48
N SER B 66 14.50 32.45 15.22
CA SER B 66 15.36 33.42 14.53
C SER B 66 15.33 34.82 15.14
N GLU B 67 16.37 35.59 14.86
CA GLU B 67 16.45 37.00 15.23
C GLU B 67 16.98 37.78 14.04
N VAL B 68 16.12 38.00 13.05
CA VAL B 68 16.52 38.75 11.85
C VAL B 68 15.47 39.81 11.50
N GLU B 69 15.80 40.66 10.54
CA GLU B 69 14.87 41.67 10.08
C GLU B 69 13.61 41.03 9.48
N PRO B 70 12.43 41.65 9.70
CA PRO B 70 11.16 41.12 9.20
C PRO B 70 11.19 40.68 7.75
N LEU B 71 11.94 41.38 6.92
CA LEU B 71 12.00 41.07 5.51
C LEU B 71 12.63 39.69 5.24
N LEU B 72 13.72 39.40 5.95
CA LEU B 72 14.41 38.12 5.81
C LEU B 72 13.54 37.00 6.36
N GLU B 73 12.77 37.30 7.38
CA GLU B 73 11.84 36.32 7.89
C GLU B 73 10.75 36.00 6.87
N GLN B 74 10.24 37.01 6.20
CA GLN B 74 9.21 36.80 5.18
C GLN B 74 9.78 36.02 4.03
N LEU B 75 11.04 36.31 3.68
CA LEU B 75 11.70 35.66 2.57
C LEU B 75 11.77 34.14 2.83
N PHE B 76 12.15 33.81 4.04
CA PHE B 76 12.30 32.42 4.46
C PHE B 76 10.97 31.70 4.47
N GLN B 77 9.89 32.41 4.72
CA GLN B 77 8.54 31.83 4.76
C GLN B 77 7.77 32.00 3.45
N HIS B 78 8.40 32.59 2.44
CA HIS B 78 7.76 32.80 1.14
C HIS B 78 7.36 31.49 0.47
N ARG B 79 6.14 31.47 -0.07
CA ARG B 79 5.61 30.29 -0.76
C ARG B 79 5.27 30.65 -2.19
N PHE B 80 5.86 29.98 -3.16
CA PHE B 80 5.60 30.27 -4.56
C PHE B 80 4.20 29.82 -4.93
N GLU B 81 3.46 30.69 -5.65
CA GLU B 81 2.09 30.42 -6.10
C GLU B 81 2.04 30.09 -7.59
N ASN B 82 3.12 30.29 -8.34
CA ASN B 82 3.19 29.85 -9.75
C ASN B 82 4.49 29.08 -10.08
N GLY B 83 4.54 28.49 -11.27
CA GLY B 83 5.65 27.62 -11.70
C GLY B 83 5.22 26.17 -11.73
N GLY B 85 5.39 23.05 -11.16
CA GLY B 85 6.69 22.59 -10.70
C GLY B 85 7.15 23.25 -9.40
N LEU B 86 7.26 24.58 -9.44
CA LEU B 86 7.68 25.36 -8.30
C LEU B 86 6.52 25.64 -7.34
N SER B 87 5.31 25.66 -7.89
CA SER B 87 4.16 26.14 -7.12
C SER B 87 3.87 25.26 -5.91
N GLY B 88 3.61 25.93 -4.80
CA GLY B 88 3.39 25.26 -3.54
C GLY B 88 4.63 25.21 -2.65
N HIS B 89 5.82 25.31 -3.22
CA HIS B 89 7.03 25.17 -2.42
C HIS B 89 7.34 26.37 -1.58
N SER B 90 7.91 26.11 -0.41
CA SER B 90 8.36 27.14 0.49
C SER B 90 9.82 27.42 0.21
N LEU B 91 10.17 28.68 0.08
CA LEU B 91 11.56 29.02 -0.24
C LEU B 91 12.49 28.56 0.90
N GLY B 92 12.06 28.67 2.15
CA GLY B 92 12.85 28.18 3.30
C GLY B 92 13.15 26.67 3.23
N ASN B 93 12.18 25.87 2.78
CA ASN B 93 12.42 24.47 2.51
C ASN B 93 13.49 24.32 1.46
N LEU B 94 13.38 25.11 0.40
CA LEU B 94 14.30 24.99 -0.72
C LEU B 94 15.71 25.36 -0.27
N LEU B 95 15.81 26.37 0.59
CA LEU B 95 17.08 26.74 1.17
C LEU B 95 17.67 25.54 1.96
N LEU B 96 16.87 24.94 2.84
CA LEU B 96 17.35 23.77 3.63
C LEU B 96 17.77 22.61 2.70
N ALA B 97 16.94 22.36 1.68
CA ALA B 97 17.24 21.32 0.70
C ALA B 97 18.60 21.58 0.01
N GLY B 98 18.85 22.81 -0.38
CA GLY B 98 20.11 23.14 -1.02
C GLY B 98 21.29 22.98 -0.09
N MSE B 99 21.17 23.49 1.13
CA MSE B 99 22.23 23.34 2.10
C MSE B 99 22.51 21.86 2.40
O MSE B 99 23.67 21.46 2.53
CB MSE B 99 21.87 24.02 3.40
CG MSE B 99 23.06 24.12 4.31
SE MSE B 99 24.43 25.30 3.59
CE MSE B 99 23.79 26.94 4.65
N THR B 100 21.46 21.07 2.52
CA THR B 100 21.62 19.63 2.80
C THR B 100 22.33 18.92 1.66
N SER B 101 22.03 19.31 0.43
CA SER B 101 22.72 18.70 -0.72
C SER B 101 24.18 19.06 -0.68
N ILE B 102 24.52 20.30 -0.38
CA ILE B 102 25.92 20.74 -0.40
C ILE B 102 26.71 20.02 0.70
N THR B 103 26.20 20.00 1.92
CA THR B 103 26.89 19.35 3.02
C THR B 103 26.69 17.85 3.06
N GLY B 104 25.74 17.33 2.30
CA GLY B 104 25.38 15.91 2.37
C GLY B 104 24.88 15.47 3.74
N ASP B 105 24.35 16.41 4.53
CA ASP B 105 24.08 16.18 5.94
C ASP B 105 23.05 17.18 6.47
N PHE B 106 21.87 16.68 6.77
CA PHE B 106 20.72 17.50 7.16
C PHE B 106 21.01 18.30 8.43
N ALA B 107 21.54 17.64 9.46
CA ALA B 107 21.86 18.31 10.72
C ALA B 107 22.86 19.47 10.52
N ARG B 108 23.85 19.29 9.65
CA ARG B 108 24.84 20.35 9.42
C ARG B 108 24.20 21.47 8.63
N GLY B 109 23.31 21.11 7.73
CA GLY B 109 22.58 22.14 7.00
C GLY B 109 21.73 23.01 7.92
N ILE B 110 21.08 22.36 8.89
CA ILE B 110 20.27 23.06 9.86
C ILE B 110 21.14 23.99 10.68
N SER B 111 22.31 23.51 11.08
CA SER B 111 23.20 24.33 11.90
C SER B 111 23.74 25.52 11.11
N GLU B 112 23.97 25.36 9.81
CA GLU B 112 24.39 26.50 8.98
C GLU B 112 23.29 27.53 8.83
N MSE B 113 22.05 27.08 8.59
CA MSE B 113 20.90 28.00 8.56
C MSE B 113 20.67 28.68 9.90
O MSE B 113 20.21 29.80 9.94
CB MSE B 113 19.60 27.33 8.14
CG MSE B 113 19.49 26.97 6.68
SE MSE B 113 19.77 28.45 5.48
CE MSE B 113 19.66 27.52 3.83
N SER B 114 21.00 28.00 10.99
CA SER B 114 20.86 28.60 12.32
C SER B 114 21.74 29.83 12.49
N LYS B 115 22.98 29.73 12.02
CA LYS B 115 23.90 30.86 12.05
C LYS B 115 23.35 31.99 11.19
N VAL B 116 22.92 31.69 9.97
CA VAL B 116 22.38 32.72 9.11
C VAL B 116 21.13 33.40 9.70
N LEU B 117 20.31 32.65 10.44
CA LEU B 117 19.09 33.22 11.03
C LEU B 117 19.29 33.67 12.50
N ASN B 118 20.55 33.78 12.92
CA ASN B 118 20.90 34.18 14.30
C ASN B 118 20.01 33.48 15.31
N VAL B 119 19.88 32.17 15.16
CA VAL B 119 19.02 31.35 15.99
C VAL B 119 19.53 31.27 17.42
N ARG B 120 18.59 31.50 18.35
CA ARG B 120 18.84 31.39 19.78
C ARG B 120 18.50 29.96 20.24
N GLY B 121 19.47 29.01 20.19
CA GLY B 121 19.19 27.61 20.60
C GLY B 121 19.74 26.61 19.62
N LYS B 122 19.63 25.33 19.94
CA LYS B 122 20.12 24.27 19.06
C LYS B 122 18.89 23.61 18.49
N VAL B 123 18.82 23.56 17.17
CA VAL B 123 17.76 22.85 16.49
C VAL B 123 18.36 21.57 15.92
N LEU B 124 17.75 20.45 16.27
CA LEU B 124 18.22 19.14 15.80
C LEU B 124 17.06 18.35 15.19
N PRO B 125 17.35 17.59 14.12
CA PRO B 125 16.37 16.71 13.58
C PRO B 125 16.35 15.42 14.41
N ALA B 126 15.18 14.80 14.49
CA ALA B 126 14.98 13.55 15.23
C ALA B 126 15.92 12.46 14.73
N SER B 127 16.27 12.53 13.45
CA SER B 127 17.28 11.70 12.85
C SER B 127 17.85 12.41 11.62
N ASN B 128 19.04 12.00 11.21
CA ASN B 128 19.67 12.58 10.04
C ASN B 128 19.22 11.98 8.74
N ARG B 129 18.33 10.99 8.81
CA ARG B 129 17.68 10.41 7.63
C ARG B 129 16.15 10.43 7.82
N SER B 130 15.43 10.40 6.70
CA SER B 130 13.97 10.27 6.75
C SER B 130 13.51 9.10 7.58
N ILE B 131 12.39 9.30 8.25
CA ILE B 131 11.69 8.27 8.99
C ILE B 131 10.32 8.10 8.31
N ILE B 132 9.85 6.87 8.23
CA ILE B 132 8.54 6.55 7.68
C ILE B 132 7.69 6.16 8.85
N LEU B 133 6.54 6.78 8.96
CA LEU B 133 5.64 6.49 10.07
C LEU B 133 4.55 5.53 9.56
N HIS B 134 4.28 4.51 10.37
CA HIS B 134 3.25 3.52 10.05
C HIS B 134 2.23 3.48 11.16
N GLY B 135 0.97 3.27 10.80
CA GLY B 135 -0.07 3.12 11.79
C GLY B 135 -0.73 1.76 11.70
N GLU B 136 -0.70 1.02 12.81
CA GLU B 136 -1.47 -0.20 12.89
C GLU B 136 -2.85 0.16 13.40
N MSE B 137 -3.88 -0.21 12.66
CA MSE B 137 -5.26 0.08 13.05
C MSE B 137 -5.80 -1.05 13.93
O MSE B 137 -5.16 -2.09 14.10
CB MSE B 137 -6.10 0.30 11.80
CG MSE B 137 -5.49 1.33 10.83
SE MSE B 137 -5.28 3.16 11.60
CE MSE B 137 -3.64 3.63 10.61
N GLU B 138 -6.97 -0.85 14.53
CA GLU B 138 -7.57 -1.85 15.43
C GLU B 138 -7.75 -3.19 14.69
N ASP B 139 -8.18 -3.15 13.43
CA ASP B 139 -8.36 -4.35 12.63
C ASP B 139 -7.04 -5.06 12.26
N GLY B 140 -5.90 -4.50 12.64
CA GLY B 140 -4.63 -5.15 12.36
C GLY B 140 -3.95 -4.70 11.10
N THR B 141 -4.69 -4.01 10.21
CA THR B 141 -4.08 -3.47 8.97
C THR B 141 -3.12 -2.32 9.27
N ILE B 142 -2.20 -2.10 8.36
CA ILE B 142 -1.17 -1.09 8.52
C ILE B 142 -1.39 -0.03 7.45
N VAL B 143 -1.34 1.24 7.83
CA VAL B 143 -1.37 2.33 6.86
C VAL B 143 -0.02 3.01 6.99
N THR B 144 0.62 3.23 5.85
CA THR B 144 1.97 3.80 5.82
C THR B 144 2.00 5.25 5.36
N GLY B 145 2.77 6.06 6.08
CA GLY B 145 2.96 7.45 5.75
C GLY B 145 2.16 8.36 6.64
N GLU B 146 2.87 9.33 7.22
CA GLU B 146 2.33 10.35 8.15
C GLU B 146 1.02 10.98 7.68
N SER B 147 0.97 11.43 6.44
CA SER B 147 -0.21 12.13 5.97
C SER B 147 -1.33 11.20 5.52
N SER B 148 -1.03 9.91 5.31
CA SER B 148 -2.08 8.93 4.96
C SER B 148 -2.81 8.35 6.15
N ILE B 149 -2.16 8.30 7.31
CA ILE B 149 -2.71 7.62 8.48
C ILE B 149 -4.05 8.18 8.91
N PRO B 150 -4.17 9.51 9.00
CA PRO B 150 -5.43 10.10 9.41
C PRO B 150 -6.54 9.95 8.40
N LYS B 151 -6.20 9.69 7.15
CA LYS B 151 -7.20 9.54 6.11
C LYS B 151 -7.78 8.13 6.07
N ALA B 152 -7.27 7.20 6.88
CA ALA B 152 -7.70 5.80 6.82
C ALA B 152 -9.12 5.58 7.30
N GLY B 153 -9.67 6.54 8.04
CA GLY B 153 -10.97 6.38 8.63
C GLY B 153 -11.11 5.11 9.47
N LYS B 154 -10.03 4.69 10.13
CA LYS B 154 -10.10 3.61 11.10
C LYS B 154 -9.48 4.14 12.38
N LYS B 155 -9.54 3.40 13.47
CA LYS B 155 -8.97 3.85 14.73
C LYS B 155 -7.55 3.30 14.88
N ILE B 156 -6.61 4.16 15.25
CA ILE B 156 -5.23 3.77 15.46
C ILE B 156 -5.12 2.94 16.73
N LYS B 157 -4.37 1.84 16.65
CA LYS B 157 -3.99 1.03 17.80
C LYS B 157 -2.61 1.48 18.23
N ARG B 158 -1.70 1.59 17.29
CA ARG B 158 -0.36 2.10 17.60
C ARG B 158 0.39 2.55 16.35
N VAL B 159 1.46 3.29 16.57
CA VAL B 159 2.32 3.71 15.49
C VAL B 159 3.70 3.16 15.72
N PHE B 160 4.49 3.07 14.65
CA PHE B 160 5.90 2.67 14.74
C PHE B 160 6.65 3.22 13.53
N LEU B 161 7.98 3.19 13.63
CA LEU B 161 8.88 3.81 12.69
C LEU B 161 9.69 2.79 11.91
N THR B 162 9.94 3.06 10.64
CA THR B 162 11.02 2.39 9.93
C THR B 162 11.84 3.50 9.28
N PRO B 163 13.09 3.23 8.91
CA PRO B 163 13.88 2.01 9.02
C PRO B 163 14.07 1.64 10.47
N LYS B 164 14.23 0.35 10.77
CA LYS B 164 14.37 -0.09 12.15
C LYS B 164 15.64 0.44 12.75
N ASP B 165 16.69 0.56 11.96
CA ASP B 165 17.96 1.06 12.50
C ASP B 165 18.11 2.58 12.37
N THR B 166 16.97 3.28 12.38
CA THR B 166 16.95 4.72 12.51
C THR B 166 17.67 5.13 13.77
N LYS B 167 18.55 6.12 13.64
CA LYS B 167 19.45 6.57 14.71
C LYS B 167 19.17 8.06 15.00
N PRO B 168 19.15 8.43 16.29
CA PRO B 168 19.11 9.85 16.64
C PRO B 168 20.51 10.41 16.51
N LEU B 169 20.64 11.73 16.54
CA LEU B 169 21.97 12.33 16.52
C LEU B 169 22.61 12.20 17.90
N ARG B 170 23.94 12.01 17.92
CA ARG B 170 24.67 11.98 19.18
C ARG B 170 24.34 13.25 19.99
N GLU B 171 24.34 14.42 19.34
CA GLU B 171 24.05 15.71 20.02
C GLU B 171 22.64 15.73 20.67
N GLY B 172 21.70 15.01 20.07
CA GLY B 172 20.38 14.87 20.66
C GLY B 172 20.45 14.16 21.98
N LEU B 173 21.11 13.01 22.01
CA LEU B 173 21.22 12.22 23.23
C LEU B 173 21.94 12.98 24.33
N GLU B 174 23.00 13.71 23.98
CA GLU B 174 23.70 14.57 24.96
C GLU B 174 22.76 15.59 25.55
N ALA B 175 21.97 16.23 24.67
CA ALA B 175 21.00 17.23 25.09
C ALA B 175 20.02 16.68 26.14
N ILE B 176 19.60 15.43 25.99
CA ILE B 176 18.65 14.83 26.93
C ILE B 176 19.38 14.58 28.25
N ARG B 177 20.62 14.12 28.15
CA ARG B 177 21.44 13.84 29.32
C ARG B 177 21.62 15.08 30.17
N LYS B 178 21.97 16.20 29.52
CA LYS B 178 22.17 17.51 30.18
C LYS B 178 20.89 18.28 30.54
N ALA B 179 19.72 17.81 30.16
CA ALA B 179 18.52 18.63 30.33
C ALA B 179 18.12 18.80 31.79
N ASP B 180 17.73 20.01 32.16
CA ASP B 180 17.07 20.27 33.44
C ASP B 180 15.56 20.07 33.31
N VAL B 181 14.99 20.46 32.17
CA VAL B 181 13.57 20.19 31.89
C VAL B 181 13.42 19.53 30.52
N ILE B 182 12.55 18.52 30.44
CA ILE B 182 12.23 17.83 29.19
C ILE B 182 10.75 18.06 28.91
N VAL B 183 10.48 18.72 27.77
CA VAL B 183 9.10 19.02 27.36
C VAL B 183 8.72 18.17 26.16
N ILE B 184 7.59 17.48 26.30
CA ILE B 184 7.03 16.65 25.24
C ILE B 184 5.78 17.35 24.71
N GLY B 185 5.85 17.77 23.45
CA GLY B 185 4.78 18.50 22.81
C GLY B 185 4.91 20.01 22.99
N PRO B 186 3.92 20.77 22.53
CA PRO B 186 2.66 20.29 21.97
C PRO B 186 2.78 19.89 20.52
N GLY B 187 1.87 19.05 20.07
CA GLY B 187 1.81 18.59 18.68
C GLY B 187 0.87 17.42 18.55
N SER B 188 0.60 16.97 17.33
CA SER B 188 -0.18 15.74 17.14
C SER B 188 0.45 14.62 17.93
N LEU B 189 -0.40 13.85 18.60
CA LEU B 189 0.03 12.71 19.40
C LEU B 189 0.72 11.67 18.53
N TYR B 190 0.03 11.25 17.47
CA TYR B 190 0.47 10.12 16.64
C TYR B 190 1.39 10.53 15.48
N THR B 191 1.38 11.79 15.06
CA THR B 191 2.18 12.21 13.91
C THR B 191 3.29 13.23 14.24
N SER B 192 3.39 13.68 15.50
CA SER B 192 4.51 14.56 15.92
C SER B 192 5.22 14.11 17.20
N VAL B 193 4.46 13.83 18.25
CA VAL B 193 5.07 13.49 19.54
C VAL B 193 5.65 12.07 19.47
N LEU B 194 4.81 11.09 19.18
CA LEU B 194 5.29 9.72 19.14
C LEU B 194 6.45 9.46 18.13
N PRO B 195 6.33 9.95 16.88
CA PRO B 195 7.47 9.80 15.96
C PRO B 195 8.80 10.34 16.48
N ASN B 196 8.78 11.30 17.41
CA ASN B 196 10.01 11.76 18.07
C ASN B 196 10.45 10.80 19.15
N LEU B 197 9.51 10.42 20.02
CA LEU B 197 9.83 9.58 21.16
C LEU B 197 10.28 8.17 20.75
N LEU B 198 9.77 7.66 19.63
CA LEU B 198 10.04 6.28 19.22
C LEU B 198 11.39 6.10 18.53
N VAL B 199 12.14 7.17 18.28
CA VAL B 199 13.45 7.00 17.67
C VAL B 199 14.28 6.15 18.62
N PRO B 200 14.86 5.02 18.15
CA PRO B 200 15.64 4.15 19.07
C PRO B 200 16.64 4.90 19.91
N GLY B 201 16.60 4.68 21.23
CA GLY B 201 17.51 5.33 22.18
C GLY B 201 16.93 6.53 22.94
N ILE B 202 15.89 7.16 22.38
CA ILE B 202 15.37 8.40 22.95
C ILE B 202 14.63 8.15 24.25
N CYS B 203 13.74 7.17 24.27
CA CYS B 203 13.04 6.81 25.49
C CYS B 203 13.94 6.33 26.63
N GLU B 204 14.99 5.61 26.25
CA GLU B 204 15.99 5.13 27.18
C GLU B 204 16.71 6.32 27.81
N ALA B 205 17.16 7.27 26.97
CA ALA B 205 17.79 8.51 27.45
C ALA B 205 16.85 9.32 28.36
N ILE B 206 15.58 9.47 27.96
CA ILE B 206 14.62 10.20 28.80
C ILE B 206 14.42 9.51 30.16
N LYS B 207 14.34 8.19 30.16
CA LYS B 207 14.09 7.43 31.40
C LYS B 207 15.27 7.56 32.35
N GLN B 208 16.48 7.47 31.83
CA GLN B 208 17.69 7.68 32.63
C GLN B 208 17.81 9.09 33.21
N SER B 209 17.21 10.08 32.55
CA SER B 209 17.38 11.47 32.97
C SER B 209 16.58 11.68 34.23
N THR B 210 17.08 12.57 35.09
CA THR B 210 16.37 12.99 36.31
C THR B 210 15.67 14.33 36.10
N ALA B 211 15.76 14.89 34.89
CA ALA B 211 15.08 16.14 34.59
C ALA B 211 13.58 15.99 34.82
N ARG B 212 12.91 17.10 35.10
CA ARG B 212 11.47 17.09 35.19
C ARG B 212 10.91 16.95 33.77
N LYS B 213 9.92 16.10 33.61
CA LYS B 213 9.40 15.74 32.31
C LYS B 213 7.95 16.15 32.23
N VAL B 214 7.66 17.15 31.39
CA VAL B 214 6.29 17.68 31.24
C VAL B 214 5.69 17.39 29.84
N TYR B 215 4.49 16.85 29.82
CA TYR B 215 3.79 16.59 28.57
C TYR B 215 2.75 17.68 28.37
N ILE B 216 2.85 18.43 27.27
CA ILE B 216 1.87 19.46 26.97
C ILE B 216 0.77 18.84 26.16
N CYS B 217 -0.37 18.64 26.78
CA CYS B 217 -1.42 17.85 26.21
C CYS B 217 -2.19 18.60 25.12
N ASN B 218 -2.64 17.89 24.10
CA ASN B 218 -3.43 18.49 23.04
C ASN B 218 -4.69 19.14 23.63
N VAL B 219 -5.07 20.31 23.10
CA VAL B 219 -6.30 21.00 23.50
C VAL B 219 -7.49 20.49 22.71
N MSE B 220 -7.25 20.07 21.47
CA MSE B 220 -8.30 19.59 20.62
C MSE B 220 -7.96 18.21 20.06
O MSE B 220 -6.80 17.87 19.87
CB MSE B 220 -8.49 20.57 19.45
CG MSE B 220 -9.01 21.97 19.85
SE MSE B 220 -10.90 22.03 20.15
CE MSE B 220 -11.50 21.19 18.68
N THR B 221 -9.00 17.44 19.80
CA THR B 221 -8.86 16.17 19.12
C THR B 221 -8.53 16.43 17.64
N GLN B 222 -8.09 15.39 16.92
CA GLN B 222 -7.85 15.49 15.47
C GLN B 222 -8.53 14.33 14.80
N ASN B 223 -9.31 14.61 13.77
CA ASN B 223 -10.10 13.59 13.12
C ASN B 223 -9.18 12.56 12.51
N GLY B 224 -9.54 11.29 12.69
CA GLY B 224 -8.74 10.19 12.16
C GLY B 224 -7.51 9.84 12.96
N GLU B 225 -7.22 10.58 14.04
CA GLU B 225 -6.04 10.35 14.89
C GLU B 225 -6.45 10.15 16.33
N THR B 226 -7.13 11.14 16.91
CA THR B 226 -7.47 11.10 18.33
C THR B 226 -8.96 11.34 18.59
N ASP B 227 -9.83 10.87 17.70
CA ASP B 227 -11.29 11.01 17.86
C ASP B 227 -11.74 10.51 19.23
N GLY B 228 -12.42 11.36 19.98
CA GLY B 228 -12.97 10.97 21.28
C GLY B 228 -11.95 10.86 22.40
N TYR B 229 -10.67 11.17 22.18
CA TYR B 229 -9.68 11.03 23.26
C TYR B 229 -9.90 12.04 24.37
N THR B 230 -9.80 11.57 25.60
CA THR B 230 -9.67 12.42 26.78
C THR B 230 -8.21 12.72 27.01
N ALA B 231 -7.89 13.54 28.01
CA ALA B 231 -6.48 13.80 28.33
C ALA B 231 -5.80 12.48 28.73
N SER B 232 -6.49 11.65 29.51
CA SER B 232 -5.87 10.40 29.97
C SER B 232 -5.65 9.44 28.79
N ASP B 233 -6.52 9.49 27.80
CA ASP B 233 -6.29 8.72 26.58
C ASP B 233 -4.97 9.10 25.88
N HIS B 234 -4.66 10.39 25.84
CA HIS B 234 -3.42 10.83 25.23
C HIS B 234 -2.23 10.33 26.05
N LEU B 235 -2.27 10.47 27.37
CA LEU B 235 -1.12 10.07 28.23
C LEU B 235 -0.92 8.55 28.18
N GLN B 236 -2.03 7.83 28.23
CA GLN B 236 -2.03 6.37 28.15
C GLN B 236 -1.32 5.93 26.86
N ALA B 237 -1.60 6.60 25.74
CA ALA B 237 -1.00 6.25 24.45
C ALA B 237 0.49 6.44 24.52
N ILE B 238 0.94 7.51 25.18
CA ILE B 238 2.39 7.75 25.31
C ILE B 238 3.01 6.65 26.16
N MSE B 239 2.30 6.27 27.21
CA MSE B 239 2.79 5.23 28.11
C MSE B 239 2.81 3.83 27.49
O MSE B 239 3.78 3.09 27.64
CB MSE B 239 1.97 5.24 29.41
CG MSE B 239 2.48 6.38 30.32
SE MSE B 239 1.45 6.71 31.90
CE MSE B 239 2.92 7.76 32.95
N ASP B 240 1.76 3.50 26.77
CA ASP B 240 1.72 2.25 26.03
C ASP B 240 2.82 2.13 24.98
N HIS B 241 3.24 3.25 24.36
CA HIS B 241 4.33 3.20 23.37
C HIS B 241 5.71 3.31 24.00
N CYS B 242 5.84 3.96 25.15
CA CYS B 242 7.16 4.36 25.70
C CYS B 242 7.51 3.85 27.10
N GLY B 243 6.52 3.34 27.82
CA GLY B 243 6.75 2.83 29.17
C GLY B 243 6.86 3.91 30.21
N VAL B 244 7.57 3.60 31.29
CA VAL B 244 7.63 4.45 32.48
C VAL B 244 8.81 5.40 32.44
N GLY B 245 8.73 6.47 33.20
CA GLY B 245 9.85 7.41 33.32
C GLY B 245 9.96 8.39 32.17
N ILE B 246 8.87 8.59 31.45
CA ILE B 246 8.85 9.49 30.29
C ILE B 246 8.09 10.79 30.60
N VAL B 247 6.98 10.69 31.30
CA VAL B 247 6.21 11.85 31.75
C VAL B 247 6.03 11.92 33.28
N ASP B 248 6.42 13.03 33.90
CA ASP B 248 6.16 13.26 35.34
C ASP B 248 4.87 14.05 35.53
N ASP B 249 4.73 15.14 34.77
CA ASP B 249 3.53 16.02 34.86
C ASP B 249 2.88 16.21 33.50
N ILE B 250 1.55 16.28 33.49
CA ILE B 250 0.80 16.60 32.29
C ILE B 250 0.25 18.02 32.46
N LEU B 251 0.45 18.85 31.43
CA LEU B 251 -0.03 20.22 31.41
C LEU B 251 -1.26 20.33 30.50
N VAL B 252 -2.36 20.78 31.07
CA VAL B 252 -3.66 20.75 30.40
C VAL B 252 -4.43 22.08 30.49
N HIS B 253 -5.20 22.37 29.44
CA HIS B 253 -6.08 23.51 29.43
C HIS B 253 -7.39 23.08 30.04
N GLY B 254 -7.57 23.37 31.33
CA GLY B 254 -8.75 22.90 32.05
C GLY B 254 -9.94 23.85 32.07
N GLU B 255 -9.85 24.95 31.32
CA GLU B 255 -10.87 25.98 31.33
C GLU B 255 -11.63 25.90 30.00
N PRO B 256 -12.74 26.63 29.86
CA PRO B 256 -13.55 26.47 28.64
C PRO B 256 -13.02 27.21 27.43
N ILE B 257 -13.67 27.00 26.29
CA ILE B 257 -13.28 27.58 25.00
C ILE B 257 -14.49 28.29 24.41
N SER B 258 -14.25 29.39 23.70
CA SER B 258 -15.34 30.17 23.10
C SER B 258 -16.19 29.29 22.23
N ASP B 259 -17.48 29.58 22.14
CA ASP B 259 -18.39 28.76 21.35
C ASP B 259 -18.09 28.89 19.89
N THR B 260 -17.65 30.07 19.46
CA THR B 260 -17.32 30.25 18.04
C THR B 260 -16.10 29.39 17.64
N VAL B 261 -15.10 29.30 18.50
CA VAL B 261 -13.95 28.43 18.23
C VAL B 261 -14.39 26.95 18.18
N LYS B 262 -15.14 26.51 19.19
CA LYS B 262 -15.67 25.14 19.19
C LYS B 262 -16.38 24.84 17.90
N ALA B 263 -17.19 25.80 17.44
CA ALA B 263 -17.98 25.60 16.22
C ALA B 263 -17.07 25.47 15.00
N LYS B 264 -16.04 26.31 14.94
CA LYS B 264 -15.11 26.28 13.81
C LYS B 264 -14.37 24.95 13.77
N TYR B 265 -13.94 24.47 14.95
CA TYR B 265 -13.27 23.17 15.03
C TYR B 265 -14.21 21.98 14.77
N ALA B 266 -15.47 22.09 15.15
CA ALA B 266 -16.44 21.02 14.88
C ALA B 266 -16.63 20.81 13.38
N LYS B 267 -16.42 21.84 12.58
CA LYS B 267 -16.47 21.67 11.10
C LYS B 267 -15.43 20.66 10.60
N GLU B 268 -14.31 20.52 11.31
CA GLU B 268 -13.29 19.54 10.98
C GLU B 268 -13.32 18.31 11.88
N LYS B 269 -14.48 18.03 12.45
CA LYS B 269 -14.69 16.91 13.38
C LYS B 269 -13.65 16.86 14.49
N ALA B 270 -13.19 18.05 14.94
CA ALA B 270 -12.30 18.19 16.09
C ALA B 270 -13.13 18.73 17.26
N GLU B 271 -12.84 18.26 18.45
CA GLU B 271 -13.50 18.79 19.65
C GLU B 271 -12.55 18.87 20.84
N PRO B 272 -12.94 19.64 21.88
CA PRO B 272 -12.06 19.80 23.04
C PRO B 272 -11.69 18.50 23.77
N VAL B 273 -10.44 18.45 24.21
CA VAL B 273 -9.95 17.30 24.93
C VAL B 273 -10.46 17.43 26.36
N ILE B 274 -11.36 16.53 26.74
CA ILE B 274 -11.93 16.49 28.08
C ILE B 274 -10.83 16.15 29.08
N VAL B 275 -10.65 16.98 30.10
CA VAL B 275 -9.63 16.76 31.11
C VAL B 275 -10.23 15.91 32.21
N ASP B 276 -9.85 14.64 32.28
CA ASP B 276 -10.37 13.69 33.28
C ASP B 276 -9.35 13.49 34.41
N GLU B 277 -9.49 14.30 35.45
CA GLU B 277 -8.47 14.42 36.51
C GLU B 277 -8.28 13.12 37.29
N HIS B 278 -9.37 12.40 37.54
CA HIS B 278 -9.28 11.19 38.35
C HIS B 278 -8.46 10.15 37.62
N LYS B 279 -8.73 9.97 36.34
CA LYS B 279 -7.93 9.02 35.53
C LYS B 279 -6.47 9.45 35.37
N LEU B 280 -6.23 10.76 35.29
CA LEU B 280 -4.86 11.25 35.19
C LEU B 280 -4.07 10.97 36.46
N LYS B 281 -4.71 11.22 37.60
CA LYS B 281 -4.09 10.94 38.90
C LYS B 281 -3.78 9.45 38.99
N ALA B 282 -4.76 8.62 38.58
CA ALA B 282 -4.54 7.17 38.54
C ALA B 282 -3.35 6.75 37.68
N LEU B 283 -3.00 7.52 36.64
CA LEU B 283 -1.80 7.16 35.83
C LEU B 283 -0.51 7.59 36.51
N GLY B 284 -0.63 8.26 37.64
CA GLY B 284 0.54 8.53 38.50
C GLY B 284 1.32 9.77 38.17
N VAL B 285 0.71 10.69 37.43
CA VAL B 285 1.39 11.94 37.05
C VAL B 285 0.75 13.15 37.73
N GLY B 286 1.53 14.23 37.87
CA GLY B 286 0.97 15.51 38.31
C GLY B 286 0.20 16.21 37.20
N THR B 287 -0.78 17.02 37.60
CA THR B 287 -1.61 17.81 36.68
C THR B 287 -1.42 19.33 36.87
N ILE B 288 -0.91 20.00 35.84
CA ILE B 288 -0.82 21.47 35.88
C ILE B 288 -1.95 21.96 34.97
N SER B 289 -3.01 22.48 35.59
CA SER B 289 -4.19 22.96 34.85
C SER B 289 -4.36 24.45 34.98
N ASP B 290 -4.64 25.12 33.87
CA ASP B 290 -4.74 26.58 33.84
C ASP B 290 -5.43 27.03 32.54
N TYR B 291 -5.61 28.34 32.36
CA TYR B 291 -5.95 28.95 31.06
C TYR B 291 -4.65 29.03 30.28
N PHE B 292 -4.47 28.10 29.37
CA PHE B 292 -3.22 27.98 28.64
C PHE B 292 -3.35 28.22 27.15
N VAL B 293 -4.53 28.56 26.65
CA VAL B 293 -4.68 28.78 25.21
C VAL B 293 -5.18 30.17 24.90
N LEU B 294 -4.84 30.67 23.72
CA LEU B 294 -5.35 31.93 23.19
C LEU B 294 -6.05 31.62 21.88
N GLU B 295 -6.91 32.51 21.46
CA GLU B 295 -7.56 32.39 20.18
C GLU B 295 -6.93 33.36 19.18
N ASP B 297 -6.26 33.99 16.36
CA ASP B 297 -7.06 34.22 15.15
C ASP B 297 -8.51 33.83 15.42
N ASP B 298 -9.04 32.90 14.62
CA ASP B 298 -10.11 32.01 15.09
C ASP B 298 -9.52 30.61 15.39
N VAL B 299 -8.18 30.55 15.43
CA VAL B 299 -7.41 29.32 15.63
C VAL B 299 -6.96 29.26 17.10
N LEU B 300 -6.71 28.05 17.59
CA LEU B 300 -6.50 27.82 19.00
C LEU B 300 -5.07 27.43 19.25
N ARG B 301 -4.32 28.31 19.92
CA ARG B 301 -2.91 28.07 20.15
C ARG B 301 -2.57 28.20 21.61
N HIS B 302 -1.51 27.52 22.05
CA HIS B 302 -1.03 27.69 23.39
C HIS B 302 -0.47 29.10 23.57
N ASN B 303 -0.60 29.57 24.81
CA ASN B 303 -0.04 30.80 25.28
C ASN B 303 1.39 30.48 25.73
N ALA B 304 2.33 30.74 24.82
CA ALA B 304 3.72 30.39 25.03
C ALA B 304 4.25 30.90 26.35
N SER B 305 3.87 32.12 26.73
CA SER B 305 4.37 32.75 27.95
C SER B 305 3.92 32.01 29.20
N LYS B 306 2.62 31.81 29.32
CA LYS B 306 2.09 31.08 30.47
C LYS B 306 2.67 29.68 30.54
N VAL B 307 2.64 28.98 29.40
CA VAL B 307 3.14 27.62 29.34
C VAL B 307 4.59 27.57 29.74
N SER B 308 5.40 28.45 29.17
CA SER B 308 6.82 28.52 29.50
C SER B 308 7.05 28.71 30.98
N GLU B 309 6.25 29.59 31.57
CA GLU B 309 6.43 29.93 32.97
C GLU B 309 6.02 28.76 33.85
N ALA B 310 4.94 28.06 33.47
CA ALA B 310 4.45 26.92 34.24
C ALA B 310 5.44 25.77 34.23
N ILE B 311 6.13 25.57 33.11
CA ILE B 311 7.09 24.45 33.03
C ILE B 311 8.45 24.75 33.64
N LEU B 312 8.74 26.03 33.88
CA LEU B 312 9.97 26.41 34.53
C LEU B 312 9.85 26.54 36.09
N GLU B 313 8.66 26.30 36.66
CA GLU B 313 8.38 26.57 38.08
C GLU B 313 8.84 25.43 39.00
N LYS C 4 -37.77 -58.56 6.43
CA LYS C 4 -37.66 -57.12 6.02
C LYS C 4 -38.25 -56.86 4.62
N LYS C 5 -39.12 -55.87 4.49
CA LYS C 5 -39.75 -55.60 3.21
C LYS C 5 -38.88 -54.67 2.40
N ASN C 6 -38.71 -54.96 1.11
CA ASN C 6 -38.02 -54.05 0.17
C ASN C 6 -38.92 -52.93 -0.32
N VAL C 7 -38.53 -51.68 -0.06
CA VAL C 7 -39.34 -50.51 -0.42
C VAL C 7 -38.54 -49.58 -1.31
N ILE C 8 -39.14 -49.21 -2.44
CA ILE C 8 -38.51 -48.28 -3.36
C ILE C 8 -39.37 -47.03 -3.39
N VAL C 9 -38.72 -45.87 -3.25
CA VAL C 9 -39.40 -44.59 -3.20
C VAL C 9 -38.86 -43.64 -4.28
N PHE C 10 -39.77 -43.04 -5.04
CA PHE C 10 -39.47 -42.07 -6.09
C PHE C 10 -39.81 -40.65 -5.63
N GLY C 11 -38.87 -39.73 -5.71
CA GLY C 11 -39.18 -38.34 -5.40
C GLY C 11 -38.04 -37.38 -5.67
N GLY C 12 -38.13 -36.21 -5.07
CA GLY C 12 -37.12 -35.16 -5.28
C GLY C 12 -36.50 -34.59 -4.02
N GLY C 13 -37.02 -33.43 -3.63
CA GLY C 13 -36.39 -32.62 -2.61
C GLY C 13 -36.92 -32.90 -1.22
N THR C 14 -37.85 -32.08 -0.77
CA THR C 14 -38.11 -32.01 0.66
C THR C 14 -39.08 -33.08 1.07
N GLY C 15 -40.05 -33.37 0.21
CA GLY C 15 -41.05 -34.42 0.46
C GLY C 15 -40.43 -35.79 0.66
N LEU C 16 -39.51 -36.14 -0.24
CA LEU C 16 -38.82 -37.42 -0.13
C LEU C 16 -37.92 -37.45 1.13
N SER C 17 -37.22 -36.36 1.40
CA SER C 17 -36.34 -36.27 2.59
C SER C 17 -37.14 -36.41 3.90
N VAL C 18 -38.24 -35.69 4.03
CA VAL C 18 -39.10 -35.81 5.21
C VAL C 18 -39.57 -37.25 5.43
N LEU C 19 -40.07 -37.88 4.38
CA LEU C 19 -40.55 -39.27 4.46
C LEU C 19 -39.43 -40.23 4.84
N LEU C 20 -38.30 -40.13 4.17
CA LEU C 20 -37.23 -41.09 4.38
C LEU C 20 -36.70 -41.04 5.82
N ARG C 21 -36.66 -39.85 6.39
CA ARG C 21 -36.15 -39.65 7.73
C ARG C 21 -36.92 -40.53 8.72
N GLY C 22 -38.21 -40.66 8.52
CA GLY C 22 -39.04 -41.56 9.32
C GLY C 22 -39.04 -43.02 8.87
N LEU C 23 -39.17 -43.26 7.57
CA LEU C 23 -39.27 -44.62 7.04
C LEU C 23 -38.05 -45.45 7.41
N LYS C 24 -36.90 -44.81 7.55
CA LYS C 24 -35.67 -45.52 7.83
C LYS C 24 -35.69 -46.18 9.20
N THR C 25 -36.55 -45.72 10.09
CA THR C 25 -36.67 -46.34 11.41
C THR C 25 -37.56 -47.60 11.36
N PHE C 26 -38.23 -47.87 10.25
CA PHE C 26 -39.04 -49.10 10.17
C PHE C 26 -38.19 -50.28 9.74
N PRO C 27 -38.67 -51.51 9.96
CA PRO C 27 -37.95 -52.70 9.45
C PRO C 27 -38.08 -52.90 7.92
N VAL C 28 -37.32 -52.12 7.15
CA VAL C 28 -37.45 -52.08 5.71
C VAL C 28 -36.10 -51.83 5.09
N SER C 29 -35.89 -52.35 3.88
CA SER C 29 -34.73 -51.95 3.08
C SER C 29 -35.17 -50.94 2.04
N ILE C 30 -34.62 -49.75 2.09
CA ILE C 30 -35.06 -48.62 1.30
C ILE C 30 -34.16 -48.48 0.09
N THR C 31 -34.77 -48.26 -1.08
CA THR C 31 -34.04 -47.73 -2.23
C THR C 31 -34.75 -46.45 -2.60
N ALA C 32 -34.02 -45.36 -2.72
CA ALA C 32 -34.59 -44.07 -3.06
C ALA C 32 -34.05 -43.69 -4.40
N ILE C 33 -34.94 -43.35 -5.33
CA ILE C 33 -34.54 -42.97 -6.67
C ILE C 33 -34.88 -41.51 -6.84
N VAL C 34 -33.85 -40.70 -7.14
CA VAL C 34 -33.95 -39.25 -7.01
C VAL C 34 -33.81 -38.58 -8.35
N THR C 35 -34.75 -37.65 -8.63
CA THR C 35 -34.76 -36.91 -9.88
C THR C 35 -33.44 -36.19 -10.10
N VAL C 36 -32.97 -36.20 -11.35
CA VAL C 36 -31.80 -35.40 -11.75
C VAL C 36 -32.18 -34.38 -12.84
N ALA C 37 -33.40 -33.85 -12.79
CA ALA C 37 -33.88 -32.90 -13.78
C ALA C 37 -33.88 -31.46 -13.30
N ASP C 38 -33.63 -31.21 -12.03
CA ASP C 38 -33.74 -29.84 -11.50
C ASP C 38 -32.67 -28.97 -12.12
N ASP C 39 -32.94 -27.68 -12.25
CA ASP C 39 -31.96 -26.76 -12.83
C ASP C 39 -31.87 -25.40 -12.15
N GLY C 40 -32.47 -25.26 -10.97
CA GLY C 40 -32.38 -24.03 -10.18
C GLY C 40 -31.36 -24.06 -9.04
N GLY C 41 -31.10 -22.88 -8.49
CA GLY C 41 -30.27 -22.71 -7.29
C GLY C 41 -28.82 -23.08 -7.49
N SER C 42 -28.17 -23.44 -6.39
CA SER C 42 -26.80 -23.95 -6.40
C SER C 42 -26.69 -25.16 -7.30
N SER C 43 -27.60 -26.12 -7.09
CA SER C 43 -27.67 -27.35 -7.88
C SER C 43 -27.62 -27.05 -9.37
N GLY C 44 -28.39 -26.06 -9.78
CA GLY C 44 -28.45 -25.66 -11.17
C GLY C 44 -27.18 -25.06 -11.68
N ARG C 45 -26.57 -24.17 -10.90
CA ARG C 45 -25.33 -23.53 -11.36
C ARG C 45 -24.25 -24.57 -11.56
N LEU C 46 -24.13 -25.50 -10.61
CA LEU C 46 -23.11 -26.54 -10.67
C LEU C 46 -23.34 -27.41 -11.90
N ARG C 47 -24.61 -27.77 -12.08
CA ARG C 47 -25.06 -28.57 -13.20
C ARG C 47 -24.53 -28.01 -14.50
N LYS C 48 -24.88 -26.76 -14.80
CA LYS C 48 -24.41 -26.08 -16.00
C LYS C 48 -22.90 -25.97 -15.99
N GLU C 49 -22.32 -25.42 -14.92
CA GLU C 49 -20.91 -25.01 -14.94
C GLU C 49 -19.91 -26.17 -14.82
N LEU C 50 -20.28 -27.26 -14.16
CA LEU C 50 -19.39 -28.41 -14.02
C LEU C 50 -19.81 -29.60 -14.87
N ASP C 51 -20.91 -29.45 -15.62
CA ASP C 51 -21.45 -30.50 -16.50
C ASP C 51 -21.72 -31.83 -15.77
N ILE C 52 -22.37 -31.73 -14.63
CA ILE C 52 -22.75 -32.91 -13.83
C ILE C 52 -24.26 -32.89 -13.65
N PRO C 53 -24.84 -34.00 -13.21
CA PRO C 53 -26.25 -33.98 -12.83
C PRO C 53 -26.46 -33.11 -11.59
N PRO C 54 -27.63 -32.52 -11.44
CA PRO C 54 -27.88 -31.62 -10.30
C PRO C 54 -27.81 -32.42 -9.00
N PRO C 55 -26.94 -32.02 -8.04
CA PRO C 55 -26.72 -32.83 -6.86
C PRO C 55 -27.67 -32.54 -5.68
N GLY C 56 -28.41 -31.44 -5.74
CA GLY C 56 -29.17 -30.93 -4.59
C GLY C 56 -30.13 -31.89 -3.95
N ASP C 57 -31.04 -32.45 -4.73
CA ASP C 57 -32.05 -33.38 -4.19
C ASP C 57 -31.37 -34.60 -3.63
N VAL C 58 -30.36 -35.11 -4.31
CA VAL C 58 -29.58 -36.25 -3.81
C VAL C 58 -28.94 -35.92 -2.45
N ARG C 59 -28.41 -34.71 -2.32
CA ARG C 59 -27.74 -34.29 -1.10
C ARG C 59 -28.69 -34.43 0.07
N ASN C 60 -29.90 -33.88 -0.12
CA ASN C 60 -30.91 -33.88 0.97
C ASN C 60 -31.32 -35.29 1.32
N VAL C 61 -31.47 -36.14 0.31
CA VAL C 61 -31.86 -37.52 0.53
C VAL C 61 -30.74 -38.22 1.33
N LEU C 62 -29.49 -37.97 0.96
CA LEU C 62 -28.36 -38.57 1.70
C LEU C 62 -28.35 -38.11 3.15
N VAL C 63 -28.64 -36.83 3.40
CA VAL C 63 -28.68 -36.31 4.77
C VAL C 63 -29.82 -36.96 5.56
N ALA C 64 -30.99 -37.06 4.93
CA ALA C 64 -32.15 -37.71 5.52
C ALA C 64 -31.89 -39.14 5.96
N LEU C 65 -31.03 -39.86 5.24
CA LEU C 65 -30.76 -41.27 5.54
C LEU C 65 -29.44 -41.47 6.31
N SER C 66 -28.67 -40.41 6.52
CA SER C 66 -27.39 -40.48 7.22
C SER C 66 -27.51 -40.87 8.69
N GLU C 67 -26.41 -41.38 9.25
CA GLU C 67 -26.27 -41.60 10.70
C GLU C 67 -24.88 -41.13 11.11
N VAL C 68 -24.74 -39.83 11.28
CA VAL C 68 -23.47 -39.24 11.67
C VAL C 68 -23.69 -38.20 12.77
N GLU C 69 -22.60 -37.74 13.39
CA GLU C 69 -22.68 -36.75 14.44
C GLU C 69 -23.36 -35.50 13.89
N PRO C 70 -24.13 -34.80 14.71
CA PRO C 70 -24.79 -33.53 14.34
C PRO C 70 -23.89 -32.52 13.61
N LEU C 71 -22.64 -32.45 14.00
CA LEU C 71 -21.72 -31.49 13.40
C LEU C 71 -21.44 -31.81 11.93
N LEU C 72 -21.25 -33.09 11.65
CA LEU C 72 -20.96 -33.52 10.28
C LEU C 72 -22.18 -33.31 9.40
N GLU C 73 -23.35 -33.48 9.99
CA GLU C 73 -24.58 -33.27 9.27
C GLU C 73 -24.75 -31.80 8.92
N GLN C 74 -24.39 -30.91 9.84
CA GLN C 74 -24.44 -29.48 9.56
C GLN C 74 -23.43 -29.09 8.51
N LEU C 75 -22.25 -29.72 8.54
CA LEU C 75 -21.18 -29.38 7.61
C LEU C 75 -21.64 -29.68 6.21
N PHE C 76 -22.33 -30.81 6.08
CA PHE C 76 -22.86 -31.26 4.79
C PHE C 76 -23.95 -30.35 4.28
N GLN C 77 -24.68 -29.72 5.19
CA GLN C 77 -25.79 -28.80 4.88
C GLN C 77 -25.38 -27.35 4.86
N HIS C 78 -24.11 -27.07 5.11
CA HIS C 78 -23.62 -25.69 5.14
C HIS C 78 -23.77 -25.00 3.82
N ARG C 79 -24.19 -23.73 3.88
CA ARG C 79 -24.36 -22.91 2.69
C ARG C 79 -23.54 -21.64 2.81
N PHE C 80 -22.63 -21.40 1.88
CA PHE C 80 -21.81 -20.20 1.91
C PHE C 80 -22.63 -18.94 1.62
N GLU C 81 -22.43 -17.92 2.45
CA GLU C 81 -23.12 -16.63 2.34
C GLU C 81 -22.21 -15.55 1.73
N ASN C 82 -20.90 -15.83 1.58
CA ASN C 82 -19.98 -14.93 0.88
C ASN C 82 -19.07 -15.62 -0.12
N GLY C 83 -18.33 -14.83 -0.91
CA GLY C 83 -17.48 -15.32 -1.99
C GLY C 83 -18.13 -15.09 -3.34
N GLY C 85 -19.12 -15.69 -6.28
CA GLY C 85 -18.71 -16.97 -6.86
C GLY C 85 -19.13 -18.18 -6.03
N LEU C 86 -18.71 -18.16 -4.78
CA LEU C 86 -18.98 -19.24 -3.84
C LEU C 86 -20.36 -19.07 -3.20
N SER C 87 -20.81 -17.83 -3.12
CA SER C 87 -22.00 -17.47 -2.37
C SER C 87 -23.25 -18.14 -2.90
N GLY C 88 -24.03 -18.72 -2.00
CA GLY C 88 -25.20 -19.48 -2.38
C GLY C 88 -24.96 -20.97 -2.44
N HIS C 89 -23.73 -21.43 -2.65
CA HIS C 89 -23.49 -22.89 -2.80
C HIS C 89 -23.56 -23.69 -1.50
N SER C 90 -24.08 -24.90 -1.62
CA SER C 90 -24.15 -25.83 -0.51
C SER C 90 -22.87 -26.65 -0.54
N LEU C 91 -22.24 -26.80 0.62
CA LEU C 91 -21.00 -27.57 0.69
C LEU C 91 -21.24 -29.02 0.30
N GLY C 92 -22.35 -29.59 0.71
CA GLY C 92 -22.73 -30.96 0.33
C GLY C 92 -22.81 -31.15 -1.20
N ASN C 93 -23.38 -30.17 -1.89
CA ASN C 93 -23.40 -30.19 -3.35
C ASN C 93 -21.97 -30.21 -3.89
N LEU C 94 -21.10 -29.39 -3.30
CA LEU C 94 -19.72 -29.28 -3.74
C LEU C 94 -18.98 -30.61 -3.49
N LEU C 95 -19.26 -31.25 -2.36
CA LEU C 95 -18.70 -32.56 -2.06
C LEU C 95 -19.09 -33.56 -3.16
N LEU C 96 -20.39 -33.61 -3.47
CA LEU C 96 -20.90 -34.52 -4.50
C LEU C 96 -20.30 -34.18 -5.88
N ALA C 97 -20.16 -32.89 -6.16
CA ALA C 97 -19.54 -32.44 -7.40
C ALA C 97 -18.12 -32.95 -7.52
N GLY C 98 -17.34 -32.85 -6.45
CA GLY C 98 -15.95 -33.30 -6.44
C GLY C 98 -15.82 -34.81 -6.57
N MSE C 99 -16.62 -35.56 -5.82
CA MSE C 99 -16.62 -37.00 -5.94
C MSE C 99 -16.96 -37.44 -7.37
O MSE C 99 -16.31 -38.32 -7.93
CB MSE C 99 -17.59 -37.64 -4.95
CG MSE C 99 -17.38 -39.12 -4.82
SE MSE C 99 -15.58 -39.50 -4.18
CE MSE C 99 -16.13 -39.54 -2.17
N THR C 100 -17.97 -36.80 -7.95
CA THR C 100 -18.43 -37.11 -9.31
C THR C 100 -17.36 -36.81 -10.36
N SER C 101 -16.60 -35.74 -10.16
CA SER C 101 -15.47 -35.41 -11.04
C SER C 101 -14.36 -36.48 -10.92
N ILE C 102 -14.08 -36.91 -9.69
CA ILE C 102 -13.02 -37.88 -9.48
C ILE C 102 -13.40 -39.20 -10.12
N THR C 103 -14.58 -39.71 -9.84
CA THR C 103 -14.99 -41.01 -10.35
C THR C 103 -15.48 -40.96 -11.81
N GLY C 104 -15.76 -39.75 -12.32
CA GLY C 104 -16.46 -39.57 -13.61
C GLY C 104 -17.87 -40.18 -13.68
N ASP C 105 -18.50 -40.40 -12.53
CA ASP C 105 -19.68 -41.26 -12.40
C ASP C 105 -20.53 -40.85 -11.18
N PHE C 106 -21.66 -40.21 -11.45
CA PHE C 106 -22.52 -39.66 -10.42
C PHE C 106 -22.99 -40.72 -9.44
N ALA C 107 -23.46 -41.84 -9.95
CA ALA C 107 -23.96 -42.92 -9.10
C ALA C 107 -22.87 -43.48 -8.16
N ARG C 108 -21.64 -43.61 -8.66
CA ARG C 108 -20.51 -44.07 -7.86
C ARG C 108 -20.14 -43.01 -6.81
N GLY C 109 -20.25 -41.75 -7.20
CA GLY C 109 -20.06 -40.66 -6.28
C GLY C 109 -21.04 -40.72 -5.13
N ILE C 110 -22.32 -40.95 -5.45
CA ILE C 110 -23.36 -41.04 -4.42
C ILE C 110 -23.08 -42.21 -3.48
N SER C 111 -22.67 -43.35 -4.03
CA SER C 111 -22.43 -44.52 -3.17
C SER C 111 -21.21 -44.28 -2.25
N GLU C 112 -20.20 -43.56 -2.73
CA GLU C 112 -19.09 -43.19 -1.90
C GLU C 112 -19.50 -42.30 -0.74
N MSE C 113 -20.29 -41.26 -1.04
CA MSE C 113 -20.81 -40.40 0.03
C MSE C 113 -21.74 -41.19 0.96
O MSE C 113 -21.87 -40.85 2.12
CB MSE C 113 -21.58 -39.20 -0.48
CG MSE C 113 -20.71 -38.12 -1.08
SE MSE C 113 -19.37 -37.31 0.07
CE MSE C 113 -18.52 -36.28 -1.28
N SER C 114 -22.40 -42.21 0.45
CA SER C 114 -23.28 -43.02 1.28
C SER C 114 -22.52 -43.71 2.39
N LYS C 115 -21.37 -44.27 2.05
CA LYS C 115 -20.49 -44.89 3.02
C LYS C 115 -19.96 -43.88 4.04
N VAL C 116 -19.47 -42.74 3.55
CA VAL C 116 -19.01 -41.70 4.44
C VAL C 116 -20.09 -41.24 5.43
N LEU C 117 -21.34 -41.17 4.98
CA LEU C 117 -22.46 -40.71 5.82
C LEU C 117 -23.18 -41.85 6.54
N ASN C 118 -22.62 -43.06 6.51
CA ASN C 118 -23.25 -44.26 7.09
C ASN C 118 -24.72 -44.35 6.73
N VAL C 119 -25.02 -44.19 5.45
CA VAL C 119 -26.44 -44.18 5.00
C VAL C 119 -27.09 -45.54 5.09
N ARG C 120 -28.35 -45.55 5.54
CA ARG C 120 -29.14 -46.76 5.74
C ARG C 120 -30.07 -46.97 4.54
N GLY C 121 -29.57 -47.56 3.44
CA GLY C 121 -30.36 -47.71 2.21
C GLY C 121 -29.53 -47.46 0.97
N LYS C 122 -30.13 -47.66 -0.19
CA LYS C 122 -29.45 -47.40 -1.45
C LYS C 122 -30.06 -46.14 -2.04
N VAL C 123 -29.20 -45.15 -2.31
CA VAL C 123 -29.63 -43.93 -2.96
C VAL C 123 -29.14 -43.96 -4.38
N LEU C 124 -30.06 -43.82 -5.33
CA LEU C 124 -29.71 -43.84 -6.75
C LEU C 124 -30.27 -42.62 -7.46
N PRO C 125 -29.53 -42.09 -8.42
CA PRO C 125 -30.07 -41.04 -9.29
C PRO C 125 -30.98 -41.68 -10.34
N ALA C 126 -31.99 -40.94 -10.79
CA ALA C 126 -32.92 -41.38 -11.83
C ALA C 126 -32.19 -41.73 -13.12
N SER C 127 -31.06 -41.06 -13.34
CA SER C 127 -30.14 -41.32 -14.43
C SER C 127 -28.73 -40.86 -14.05
N ASN C 128 -27.73 -41.45 -14.69
CA ASN C 128 -26.34 -41.03 -14.48
C ASN C 128 -25.94 -39.78 -15.25
N ARG C 129 -26.86 -39.24 -16.05
CA ARG C 129 -26.61 -37.96 -16.72
C ARG C 129 -27.79 -37.02 -16.49
N SER C 130 -27.53 -35.72 -16.60
CA SER C 130 -28.59 -34.72 -16.50
C SER C 130 -29.78 -35.04 -17.39
N ILE C 131 -30.96 -34.72 -16.89
CA ILE C 131 -32.21 -34.75 -17.63
C ILE C 131 -32.71 -33.31 -17.77
N ILE C 132 -33.25 -32.98 -18.93
CA ILE C 132 -33.87 -31.67 -19.16
C ILE C 132 -35.36 -31.88 -19.20
N LEU C 133 -36.07 -31.11 -18.39
CA LEU C 133 -37.51 -31.24 -18.27
C LEU C 133 -38.15 -30.18 -19.13
N HIS C 134 -39.13 -30.57 -19.94
CA HIS C 134 -39.86 -29.64 -20.81
C HIS C 134 -41.32 -29.71 -20.48
N GLY C 135 -41.97 -28.55 -20.55
CA GLY C 135 -43.42 -28.51 -20.37
C GLY C 135 -44.11 -28.07 -21.65
N GLU C 136 -45.04 -28.88 -22.14
CA GLU C 136 -45.94 -28.44 -23.19
C GLU C 136 -47.14 -27.78 -22.51
N MSE C 137 -47.44 -26.55 -22.90
CA MSE C 137 -48.61 -25.84 -22.37
C MSE C 137 -49.86 -26.12 -23.22
O MSE C 137 -49.78 -26.72 -24.29
CB MSE C 137 -48.33 -24.35 -22.30
CG MSE C 137 -47.02 -24.01 -21.60
SE MSE C 137 -46.92 -24.70 -19.77
CE MSE C 137 -45.05 -25.01 -19.79
N GLU C 138 -51.01 -25.70 -22.71
CA GLU C 138 -52.28 -25.90 -23.41
C GLU C 138 -52.26 -25.29 -24.80
N ASP C 139 -51.64 -24.11 -24.95
CA ASP C 139 -51.51 -23.46 -26.25
C ASP C 139 -50.59 -24.19 -27.23
N GLY C 140 -49.87 -25.23 -26.80
CA GLY C 140 -48.97 -25.97 -27.68
C GLY C 140 -47.53 -25.54 -27.59
N THR C 141 -47.27 -24.38 -26.98
CA THR C 141 -45.88 -23.94 -26.79
C THR C 141 -45.16 -24.81 -25.74
N ILE C 142 -43.83 -24.78 -25.81
CA ILE C 142 -42.97 -25.59 -24.96
C ILE C 142 -42.12 -24.66 -24.13
N VAL C 143 -42.06 -24.91 -22.83
CA VAL C 143 -41.13 -24.20 -21.97
C VAL C 143 -40.13 -25.23 -21.47
N THR C 144 -38.85 -24.89 -21.60
CA THR C 144 -37.76 -25.79 -21.27
C THR C 144 -37.12 -25.44 -19.94
N GLY C 145 -36.86 -26.45 -19.12
CA GLY C 145 -36.16 -26.26 -17.85
C GLY C 145 -37.11 -26.31 -16.67
N GLU C 146 -36.77 -27.16 -15.72
CA GLU C 146 -37.53 -27.41 -14.51
C GLU C 146 -37.98 -26.14 -13.80
N SER C 147 -37.05 -25.24 -13.54
CA SER C 147 -37.40 -24.06 -12.74
C SER C 147 -38.07 -22.98 -13.57
N SER C 148 -38.01 -23.08 -14.90
CA SER C 148 -38.71 -22.17 -15.82
C SER C 148 -40.19 -22.50 -16.02
N ILE C 149 -40.54 -23.78 -15.95
CA ILE C 149 -41.89 -24.24 -16.30
C ILE C 149 -42.99 -23.56 -15.46
N PRO C 150 -42.82 -23.48 -14.14
CA PRO C 150 -43.81 -22.83 -13.29
C PRO C 150 -43.93 -21.34 -13.51
N LYS C 151 -42.88 -20.72 -14.03
CA LYS C 151 -42.90 -19.28 -14.25
C LYS C 151 -43.59 -18.89 -15.57
N ALA C 152 -44.04 -19.85 -16.37
CA ALA C 152 -44.62 -19.50 -17.68
C ALA C 152 -45.99 -18.83 -17.56
N GLY C 153 -46.63 -18.93 -16.41
CA GLY C 153 -47.99 -18.46 -16.27
C GLY C 153 -48.95 -18.99 -17.33
N LYS C 154 -48.77 -20.24 -17.73
CA LYS C 154 -49.74 -20.91 -18.58
C LYS C 154 -50.06 -22.23 -17.91
N LYS C 155 -51.01 -22.98 -18.46
CA LYS C 155 -51.38 -24.27 -17.88
C LYS C 155 -50.64 -25.41 -18.56
N ILE C 156 -50.01 -26.26 -17.76
CA ILE C 156 -49.29 -27.41 -18.26
C ILE C 156 -50.27 -28.42 -18.83
N LYS C 157 -49.99 -28.90 -20.04
CA LYS C 157 -50.72 -29.99 -20.69
C LYS C 157 -50.00 -31.30 -20.37
N ARG C 158 -48.69 -31.30 -20.56
CA ARG C 158 -47.88 -32.43 -20.19
C ARG C 158 -46.42 -32.05 -20.09
N VAL C 159 -45.64 -32.96 -19.51
CA VAL C 159 -44.20 -32.80 -19.42
C VAL C 159 -43.50 -33.99 -20.12
N PHE C 160 -42.26 -33.78 -20.52
CA PHE C 160 -41.47 -34.83 -21.12
C PHE C 160 -40.00 -34.52 -20.91
N LEU C 161 -39.16 -35.53 -21.13
CA LEU C 161 -37.73 -35.45 -20.85
C LEU C 161 -36.92 -35.51 -22.13
N THR C 162 -35.82 -34.77 -22.19
CA THR C 162 -34.73 -35.06 -23.13
C THR C 162 -33.44 -35.17 -22.32
N PRO C 163 -32.37 -35.74 -22.87
CA PRO C 163 -32.23 -36.50 -24.12
C PRO C 163 -33.17 -37.68 -24.19
N LYS C 164 -33.62 -38.04 -25.38
CA LYS C 164 -34.57 -39.13 -25.52
C LYS C 164 -33.97 -40.45 -25.09
N ASP C 165 -32.65 -40.61 -25.28
CA ASP C 165 -31.91 -41.83 -24.88
C ASP C 165 -31.48 -41.83 -23.43
N THR C 166 -32.12 -41.03 -22.58
CA THR C 166 -31.85 -41.06 -21.16
C THR C 166 -32.11 -42.47 -20.64
N LYS C 167 -31.18 -43.00 -19.87
CA LYS C 167 -31.22 -44.37 -19.36
C LYS C 167 -31.23 -44.31 -17.84
N PRO C 168 -32.00 -45.21 -17.20
CA PRO C 168 -31.92 -45.37 -15.77
C PRO C 168 -30.73 -46.26 -15.44
N LEU C 169 -30.38 -46.35 -14.16
CA LEU C 169 -29.31 -47.24 -13.73
C LEU C 169 -29.84 -48.66 -13.70
N ARG C 170 -29.00 -49.62 -14.08
CA ARG C 170 -29.37 -51.04 -14.01
C ARG C 170 -29.86 -51.35 -12.58
N GLU C 171 -29.13 -50.85 -11.58
CA GLU C 171 -29.50 -51.08 -10.16
C GLU C 171 -30.88 -50.60 -9.82
N GLY C 172 -31.28 -49.50 -10.47
CA GLY C 172 -32.63 -48.98 -10.28
C GLY C 172 -33.69 -49.96 -10.75
N LEU C 173 -33.53 -50.46 -11.96
CA LEU C 173 -34.47 -51.43 -12.52
C LEU C 173 -34.52 -52.72 -11.67
N GLU C 174 -33.35 -53.17 -11.18
CA GLU C 174 -33.34 -54.35 -10.28
C GLU C 174 -34.11 -54.07 -8.98
N ALA C 175 -33.95 -52.88 -8.41
CA ALA C 175 -34.68 -52.49 -7.19
C ALA C 175 -36.19 -52.54 -7.39
N ILE C 176 -36.66 -52.12 -8.56
CA ILE C 176 -38.08 -52.13 -8.84
C ILE C 176 -38.53 -53.58 -8.90
N ARG C 177 -37.75 -54.40 -9.58
CA ARG C 177 -38.04 -55.82 -9.76
C ARG C 177 -38.19 -56.52 -8.41
N LYS C 178 -37.25 -56.27 -7.50
CA LYS C 178 -37.24 -56.85 -6.15
C LYS C 178 -38.18 -56.17 -5.13
N ALA C 179 -38.84 -55.07 -5.49
CA ALA C 179 -39.59 -54.30 -4.50
C ALA C 179 -40.85 -55.04 -4.00
N ASP C 180 -41.09 -54.99 -2.69
CA ASP C 180 -42.36 -55.43 -2.10
C ASP C 180 -43.37 -54.25 -2.05
N VAL C 181 -42.88 -53.04 -1.83
CA VAL C 181 -43.72 -51.85 -1.93
C VAL C 181 -43.04 -50.81 -2.82
N ILE C 182 -43.83 -50.17 -3.69
CA ILE C 182 -43.36 -49.07 -4.54
C ILE C 182 -44.13 -47.82 -4.11
N VAL C 183 -43.39 -46.80 -3.68
CA VAL C 183 -43.95 -45.52 -3.27
C VAL C 183 -43.60 -44.43 -4.28
N ILE C 184 -44.63 -43.73 -4.76
CA ILE C 184 -44.46 -42.60 -5.68
C ILE C 184 -44.77 -41.32 -4.90
N GLY C 185 -43.75 -40.48 -4.77
CA GLY C 185 -43.87 -39.24 -4.01
C GLY C 185 -43.58 -39.41 -2.54
N PRO C 186 -43.82 -38.35 -1.76
CA PRO C 186 -44.42 -37.09 -2.17
C PRO C 186 -43.39 -36.14 -2.81
N GLY C 187 -43.90 -35.20 -3.62
CA GLY C 187 -43.10 -34.19 -4.28
C GLY C 187 -43.94 -33.47 -5.32
N SER C 188 -43.40 -32.44 -5.95
CA SER C 188 -44.10 -31.84 -7.12
C SER C 188 -44.53 -32.89 -8.14
N LEU C 189 -45.76 -32.76 -8.61
CA LEU C 189 -46.28 -33.63 -9.65
C LEU C 189 -45.42 -33.54 -10.89
N TYR C 190 -45.28 -32.32 -11.39
CA TYR C 190 -44.69 -32.10 -12.72
C TYR C 190 -43.17 -31.99 -12.66
N THR C 191 -42.61 -31.61 -11.52
CA THR C 191 -41.17 -31.34 -11.44
C THR C 191 -40.37 -32.31 -10.56
N SER C 192 -41.03 -33.29 -9.93
CA SER C 192 -40.32 -34.38 -9.18
C SER C 192 -40.83 -35.81 -9.42
N VAL C 193 -42.15 -36.02 -9.38
CA VAL C 193 -42.69 -37.35 -9.59
C VAL C 193 -42.59 -37.73 -11.07
N LEU C 194 -43.17 -36.93 -11.94
CA LEU C 194 -43.17 -37.30 -13.35
C LEU C 194 -41.77 -37.43 -13.96
N PRO C 195 -40.86 -36.49 -13.67
CA PRO C 195 -39.47 -36.62 -14.16
C PRO C 195 -38.75 -37.89 -13.74
N ASN C 196 -39.19 -38.51 -12.65
CA ASN C 196 -38.72 -39.83 -12.28
C ASN C 196 -39.42 -40.96 -13.08
N LEU C 197 -40.74 -40.93 -13.11
CA LEU C 197 -41.49 -42.00 -13.76
C LEU C 197 -41.29 -42.06 -15.27
N LEU C 198 -40.95 -40.94 -15.91
CA LEU C 198 -40.82 -40.87 -17.37
C LEU C 198 -39.44 -41.30 -17.89
N VAL C 199 -38.52 -41.64 -17.01
CA VAL C 199 -37.23 -42.17 -17.48
C VAL C 199 -37.52 -43.47 -18.23
N PRO C 200 -37.02 -43.59 -19.47
CA PRO C 200 -37.33 -44.79 -20.27
C PRO C 200 -37.05 -46.11 -19.53
N GLY C 201 -38.04 -46.98 -19.46
CA GLY C 201 -37.90 -48.27 -18.80
C GLY C 201 -38.55 -48.35 -17.43
N ILE C 202 -38.70 -47.20 -16.77
CA ILE C 202 -39.16 -47.19 -15.39
C ILE C 202 -40.63 -47.58 -15.25
N CYS C 203 -41.49 -46.99 -16.06
CA CYS C 203 -42.90 -47.38 -16.07
C CYS C 203 -43.13 -48.84 -16.44
N GLU C 204 -42.35 -49.34 -17.39
CA GLU C 204 -42.46 -50.73 -17.83
C GLU C 204 -42.10 -51.63 -16.65
N ALA C 205 -41.01 -51.31 -15.95
CA ALA C 205 -40.63 -52.05 -14.75
C ALA C 205 -41.70 -52.01 -13.66
N ILE C 206 -42.27 -50.84 -13.42
CA ILE C 206 -43.31 -50.71 -12.40
C ILE C 206 -44.52 -51.56 -12.78
N LYS C 207 -44.91 -51.51 -14.05
CA LYS C 207 -46.08 -52.22 -14.51
C LYS C 207 -45.91 -53.73 -14.33
N GLN C 208 -44.73 -54.24 -14.70
CA GLN C 208 -44.40 -55.67 -14.53
C GLN C 208 -44.39 -56.11 -13.07
N SER C 209 -44.10 -55.19 -12.16
CA SER C 209 -43.96 -55.54 -10.76
C SER C 209 -45.33 -55.87 -10.18
N THR C 210 -45.34 -56.80 -9.23
CA THR C 210 -46.54 -57.16 -8.49
C THR C 210 -46.56 -56.49 -7.10
N ALA C 211 -45.56 -55.65 -6.82
CA ALA C 211 -45.51 -54.93 -5.57
C ALA C 211 -46.72 -54.03 -5.45
N ARG C 212 -47.09 -53.71 -4.23
CA ARG C 212 -48.12 -52.74 -3.99
C ARG C 212 -47.57 -51.35 -4.30
N LYS C 213 -48.35 -50.57 -5.04
CA LYS C 213 -47.91 -49.29 -5.55
C LYS C 213 -48.78 -48.20 -4.96
N VAL C 214 -48.18 -47.36 -4.10
CA VAL C 214 -48.92 -46.30 -3.41
C VAL C 214 -48.43 -44.91 -3.86
N TYR C 215 -49.35 -44.05 -4.26
CA TYR C 215 -49.01 -42.67 -4.63
C TYR C 215 -49.35 -41.75 -3.45
N ILE C 216 -48.34 -41.01 -2.98
CA ILE C 216 -48.56 -40.07 -1.87
C ILE C 216 -48.90 -38.72 -2.48
N CYS C 217 -50.17 -38.37 -2.40
CA CYS C 217 -50.69 -37.23 -3.12
C CYS C 217 -50.27 -35.93 -2.46
N ASN C 218 -50.05 -34.90 -3.26
CA ASN C 218 -49.71 -33.58 -2.75
C ASN C 218 -50.81 -33.04 -1.86
N VAL C 219 -50.42 -32.37 -0.78
CA VAL C 219 -51.37 -31.77 0.17
C VAL C 219 -51.78 -30.36 -0.26
N MSE C 220 -50.91 -29.69 -0.99
CA MSE C 220 -51.15 -28.33 -1.45
C MSE C 220 -50.87 -28.22 -2.94
O MSE C 220 -49.97 -28.89 -3.46
CB MSE C 220 -50.22 -27.37 -0.71
CG MSE C 220 -50.52 -27.23 0.78
SE MSE C 220 -52.13 -26.17 1.04
CE MSE C 220 -51.50 -24.59 0.47
N THR C 221 -51.63 -27.36 -3.63
CA THR C 221 -51.35 -27.04 -5.02
C THR C 221 -50.06 -26.18 -5.09
N GLN C 222 -49.52 -26.03 -6.28
CA GLN C 222 -48.34 -25.20 -6.52
C GLN C 222 -48.60 -24.29 -7.68
N ASN C 223 -48.37 -23.01 -7.48
CA ASN C 223 -48.67 -22.01 -8.49
C ASN C 223 -47.86 -22.26 -9.74
N GLY C 224 -48.54 -22.22 -10.88
CA GLY C 224 -47.90 -22.44 -12.18
C GLY C 224 -47.68 -23.90 -12.55
N GLU C 225 -48.09 -24.81 -11.69
CA GLU C 225 -47.91 -26.24 -11.91
C GLU C 225 -49.25 -26.96 -11.76
N THR C 226 -49.86 -26.83 -10.58
CA THR C 226 -51.06 -27.60 -10.25
C THR C 226 -52.21 -26.71 -9.76
N ASP C 227 -52.31 -25.49 -10.28
CA ASP C 227 -53.38 -24.57 -9.89
C ASP C 227 -54.73 -25.22 -10.03
N GLY C 228 -55.49 -25.26 -8.95
CA GLY C 228 -56.86 -25.79 -8.99
C GLY C 228 -56.99 -27.31 -9.06
N TYR C 229 -55.88 -28.03 -9.00
CA TYR C 229 -55.94 -29.49 -9.07
C TYR C 229 -56.62 -30.10 -7.84
N THR C 230 -57.52 -31.04 -8.08
CA THR C 230 -58.02 -31.94 -7.02
C THR C 230 -57.07 -33.13 -6.87
N ALA C 231 -57.35 -34.04 -5.96
CA ALA C 231 -56.54 -35.25 -5.85
C ALA C 231 -56.68 -36.07 -7.13
N SER C 232 -57.90 -36.16 -7.69
CA SER C 232 -58.11 -36.94 -8.92
C SER C 232 -57.34 -36.33 -10.09
N ASP C 233 -57.24 -35.01 -10.13
CA ASP C 233 -56.45 -34.33 -11.16
C ASP C 233 -54.98 -34.74 -11.14
N HIS C 234 -54.42 -34.90 -9.93
CA HIS C 234 -53.04 -35.38 -9.80
C HIS C 234 -52.90 -36.82 -10.32
N LEU C 235 -53.79 -37.71 -9.89
CA LEU C 235 -53.70 -39.12 -10.27
C LEU C 235 -53.89 -39.28 -11.78
N GLN C 236 -54.87 -38.53 -12.31
CA GLN C 236 -55.18 -38.52 -13.73
C GLN C 236 -53.94 -38.17 -14.53
N ALA C 237 -53.21 -37.17 -14.07
CA ALA C 237 -52.02 -36.71 -14.76
C ALA C 237 -50.97 -37.81 -14.79
N ILE C 238 -50.84 -38.54 -13.68
CA ILE C 238 -49.88 -39.66 -13.64
C ILE C 238 -50.29 -40.71 -14.65
N MSE C 239 -51.58 -41.00 -14.68
CA MSE C 239 -52.07 -42.02 -15.57
C MSE C 239 -52.01 -41.60 -17.03
O MSE C 239 -51.65 -42.41 -17.86
CB MSE C 239 -53.44 -42.46 -15.13
CG MSE C 239 -53.31 -43.27 -13.84
SE MSE C 239 -55.01 -43.88 -13.26
CE MSE C 239 -54.52 -45.37 -11.94
N ASP C 240 -52.32 -40.34 -17.34
CA ASP C 240 -52.14 -39.80 -18.70
C ASP C 240 -50.69 -39.93 -19.18
N HIS C 241 -49.72 -39.75 -18.31
CA HIS C 241 -48.33 -39.82 -18.72
C HIS C 241 -47.77 -41.24 -18.70
N CYS C 242 -48.33 -42.13 -17.88
CA CYS C 242 -47.68 -43.43 -17.57
C CYS C 242 -48.52 -44.67 -17.80
N GLY C 243 -49.80 -44.51 -18.05
CA GLY C 243 -50.67 -45.65 -18.29
C GLY C 243 -51.04 -46.42 -17.05
N VAL C 244 -51.38 -47.68 -17.25
CA VAL C 244 -51.97 -48.52 -16.20
C VAL C 244 -50.90 -49.32 -15.48
N GLY C 245 -51.24 -49.78 -14.28
CA GLY C 245 -50.36 -50.62 -13.49
C GLY C 245 -49.26 -49.86 -12.75
N ILE C 246 -49.46 -48.55 -12.57
CA ILE C 246 -48.47 -47.70 -11.92
C ILE C 246 -48.87 -47.37 -10.50
N VAL C 247 -50.15 -47.04 -10.29
CA VAL C 247 -50.69 -46.76 -8.97
C VAL C 247 -51.85 -47.70 -8.60
N ASP C 248 -51.73 -48.38 -7.46
CA ASP C 248 -52.81 -49.19 -6.90
C ASP C 248 -53.64 -48.39 -5.91
N ASP C 249 -52.99 -47.72 -4.97
CA ASP C 249 -53.65 -46.90 -3.96
C ASP C 249 -53.13 -45.48 -3.94
N ILE C 250 -54.01 -44.52 -3.63
CA ILE C 250 -53.63 -43.12 -3.44
C ILE C 250 -53.79 -42.77 -1.94
N LEU C 251 -52.72 -42.20 -1.37
CA LEU C 251 -52.68 -41.77 0.04
C LEU C 251 -52.90 -40.27 0.09
N VAL C 252 -53.97 -39.86 0.79
CA VAL C 252 -54.39 -38.47 0.81
C VAL C 252 -54.66 -37.98 2.23
N HIS C 253 -54.38 -36.69 2.45
CA HIS C 253 -54.70 -36.03 3.69
C HIS C 253 -56.14 -35.53 3.58
N GLY C 254 -57.08 -36.28 4.15
CA GLY C 254 -58.51 -35.96 4.00
C GLY C 254 -59.11 -35.12 5.12
N GLU C 255 -58.27 -34.56 5.97
CA GLU C 255 -58.73 -33.79 7.11
C GLU C 255 -58.35 -32.34 6.89
N PRO C 256 -58.89 -31.42 7.71
CA PRO C 256 -58.62 -30.01 7.44
C PRO C 256 -57.25 -29.54 7.87
N ILE C 257 -56.98 -28.28 7.59
CA ILE C 257 -55.68 -27.66 7.78
C ILE C 257 -55.92 -26.34 8.53
N SER C 258 -55.02 -25.99 9.45
CA SER C 258 -55.18 -24.78 10.25
C SER C 258 -55.37 -23.57 9.33
N ASP C 259 -56.12 -22.58 9.79
CA ASP C 259 -56.42 -21.40 8.99
C ASP C 259 -55.18 -20.55 8.79
N THR C 260 -54.28 -20.57 9.78
CA THR C 260 -53.01 -19.85 9.68
C THR C 260 -52.12 -20.39 8.56
N VAL C 261 -52.04 -21.71 8.47
CA VAL C 261 -51.28 -22.38 7.42
C VAL C 261 -51.93 -22.08 6.06
N LYS C 262 -53.24 -22.29 5.93
CA LYS C 262 -53.94 -21.94 4.67
C LYS C 262 -53.58 -20.53 4.24
N ALA C 263 -53.58 -19.61 5.19
CA ALA C 263 -53.36 -18.21 4.90
C ALA C 263 -51.95 -17.99 4.40
N LYS C 264 -50.99 -18.62 5.07
CA LYS C 264 -49.60 -18.48 4.68
C LYS C 264 -49.39 -19.03 3.27
N TYR C 265 -49.96 -20.20 2.97
CA TYR C 265 -49.85 -20.77 1.62
C TYR C 265 -50.61 -19.97 0.55
N ALA C 266 -51.72 -19.36 0.91
CA ALA C 266 -52.46 -18.52 -0.03
C ALA C 266 -51.63 -17.33 -0.52
N LYS C 267 -50.69 -16.85 0.29
CA LYS C 267 -49.80 -15.78 -0.15
C LYS C 267 -48.94 -16.21 -1.34
N GLU C 268 -48.72 -17.51 -1.51
CA GLU C 268 -48.01 -18.03 -2.65
C GLU C 268 -48.93 -18.67 -3.69
N LYS C 269 -50.20 -18.27 -3.67
CA LYS C 269 -51.23 -18.84 -4.55
C LYS C 269 -51.25 -20.37 -4.53
N ALA C 270 -51.00 -20.96 -3.37
CA ALA C 270 -51.10 -22.37 -3.16
C ALA C 270 -52.32 -22.62 -2.29
N GLU C 271 -53.08 -23.68 -2.57
CA GLU C 271 -54.24 -24.01 -1.76
C GLU C 271 -54.38 -25.52 -1.53
N PRO C 272 -55.14 -25.92 -0.52
CA PRO C 272 -55.30 -27.34 -0.26
C PRO C 272 -55.86 -28.15 -1.42
N VAL C 273 -55.34 -29.36 -1.57
CA VAL C 273 -55.77 -30.26 -2.61
C VAL C 273 -57.07 -30.94 -2.16
N ILE C 274 -58.19 -30.56 -2.80
CA ILE C 274 -59.48 -31.16 -2.45
C ILE C 274 -59.47 -32.66 -2.76
N VAL C 275 -59.88 -33.47 -1.79
CA VAL C 275 -59.93 -34.91 -1.97
C VAL C 275 -61.32 -35.28 -2.49
N ASP C 276 -61.41 -35.66 -3.77
CA ASP C 276 -62.67 -35.97 -4.43
C ASP C 276 -62.79 -37.50 -4.56
N GLU C 277 -63.38 -38.12 -3.55
CA GLU C 277 -63.40 -39.57 -3.42
C GLU C 277 -64.14 -40.29 -4.53
N HIS C 278 -65.24 -39.71 -5.01
CA HIS C 278 -66.03 -40.33 -6.07
C HIS C 278 -65.16 -40.47 -7.29
N LYS C 279 -64.51 -39.39 -7.69
CA LYS C 279 -63.66 -39.40 -8.87
C LYS C 279 -62.43 -40.29 -8.73
N LEU C 280 -61.86 -40.39 -7.51
CA LEU C 280 -60.74 -41.29 -7.27
C LEU C 280 -61.18 -42.75 -7.45
N LYS C 281 -62.33 -43.11 -6.88
CA LYS C 281 -62.87 -44.46 -6.99
C LYS C 281 -63.05 -44.81 -8.46
N ALA C 282 -63.63 -43.86 -9.20
CA ALA C 282 -63.83 -44.00 -10.63
C ALA C 282 -62.53 -44.28 -11.38
N LEU C 283 -61.40 -43.75 -10.90
CA LEU C 283 -60.11 -44.05 -11.56
C LEU C 283 -59.58 -45.45 -11.21
N GLY C 284 -60.28 -46.14 -10.33
CA GLY C 284 -60.01 -47.56 -10.08
C GLY C 284 -58.96 -47.84 -9.02
N VAL C 285 -58.61 -46.84 -8.20
CA VAL C 285 -57.59 -47.03 -7.14
C VAL C 285 -58.22 -47.00 -5.77
N GLY C 286 -57.56 -47.62 -4.81
CA GLY C 286 -57.94 -47.51 -3.41
C GLY C 286 -57.51 -46.17 -2.81
N THR C 287 -58.23 -45.73 -1.78
CA THR C 287 -57.94 -44.47 -1.10
C THR C 287 -57.58 -44.73 0.35
N ILE C 288 -56.39 -44.30 0.76
CA ILE C 288 -55.96 -44.32 2.14
C ILE C 288 -56.05 -42.89 2.67
N SER C 289 -57.07 -42.57 3.43
CA SER C 289 -57.28 -41.21 3.91
C SER C 289 -57.17 -41.13 5.42
N ASP C 290 -56.42 -40.15 5.92
CA ASP C 290 -56.22 -39.97 7.37
C ASP C 290 -55.64 -38.58 7.64
N TYR C 291 -55.31 -38.26 8.91
CA TYR C 291 -54.48 -37.07 9.24
C TYR C 291 -53.06 -37.48 8.97
N PHE C 292 -52.49 -36.97 7.89
CA PHE C 292 -51.17 -37.38 7.46
C PHE C 292 -50.17 -36.24 7.44
N VAL C 293 -50.57 -35.03 7.84
CA VAL C 293 -49.66 -33.88 7.81
C VAL C 293 -49.40 -33.31 9.20
N LEU C 294 -48.25 -32.67 9.36
CA LEU C 294 -47.93 -31.88 10.54
C LEU C 294 -47.57 -30.48 10.07
N GLU C 295 -47.65 -29.52 10.99
CA GLU C 295 -47.24 -28.13 10.72
C GLU C 295 -45.94 -27.90 11.48
N GLN C 296 -44.89 -27.49 10.78
CA GLN C 296 -43.58 -27.40 11.43
C GLN C 296 -43.38 -25.95 11.93
N ASP C 297 -42.78 -25.10 11.09
CA ASP C 297 -42.67 -23.67 11.38
C ASP C 297 -43.61 -22.90 10.43
N ASP C 298 -44.89 -23.22 10.57
CA ASP C 298 -45.93 -22.78 9.65
C ASP C 298 -45.74 -23.38 8.22
N VAL C 299 -44.93 -24.44 8.11
CA VAL C 299 -44.78 -25.18 6.85
C VAL C 299 -45.52 -26.53 6.99
N LEU C 300 -45.99 -27.06 5.87
CA LEU C 300 -46.87 -28.22 5.92
C LEU C 300 -46.13 -29.43 5.37
N ARG C 301 -45.83 -30.40 6.24
CA ARG C 301 -45.09 -31.61 5.84
C ARG C 301 -45.83 -32.84 6.25
N HIS C 302 -45.61 -33.93 5.51
CA HIS C 302 -46.15 -35.21 5.86
C HIS C 302 -45.56 -35.71 7.18
N ASN C 303 -46.38 -36.47 7.89
CA ASN C 303 -45.98 -37.16 9.10
C ASN C 303 -45.39 -38.47 8.63
N ALA C 304 -44.06 -38.52 8.58
CA ALA C 304 -43.33 -39.68 8.03
C ALA C 304 -43.77 -40.97 8.70
N SER C 305 -43.94 -40.92 10.01
CA SER C 305 -44.26 -42.12 10.76
C SER C 305 -45.65 -42.70 10.43
N LYS C 306 -46.67 -41.86 10.47
CA LYS C 306 -48.01 -42.29 10.10
C LYS C 306 -48.06 -42.78 8.65
N VAL C 307 -47.44 -42.03 7.73
CA VAL C 307 -47.42 -42.40 6.31
C VAL C 307 -46.70 -43.72 6.10
N SER C 308 -45.51 -43.86 6.70
CA SER C 308 -44.75 -45.11 6.58
C SER C 308 -45.57 -46.30 7.03
N GLU C 309 -46.25 -46.12 8.15
CA GLU C 309 -47.04 -47.18 8.75
C GLU C 309 -48.23 -47.56 7.90
N ALA C 310 -48.88 -46.56 7.30
CA ALA C 310 -50.02 -46.80 6.43
C ALA C 310 -49.60 -47.52 5.13
N ILE C 311 -48.43 -47.20 4.58
CA ILE C 311 -48.00 -47.87 3.36
C ILE C 311 -47.42 -49.26 3.61
N LEU C 312 -47.14 -49.58 4.87
CA LEU C 312 -46.51 -50.86 5.19
C LEU C 312 -47.48 -51.84 5.85
N GLU C 313 -48.45 -51.31 6.62
CA GLU C 313 -49.36 -52.14 7.43
C GLU C 313 -50.80 -51.65 7.27
N MSE D 2 14.49 -45.50 19.54
CA MSE D 2 13.07 -45.79 19.22
C MSE D 2 12.13 -45.72 20.43
O MSE D 2 11.11 -46.41 20.48
CB MSE D 2 12.95 -47.17 18.57
CG MSE D 2 13.52 -47.25 17.15
SE MSE D 2 12.31 -46.48 15.83
CE MSE D 2 11.30 -48.02 15.15
N LYS D 3 12.43 -44.86 21.40
CA LYS D 3 11.50 -44.64 22.51
C LYS D 3 10.52 -43.49 22.17
N LYS D 4 9.23 -43.71 22.47
CA LYS D 4 8.18 -42.71 22.20
C LYS D 4 8.55 -41.34 22.79
N LYS D 5 8.56 -40.35 21.92
CA LYS D 5 8.93 -38.95 22.19
C LYS D 5 7.86 -37.96 21.71
N ASN D 6 7.69 -36.86 22.44
CA ASN D 6 6.85 -35.75 21.99
C ASN D 6 7.62 -34.80 21.08
N VAL D 7 7.11 -34.62 19.85
CA VAL D 7 7.74 -33.77 18.86
C VAL D 7 6.77 -32.68 18.40
N ILE D 8 7.25 -31.44 18.43
CA ILE D 8 6.49 -30.33 17.89
C ILE D 8 7.21 -29.81 16.68
N VAL D 9 6.47 -29.62 15.59
CA VAL D 9 7.04 -29.13 14.32
C VAL D 9 6.34 -27.84 13.88
N PHE D 10 7.16 -26.84 13.52
CA PHE D 10 6.71 -25.55 12.99
C PHE D 10 6.95 -25.45 11.49
N GLY D 11 5.91 -25.17 10.71
CA GLY D 11 6.11 -24.98 9.28
C GLY D 11 4.87 -24.50 8.55
N GLY D 12 4.89 -24.65 7.24
CA GLY D 12 3.79 -24.16 6.44
C GLY D 12 3.25 -25.19 5.49
N GLY D 13 3.69 -25.11 4.25
CA GLY D 13 3.05 -25.82 3.17
C GLY D 13 3.67 -27.16 2.90
N THR D 14 4.53 -27.21 1.89
CA THR D 14 4.86 -28.49 1.33
C THR D 14 5.95 -29.17 2.14
N GLY D 15 6.90 -28.39 2.65
CA GLY D 15 7.99 -28.93 3.46
C GLY D 15 7.50 -29.61 4.71
N LEU D 16 6.57 -28.96 5.40
CA LEU D 16 5.99 -29.57 6.57
C LEU D 16 5.22 -30.86 6.23
N SER D 17 4.46 -30.82 5.15
CA SER D 17 3.68 -31.96 4.70
C SER D 17 4.54 -33.15 4.33
N VAL D 18 5.59 -32.91 3.56
CA VAL D 18 6.48 -33.97 3.18
C VAL D 18 7.09 -34.62 4.42
N LEU D 19 7.56 -33.80 5.36
CA LEU D 19 8.18 -34.33 6.57
C LEU D 19 7.16 -35.14 7.37
N LEU D 20 5.98 -34.58 7.59
CA LEU D 20 5.01 -35.20 8.49
C LEU D 20 4.55 -36.59 7.98
N ARG D 21 4.44 -36.72 6.67
CA ARG D 21 4.00 -37.97 6.08
C ARG D 21 4.92 -39.14 6.49
N GLY D 22 6.23 -38.88 6.57
CA GLY D 22 7.20 -39.85 7.10
C GLY D 22 7.27 -39.92 8.64
N LEU D 23 7.37 -38.78 9.29
CA LEU D 23 7.55 -38.73 10.75
C LEU D 23 6.42 -39.45 11.46
N LYS D 24 5.23 -39.49 10.88
CA LYS D 24 4.08 -40.13 11.54
C LYS D 24 4.21 -41.66 11.65
N THR D 25 5.09 -42.26 10.86
CA THR D 25 5.36 -43.68 10.94
C THR D 25 6.36 -44.05 12.05
N PHE D 26 6.99 -43.06 12.69
CA PHE D 26 7.93 -43.31 13.78
C PHE D 26 7.15 -43.40 15.09
N PRO D 27 7.78 -43.93 16.16
CA PRO D 27 7.16 -43.89 17.49
C PRO D 27 7.26 -42.52 18.13
N VAL D 28 6.40 -41.60 17.71
CA VAL D 28 6.42 -40.21 18.17
C VAL D 28 5.01 -39.66 18.28
N SER D 29 4.79 -38.73 19.21
CA SER D 29 3.54 -37.99 19.25
C SER D 29 3.79 -36.63 18.67
N ILE D 30 3.11 -36.35 17.55
CA ILE D 30 3.36 -35.15 16.75
C ILE D 30 2.39 -34.06 17.10
N THR D 31 2.91 -32.84 17.28
CA THR D 31 2.12 -31.63 17.26
C THR D 31 2.66 -30.77 16.15
N ALA D 32 1.81 -30.39 15.22
CA ALA D 32 2.23 -29.55 14.10
C ALA D 32 1.56 -28.19 14.28
N ILE D 33 2.36 -27.14 14.23
CA ILE D 33 1.84 -25.79 14.33
C ILE D 33 2.03 -25.09 12.99
N VAL D 34 0.90 -24.69 12.41
CA VAL D 34 0.85 -24.28 11.01
C VAL D 34 0.60 -22.78 10.89
N THR D 35 1.43 -22.12 10.08
CA THR D 35 1.30 -20.70 9.83
C THR D 35 -0.08 -20.36 9.31
N VAL D 36 -0.63 -19.24 9.81
CA VAL D 36 -1.88 -18.70 9.34
C VAL D 36 -1.69 -17.28 8.78
N ALA D 37 -0.52 -17.03 8.16
CA ALA D 37 -0.20 -15.74 7.57
C ALA D 37 -0.32 -15.68 6.04
N ASP D 38 -0.52 -16.82 5.38
CA ASP D 38 -0.52 -16.84 3.90
C ASP D 38 -1.72 -16.04 3.37
N ASP D 39 -1.59 -15.44 2.20
CA ASP D 39 -2.71 -14.70 1.64
C ASP D 39 -2.86 -14.85 0.10
N GLY D 40 -2.17 -15.83 -0.48
CA GLY D 40 -2.28 -16.15 -1.91
C GLY D 40 -3.24 -17.29 -2.21
N GLY D 41 -3.57 -17.42 -3.50
CA GLY D 41 -4.36 -18.53 -4.01
C GLY D 41 -5.78 -18.63 -3.48
N SER D 42 -6.32 -19.86 -3.53
CA SER D 42 -7.62 -20.18 -2.97
C SER D 42 -7.66 -19.78 -1.49
N SER D 43 -6.66 -20.23 -0.76
CA SER D 43 -6.51 -19.93 0.67
C SER D 43 -6.67 -18.45 0.94
N GLY D 44 -6.01 -17.63 0.15
CA GLY D 44 -6.12 -16.18 0.27
C GLY D 44 -7.49 -15.62 -0.04
N ARG D 45 -8.12 -16.07 -1.12
CA ARG D 45 -9.45 -15.53 -1.49
C ARG D 45 -10.44 -15.84 -0.37
N LEU D 46 -10.38 -17.06 0.17
CA LEU D 46 -11.30 -17.48 1.21
C LEU D 46 -11.06 -16.67 2.47
N ARG D 47 -9.77 -16.45 2.76
CA ARG D 47 -9.35 -15.63 3.89
C ARG D 47 -10.02 -14.27 3.82
N LYS D 48 -9.80 -13.53 2.72
CA LYS D 48 -10.39 -12.19 2.55
C LYS D 48 -11.90 -12.29 2.52
N GLU D 49 -12.48 -13.17 1.71
CA GLU D 49 -13.92 -13.16 1.45
C GLU D 49 -14.79 -13.75 2.57
N LEU D 50 -14.28 -14.74 3.30
CA LEU D 50 -15.06 -15.34 4.40
C LEU D 50 -14.62 -14.85 5.79
N ASP D 51 -13.57 -14.02 5.83
CA ASP D 51 -13.00 -13.58 7.09
C ASP D 51 -12.57 -14.73 8.03
N ILE D 52 -11.83 -15.69 7.49
CA ILE D 52 -11.30 -16.78 8.29
C ILE D 52 -9.78 -16.76 8.12
N PRO D 53 -9.06 -17.52 8.96
CA PRO D 53 -7.65 -17.75 8.69
C PRO D 53 -7.45 -18.58 7.43
N PRO D 54 -6.31 -18.39 6.76
CA PRO D 54 -6.08 -19.12 5.52
C PRO D 54 -6.00 -20.63 5.82
N PRO D 55 -6.85 -21.45 5.18
CA PRO D 55 -6.91 -22.88 5.47
C PRO D 55 -5.94 -23.79 4.71
N GLY D 56 -5.25 -23.26 3.72
CA GLY D 56 -4.49 -24.08 2.79
C GLY D 56 -3.36 -24.91 3.35
N ASP D 57 -2.46 -24.29 4.09
CA ASP D 57 -1.35 -25.02 4.67
C ASP D 57 -1.87 -26.06 5.65
N VAL D 58 -2.85 -25.69 6.47
CA VAL D 58 -3.50 -26.64 7.40
C VAL D 58 -4.09 -27.85 6.65
N ARG D 59 -4.72 -27.58 5.51
CA ARG D 59 -5.35 -28.62 4.72
C ARG D 59 -4.31 -29.66 4.30
N ASN D 60 -3.18 -29.19 3.81
CA ASN D 60 -2.13 -30.08 3.39
C ASN D 60 -1.55 -30.88 4.53
N VAL D 61 -1.39 -30.25 5.68
CA VAL D 61 -0.87 -30.91 6.86
C VAL D 61 -1.84 -32.01 7.30
N LEU D 62 -3.12 -31.72 7.27
CA LEU D 62 -4.14 -32.71 7.63
C LEU D 62 -4.11 -33.91 6.69
N VAL D 63 -3.95 -33.65 5.40
CA VAL D 63 -3.86 -34.74 4.42
C VAL D 63 -2.60 -35.59 4.66
N ALA D 64 -1.46 -34.96 4.92
CA ALA D 64 -0.23 -35.68 5.22
C ALA D 64 -0.37 -36.59 6.44
N LEU D 65 -1.17 -36.19 7.41
CA LEU D 65 -1.31 -36.96 8.63
C LEU D 65 -2.49 -37.92 8.61
N SER D 66 -3.35 -37.79 7.60
CA SER D 66 -4.59 -38.59 7.50
C SER D 66 -4.32 -40.07 7.32
N GLU D 67 -5.33 -40.88 7.68
CA GLU D 67 -5.35 -42.33 7.44
C GLU D 67 -6.74 -42.71 6.93
N VAL D 68 -6.99 -42.41 5.68
CA VAL D 68 -8.29 -42.66 5.06
C VAL D 68 -8.10 -43.30 3.69
N GLU D 69 -9.18 -43.82 3.12
CA GLU D 69 -9.17 -44.41 1.78
C GLU D 69 -8.65 -43.41 0.74
N PRO D 70 -7.89 -43.91 -0.24
CA PRO D 70 -7.34 -43.03 -1.30
C PRO D 70 -8.37 -42.11 -1.96
N LEU D 71 -9.60 -42.59 -2.06
CA LEU D 71 -10.65 -41.79 -2.69
C LEU D 71 -11.01 -40.55 -1.84
N LEU D 72 -11.13 -40.72 -0.52
CA LEU D 72 -11.46 -39.60 0.37
C LEU D 72 -10.30 -38.61 0.41
N GLU D 73 -9.08 -39.11 0.27
CA GLU D 73 -7.90 -38.25 0.25
C GLU D 73 -7.87 -37.40 -1.01
N GLN D 74 -8.30 -37.98 -2.14
CA GLN D 74 -8.39 -37.23 -3.40
C GLN D 74 -9.52 -36.22 -3.33
N LEU D 75 -10.60 -36.57 -2.64
CA LEU D 75 -11.74 -35.66 -2.52
C LEU D 75 -11.32 -34.41 -1.76
N PHE D 76 -10.59 -34.64 -0.68
CA PHE D 76 -10.08 -33.56 0.14
C PHE D 76 -9.11 -32.65 -0.62
N GLN D 77 -8.37 -33.22 -1.57
CA GLN D 77 -7.39 -32.47 -2.37
C GLN D 77 -7.96 -31.96 -3.70
N HIS D 78 -9.23 -32.23 -3.97
CA HIS D 78 -9.86 -31.82 -5.22
C HIS D 78 -9.86 -30.31 -5.43
N ARG D 79 -9.52 -29.89 -6.63
CA ARG D 79 -9.51 -28.48 -6.99
C ARG D 79 -10.43 -28.24 -8.18
N PHE D 80 -11.45 -27.39 -8.00
CA PHE D 80 -12.39 -27.07 -9.06
C PHE D 80 -11.71 -26.29 -10.18
N GLU D 81 -11.97 -26.70 -11.42
CA GLU D 81 -11.40 -26.05 -12.61
C GLU D 81 -12.43 -25.20 -13.34
N ASN D 82 -13.72 -25.34 -13.01
CA ASN D 82 -14.75 -24.49 -13.60
C ASN D 82 -15.69 -23.91 -12.52
N GLY D 83 -16.51 -22.92 -12.90
CA GLY D 83 -17.35 -22.14 -11.98
C GLY D 83 -16.85 -20.71 -11.87
N GLY D 85 -15.98 -18.11 -10.24
CA GLY D 85 -16.34 -18.06 -8.81
C GLY D 85 -15.78 -19.22 -7.99
N LEU D 86 -16.11 -20.43 -8.41
CA LEU D 86 -15.65 -21.66 -7.76
C LEU D 86 -14.24 -22.02 -8.21
N SER D 87 -13.92 -21.66 -9.46
CA SER D 87 -12.72 -22.15 -10.11
C SER D 87 -11.45 -21.75 -9.34
N GLY D 88 -10.54 -22.71 -9.19
CA GLY D 88 -9.36 -22.47 -8.40
C GLY D 88 -9.45 -22.95 -6.95
N HIS D 89 -10.64 -23.06 -6.40
CA HIS D 89 -10.77 -23.43 -4.98
C HIS D 89 -10.59 -24.92 -4.69
N SER D 90 -9.94 -25.20 -3.56
CA SER D 90 -9.70 -26.56 -3.13
C SER D 90 -10.88 -26.94 -2.26
N LEU D 91 -11.44 -28.12 -2.51
CA LEU D 91 -12.60 -28.59 -1.75
C LEU D 91 -12.24 -28.72 -0.25
N GLY D 92 -11.03 -29.19 0.06
CA GLY D 92 -10.55 -29.29 1.42
C GLY D 92 -10.48 -27.95 2.15
N ASN D 93 -10.08 -26.90 1.45
CA ASN D 93 -10.21 -25.52 1.97
C ASN D 93 -11.67 -25.18 2.29
N LEU D 94 -12.58 -25.50 1.38
CA LEU D 94 -13.98 -25.16 1.56
C LEU D 94 -14.58 -25.95 2.72
N LEU D 95 -14.17 -27.20 2.89
CA LEU D 95 -14.57 -27.99 4.04
C LEU D 95 -14.14 -27.34 5.36
N LEU D 96 -12.87 -26.94 5.45
CA LEU D 96 -12.37 -26.23 6.64
C LEU D 96 -13.08 -24.90 6.82
N ALA D 97 -13.32 -24.16 5.74
CA ALA D 97 -14.07 -22.91 5.81
C ALA D 97 -15.43 -23.11 6.46
N GLY D 98 -16.13 -24.15 6.00
CA GLY D 98 -17.45 -24.44 6.48
C GLY D 98 -17.47 -24.83 7.94
N MSE D 99 -16.56 -25.73 8.30
CA MSE D 99 -16.46 -26.15 9.69
C MSE D 99 -16.11 -24.98 10.62
O MSE D 99 -16.65 -24.89 11.72
CB MSE D 99 -15.41 -27.27 9.81
CG MSE D 99 -15.36 -27.91 11.16
SE MSE D 99 -16.91 -28.97 11.55
CE MSE D 99 -16.13 -30.73 10.89
N THR D 100 -15.23 -24.08 10.17
CA THR D 100 -14.88 -22.88 10.91
C THR D 100 -16.06 -21.93 11.08
N SER D 101 -16.90 -21.78 10.06
CA SER D 101 -18.10 -20.95 10.15
C SER D 101 -19.06 -21.54 11.19
N ILE D 102 -19.23 -22.86 11.15
CA ILE D 102 -20.15 -23.53 12.04
C ILE D 102 -19.72 -23.37 13.51
N THR D 103 -18.46 -23.67 13.79
CA THR D 103 -17.95 -23.60 15.16
C THR D 103 -17.53 -22.20 15.57
N GLY D 104 -17.42 -21.28 14.62
CA GLY D 104 -16.90 -19.95 14.89
C GLY D 104 -15.47 -19.96 15.43
N ASP D 105 -14.72 -21.03 15.15
CA ASP D 105 -13.44 -21.30 15.82
C ASP D 105 -12.54 -22.21 14.95
N PHE D 106 -11.49 -21.63 14.36
CA PHE D 106 -10.64 -22.33 13.38
C PHE D 106 -10.00 -23.57 13.97
N ALA D 107 -9.46 -23.45 15.18
CA ALA D 107 -8.83 -24.57 15.88
C ALA D 107 -9.81 -25.71 16.18
N ARG D 108 -11.05 -25.41 16.56
CA ARG D 108 -12.06 -26.48 16.79
C ARG D 108 -12.42 -27.09 15.44
N GLY D 109 -12.47 -26.29 14.39
CA GLY D 109 -12.73 -26.80 13.06
C GLY D 109 -11.67 -27.79 12.59
N ILE D 110 -10.41 -27.43 12.83
CA ILE D 110 -9.26 -28.28 12.48
C ILE D 110 -9.33 -29.59 13.25
N SER D 111 -9.71 -29.51 14.52
CA SER D 111 -9.83 -30.68 15.36
C SER D 111 -10.96 -31.64 14.89
N GLU D 112 -12.08 -31.07 14.46
CA GLU D 112 -13.18 -31.89 13.92
C GLU D 112 -12.78 -32.59 12.62
N MSE D 113 -12.11 -31.87 11.72
CA MSE D 113 -11.61 -32.48 10.50
C MSE D 113 -10.56 -33.56 10.79
O MSE D 113 -10.48 -34.54 10.06
CB MSE D 113 -10.98 -31.41 9.60
CG MSE D 113 -11.23 -31.61 8.14
SE MSE D 113 -13.16 -31.60 7.75
CE MSE D 113 -13.33 -29.68 7.39
N SER D 114 -9.78 -33.37 11.86
CA SER D 114 -8.77 -34.36 12.24
C SER D 114 -9.42 -35.72 12.57
N LYS D 115 -10.52 -35.67 13.31
CA LYS D 115 -11.28 -36.86 13.61
C LYS D 115 -11.80 -37.49 12.33
N VAL D 116 -12.43 -36.70 11.48
CA VAL D 116 -12.96 -37.22 10.23
C VAL D 116 -11.86 -37.84 9.36
N LEU D 117 -10.66 -37.30 9.38
CA LEU D 117 -9.57 -37.79 8.56
C LEU D 117 -8.67 -38.82 9.30
N ASN D 118 -9.10 -39.28 10.48
CA ASN D 118 -8.32 -40.20 11.30
C ASN D 118 -6.88 -39.77 11.48
N VAL D 119 -6.67 -38.49 11.79
CA VAL D 119 -5.31 -37.95 11.90
C VAL D 119 -4.78 -38.44 13.24
N ARG D 120 -3.63 -39.06 13.33
CA ARG D 120 -3.06 -39.11 14.69
C ARG D 120 -1.94 -38.08 14.69
N GLY D 121 -2.14 -37.22 15.67
CA GLY D 121 -1.31 -36.07 15.92
C GLY D 121 -2.24 -34.92 16.18
N LYS D 122 -1.71 -33.86 16.76
CA LYS D 122 -2.49 -32.68 17.03
C LYS D 122 -2.01 -31.64 16.02
N VAL D 123 -2.95 -31.12 15.21
CA VAL D 123 -2.68 -30.06 14.26
C VAL D 123 -3.26 -28.76 14.81
N LEU D 124 -2.40 -27.77 14.98
CA LEU D 124 -2.79 -26.50 15.54
C LEU D 124 -2.44 -25.33 14.61
N PRO D 125 -3.33 -24.35 14.49
CA PRO D 125 -2.94 -23.11 13.80
C PRO D 125 -2.05 -22.27 14.70
N ALA D 126 -1.13 -21.51 14.10
CA ALA D 126 -0.24 -20.60 14.81
C ALA D 126 -1.01 -19.56 15.64
N SER D 127 -2.20 -19.22 15.15
CA SER D 127 -3.15 -18.39 15.87
C SER D 127 -4.57 -18.72 15.42
N ASN D 128 -5.56 -18.44 16.26
CA ASN D 128 -6.95 -18.64 15.88
C ASN D 128 -7.54 -17.51 15.04
N ARG D 129 -6.75 -16.48 14.76
CA ARG D 129 -7.15 -15.41 13.85
C ARG D 129 -6.06 -15.23 12.78
N SER D 130 -6.43 -14.70 11.62
CA SER D 130 -5.46 -14.36 10.56
C SER D 130 -4.31 -13.51 11.08
N ILE D 131 -3.13 -13.74 10.53
CA ILE D 131 -1.98 -12.91 10.78
C ILE D 131 -1.65 -12.26 9.46
N ILE D 132 -1.19 -11.01 9.52
CA ILE D 132 -0.71 -10.32 8.35
C ILE D 132 0.80 -10.24 8.45
N LEU D 133 1.47 -10.66 7.39
CA LEU D 133 2.93 -10.65 7.36
C LEU D 133 3.41 -9.40 6.63
N HIS D 134 4.37 -8.70 7.22
CA HIS D 134 4.93 -7.50 6.63
C HIS D 134 6.42 -7.68 6.48
N GLY D 135 6.98 -7.15 5.41
CA GLY D 135 8.43 -7.15 5.23
C GLY D 135 8.99 -5.74 5.18
N GLU D 136 9.95 -5.46 6.04
CA GLU D 136 10.75 -4.24 5.91
C GLU D 136 11.93 -4.55 4.98
N MSE D 137 12.06 -3.77 3.92
CA MSE D 137 13.17 -3.95 2.99
C MSE D 137 14.39 -3.13 3.48
O MSE D 137 14.28 -2.37 4.44
CB MSE D 137 12.75 -3.56 1.57
CG MSE D 137 11.41 -4.17 1.13
SE MSE D 137 11.49 -6.12 1.00
CE MSE D 137 9.85 -6.58 1.90
N GLU D 138 15.53 -3.32 2.83
CA GLU D 138 16.77 -2.60 3.18
C GLU D 138 16.55 -1.09 3.16
N ASP D 139 15.85 -0.60 2.14
CA ASP D 139 15.59 0.84 2.02
C ASP D 139 14.65 1.39 3.09
N GLY D 140 14.10 0.54 3.95
CA GLY D 140 13.21 1.00 5.00
C GLY D 140 11.72 0.97 4.65
N THR D 141 11.40 0.76 3.37
CA THR D 141 10.00 0.62 2.98
C THR D 141 9.41 -0.70 3.47
N ILE D 142 8.08 -0.73 3.60
CA ILE D 142 7.38 -1.92 4.07
C ILE D 142 6.51 -2.45 2.95
N VAL D 143 6.55 -3.76 2.71
CA VAL D 143 5.60 -4.41 1.83
C VAL D 143 4.75 -5.28 2.70
N THR D 144 3.46 -5.22 2.49
CA THR D 144 2.51 -5.96 3.30
C THR D 144 1.88 -7.10 2.52
N GLY D 145 1.79 -8.26 3.16
CA GLY D 145 1.14 -9.43 2.58
C GLY D 145 2.14 -10.49 2.17
N GLU D 146 1.96 -11.68 2.71
CA GLU D 146 2.84 -12.82 2.46
C GLU D 146 3.20 -13.02 0.99
N SER D 147 2.20 -13.03 0.12
CA SER D 147 2.44 -13.29 -1.30
C SER D 147 2.99 -12.07 -2.06
N SER D 148 2.88 -10.88 -1.48
CA SER D 148 3.46 -9.66 -2.07
C SER D 148 4.93 -9.43 -1.78
N ILE D 149 5.40 -9.91 -0.65
CA ILE D 149 6.77 -9.64 -0.22
C ILE D 149 7.83 -10.08 -1.24
N PRO D 150 7.75 -11.34 -1.74
CA PRO D 150 8.75 -11.79 -2.71
C PRO D 150 8.69 -11.11 -4.04
N LYS D 151 7.57 -10.47 -4.36
CA LYS D 151 7.46 -9.75 -5.62
C LYS D 151 8.02 -8.32 -5.57
N ALA D 152 8.48 -7.87 -4.40
CA ALA D 152 8.97 -6.49 -4.24
C ALA D 152 10.27 -6.20 -5.01
N GLY D 153 10.99 -7.25 -5.40
CA GLY D 153 12.27 -7.07 -6.01
C GLY D 153 13.24 -6.22 -5.20
N LYS D 154 13.13 -6.26 -3.88
CA LYS D 154 14.10 -5.60 -3.01
C LYS D 154 14.55 -6.63 -2.00
N LYS D 155 15.57 -6.33 -1.20
CA LYS D 155 16.09 -7.31 -0.24
C LYS D 155 15.43 -7.15 1.15
N ILE D 156 14.95 -8.25 1.71
CA ILE D 156 14.32 -8.22 3.02
C ILE D 156 15.35 -7.93 4.09
N LYS D 157 15.03 -6.97 4.96
CA LYS D 157 15.82 -6.67 6.16
C LYS D 157 15.22 -7.48 7.30
N ARG D 158 13.91 -7.45 7.42
CA ARG D 158 13.22 -8.28 8.40
C ARG D 158 11.75 -8.37 8.15
N VAL D 159 11.08 -9.29 8.84
CA VAL D 159 9.64 -9.42 8.77
C VAL D 159 9.04 -9.28 10.17
N PHE D 160 7.77 -8.90 10.22
CA PHE D 160 7.03 -8.84 11.49
C PHE D 160 5.56 -9.09 11.20
N LEU D 161 4.79 -9.27 12.27
CA LEU D 161 3.41 -9.68 12.20
C LEU D 161 2.49 -8.61 12.76
N THR D 162 1.31 -8.47 12.20
CA THR D 162 0.23 -7.76 12.87
C THR D 162 -0.99 -8.68 12.73
N PRO D 163 -2.01 -8.51 13.59
CA PRO D 163 -2.20 -7.60 14.71
C PRO D 163 -1.15 -7.81 15.76
N LYS D 164 -0.78 -6.77 16.50
CA LYS D 164 0.27 -6.90 17.51
C LYS D 164 -0.18 -7.84 18.62
N ASP D 165 -1.47 -7.84 18.91
CA ASP D 165 -2.03 -8.69 19.96
C ASP D 165 -2.41 -10.09 19.48
N THR D 166 -1.81 -10.53 18.39
CA THR D 166 -1.96 -11.91 17.95
C THR D 166 -1.52 -12.85 19.07
N LYS D 167 -2.37 -13.84 19.34
CA LYS D 167 -2.19 -14.84 20.41
C LYS D 167 -2.07 -16.24 19.82
N PRO D 168 -1.16 -17.05 20.37
CA PRO D 168 -1.09 -18.44 20.01
C PRO D 168 -2.15 -19.19 20.79
N LEU D 169 -2.41 -20.43 20.44
CA LEU D 169 -3.35 -21.23 21.18
C LEU D 169 -2.71 -21.70 22.47
N ARG D 170 -3.50 -21.77 23.56
CA ARG D 170 -3.00 -22.32 24.83
C ARG D 170 -2.40 -23.70 24.62
N GLU D 171 -3.09 -24.54 23.85
CA GLU D 171 -2.62 -25.90 23.53
C GLU D 171 -1.27 -25.88 22.80
N GLY D 172 -1.01 -24.86 22.00
CA GLY D 172 0.30 -24.73 21.35
C GLY D 172 1.44 -24.54 22.36
N LEU D 173 1.21 -23.60 23.29
CA LEU D 173 2.20 -23.34 24.33
C LEU D 173 2.43 -24.57 25.22
N GLU D 174 1.36 -25.27 25.62
CA GLU D 174 1.51 -26.50 26.39
C GLU D 174 2.34 -27.54 25.60
N ALA D 175 2.09 -27.69 24.30
CA ALA D 175 2.82 -28.59 23.44
C ALA D 175 4.31 -28.29 23.44
N ILE D 176 4.69 -27.02 23.44
CA ILE D 176 6.11 -26.66 23.45
C ILE D 176 6.73 -27.02 24.80
N ARG D 177 5.97 -26.75 25.87
CA ARG D 177 6.45 -27.06 27.20
C ARG D 177 6.72 -28.56 27.35
N LYS D 178 5.78 -29.40 26.87
CA LYS D 178 5.91 -30.87 26.91
C LYS D 178 6.85 -31.51 25.88
N ALA D 179 7.37 -30.73 24.95
CA ALA D 179 8.11 -31.31 23.83
C ALA D 179 9.45 -31.89 24.23
N ASP D 180 9.76 -33.08 23.69
CA ASP D 180 11.11 -33.67 23.79
C ASP D 180 11.96 -33.18 22.64
N VAL D 181 11.38 -33.02 21.46
CA VAL D 181 12.11 -32.41 20.34
C VAL D 181 11.27 -31.27 19.73
N ILE D 182 11.95 -30.18 19.37
CA ILE D 182 11.34 -29.05 18.69
C ILE D 182 11.96 -28.92 17.33
N VAL D 183 11.15 -29.04 16.28
CA VAL D 183 11.63 -28.93 14.90
C VAL D 183 11.13 -27.67 14.24
N ILE D 184 12.07 -26.89 13.69
CA ILE D 184 11.76 -25.67 13.00
C ILE D 184 11.98 -25.89 11.50
N GLY D 185 10.89 -25.83 10.75
CA GLY D 185 10.92 -26.09 9.31
C GLY D 185 10.74 -27.56 8.99
N PRO D 186 10.92 -27.94 7.72
CA PRO D 186 11.38 -27.07 6.63
C PRO D 186 10.25 -26.22 6.04
N GLY D 187 10.61 -25.11 5.42
CA GLY D 187 9.69 -24.18 4.78
C GLY D 187 10.42 -22.87 4.44
N SER D 188 9.74 -21.96 3.73
CA SER D 188 10.30 -20.62 3.51
C SER D 188 10.73 -19.98 4.79
N LEU D 189 11.92 -19.38 4.78
CA LEU D 189 12.45 -18.68 5.94
C LEU D 189 11.51 -17.58 6.38
N TYR D 190 11.21 -16.69 5.43
CA TYR D 190 10.51 -15.45 5.73
C TYR D 190 9.01 -15.56 5.72
N THR D 191 8.48 -16.54 4.99
CA THR D 191 7.02 -16.64 4.80
C THR D 191 6.36 -17.90 5.45
N SER D 192 7.16 -18.79 6.08
CA SER D 192 6.63 -19.93 6.87
C SER D 192 7.23 -20.13 8.27
N VAL D 193 8.56 -20.11 8.34
CA VAL D 193 9.25 -20.34 9.60
C VAL D 193 9.08 -19.12 10.51
N LEU D 194 9.54 -17.96 10.06
CA LEU D 194 9.47 -16.76 10.90
C LEU D 194 8.04 -16.35 11.34
N PRO D 195 7.09 -16.38 10.41
CA PRO D 195 5.69 -16.13 10.79
C PRO D 195 5.14 -17.06 11.90
N ASN D 196 5.72 -18.24 12.05
CA ASN D 196 5.38 -19.11 13.14
C ASN D 196 6.09 -18.69 14.44
N LEU D 197 7.40 -18.50 14.35
CA LEU D 197 8.24 -18.16 15.51
C LEU D 197 7.93 -16.79 16.12
N LEU D 198 7.47 -15.84 15.30
CA LEU D 198 7.22 -14.48 15.77
C LEU D 198 5.85 -14.28 16.44
N VAL D 199 5.01 -15.32 16.51
CA VAL D 199 3.76 -15.18 17.27
C VAL D 199 4.17 -14.88 18.75
N PRO D 200 3.65 -13.81 19.34
CA PRO D 200 3.95 -13.50 20.74
C PRO D 200 3.82 -14.66 21.73
N GLY D 201 4.89 -14.93 22.46
CA GLY D 201 4.92 -16.02 23.42
C GLY D 201 5.64 -17.28 22.95
N ILE D 202 5.77 -17.46 21.63
CA ILE D 202 6.32 -18.70 21.08
C ILE D 202 7.81 -18.82 21.30
N CYS D 203 8.53 -17.77 21.00
CA CYS D 203 9.97 -17.73 21.28
C CYS D 203 10.37 -17.87 22.74
N GLU D 204 9.55 -17.29 23.59
CA GLU D 204 9.75 -17.34 25.02
C GLU D 204 9.54 -18.79 25.50
N ALA D 205 8.47 -19.44 25.02
CA ALA D 205 8.21 -20.85 25.31
C ALA D 205 9.32 -21.77 24.78
N ILE D 206 9.75 -21.55 23.54
CA ILE D 206 10.85 -22.31 22.99
C ILE D 206 12.15 -22.14 23.83
N LYS D 207 12.46 -20.91 24.26
CA LYS D 207 13.70 -20.66 25.04
C LYS D 207 13.68 -21.33 26.41
N GLN D 208 12.54 -21.27 27.10
CA GLN D 208 12.38 -21.93 28.38
C GLN D 208 12.43 -23.47 28.28
N SER D 209 12.14 -24.04 27.12
CA SER D 209 12.10 -25.50 26.98
C SER D 209 13.52 -26.03 26.95
N THR D 210 13.69 -27.24 27.48
CA THR D 210 14.99 -27.92 27.45
C THR D 210 15.04 -28.98 26.34
N ALA D 211 13.98 -29.04 25.54
CA ALA D 211 13.93 -29.92 24.39
C ALA D 211 15.12 -29.65 23.50
N ARG D 212 15.52 -30.64 22.71
CA ARG D 212 16.47 -30.41 21.66
C ARG D 212 15.76 -29.69 20.51
N LYS D 213 16.43 -28.68 19.98
CA LYS D 213 15.86 -27.76 18.99
C LYS D 213 16.63 -27.87 17.70
N VAL D 214 15.96 -28.39 16.67
CA VAL D 214 16.59 -28.63 15.38
C VAL D 214 15.97 -27.77 14.29
N TYR D 215 16.81 -27.04 13.55
CA TYR D 215 16.33 -26.25 12.45
C TYR D 215 16.67 -26.98 11.16
N ILE D 216 15.64 -27.27 10.36
CA ILE D 216 15.84 -27.97 9.08
C ILE D 216 15.99 -26.88 8.04
N CYS D 217 17.21 -26.72 7.57
CA CYS D 217 17.58 -25.61 6.73
C CYS D 217 17.07 -25.80 5.32
N ASN D 218 16.73 -24.72 4.65
CA ASN D 218 16.32 -24.76 3.27
C ASN D 218 17.42 -25.36 2.38
N VAL D 219 17.05 -26.13 1.35
CA VAL D 219 18.00 -26.70 0.41
C VAL D 219 18.23 -25.79 -0.78
N MSE D 220 17.23 -24.96 -1.11
CA MSE D 220 17.34 -24.03 -2.21
C MSE D 220 16.99 -22.59 -1.75
O MSE D 220 16.19 -22.38 -0.81
CB MSE D 220 16.36 -24.44 -3.30
CG MSE D 220 16.63 -25.78 -3.95
SE MSE D 220 18.22 -25.77 -5.06
CE MSE D 220 17.87 -24.32 -6.10
N THR D 221 17.58 -21.61 -2.41
CA THR D 221 17.18 -20.22 -2.21
C THR D 221 15.81 -20.00 -2.83
N GLN D 222 15.18 -18.87 -2.52
CA GLN D 222 13.92 -18.49 -3.14
C GLN D 222 14.04 -17.08 -3.63
N ASN D 223 13.67 -16.85 -4.89
CA ASN D 223 13.80 -15.52 -5.48
C ASN D 223 12.94 -14.50 -4.74
N GLY D 224 13.54 -13.36 -4.41
CA GLY D 224 12.84 -12.29 -3.70
C GLY D 224 12.72 -12.48 -2.21
N GLU D 225 13.27 -13.58 -1.69
CA GLU D 225 13.22 -13.86 -0.26
C GLU D 225 14.61 -14.13 0.28
N THR D 226 15.30 -15.12 -0.28
CA THR D 226 16.60 -15.58 0.24
C THR D 226 17.69 -15.64 -0.85
N ASP D 227 17.62 -14.73 -1.82
CA ASP D 227 18.62 -14.66 -2.88
C ASP D 227 20.01 -14.62 -2.30
N GLY D 228 20.84 -15.59 -2.68
CA GLY D 228 22.24 -15.60 -2.25
C GLY D 228 22.53 -16.05 -0.84
N TYR D 229 21.49 -16.47 -0.11
CA TYR D 229 21.70 -16.87 1.29
C TYR D 229 22.49 -18.19 1.38
N THR D 230 23.48 -18.23 2.26
CA THR D 230 24.13 -19.46 2.67
C THR D 230 23.34 -20.04 3.85
N ALA D 231 23.72 -21.22 4.33
CA ALA D 231 23.05 -21.81 5.47
C ALA D 231 23.17 -20.85 6.67
N SER D 232 24.34 -20.26 6.86
CA SER D 232 24.57 -19.38 8.03
C SER D 232 23.72 -18.13 7.95
N ASP D 233 23.46 -17.67 6.73
CA ASP D 233 22.52 -16.55 6.50
C ASP D 233 21.11 -16.87 6.94
N HIS D 234 20.66 -18.10 6.72
CA HIS D 234 19.34 -18.52 7.20
C HIS D 234 19.30 -18.53 8.72
N LEU D 235 20.32 -19.14 9.34
CA LEU D 235 20.32 -19.28 10.80
C LEU D 235 20.42 -17.91 11.45
N GLN D 236 21.27 -17.07 10.88
CA GLN D 236 21.46 -15.70 11.37
C GLN D 236 20.14 -14.93 11.38
N ALA D 237 19.35 -15.10 10.32
CA ALA D 237 18.08 -14.43 10.22
C ALA D 237 17.15 -14.89 11.33
N ILE D 238 17.17 -16.18 11.64
CA ILE D 238 16.32 -16.69 12.72
C ILE D 238 16.76 -16.11 14.05
N MSE D 239 18.08 -16.02 14.23
CA MSE D 239 18.64 -15.48 15.47
C MSE D 239 18.40 -13.97 15.62
O MSE D 239 18.01 -13.50 16.69
CB MSE D 239 20.10 -15.82 15.55
CG MSE D 239 20.21 -17.27 15.98
SE MSE D 239 21.93 -18.00 15.96
CE MSE D 239 21.52 -19.75 17.14
N ASP D 240 18.58 -13.22 14.55
CA ASP D 240 18.25 -11.80 14.59
C ASP D 240 16.77 -11.56 14.90
N HIS D 241 15.86 -12.40 14.46
CA HIS D 241 14.46 -12.16 14.79
C HIS D 241 14.05 -12.74 16.15
N CYS D 242 14.75 -13.75 16.64
CA CYS D 242 14.26 -14.54 17.79
C CYS D 242 15.19 -14.67 18.98
N GLY D 243 16.43 -14.27 18.83
CA GLY D 243 17.39 -14.33 19.92
C GLY D 243 17.95 -15.71 20.16
N VAL D 244 18.36 -15.96 21.40
CA VAL D 244 19.09 -17.18 21.79
C VAL D 244 18.16 -18.26 22.32
N GLY D 245 18.63 -19.51 22.28
CA GLY D 245 17.88 -20.65 22.84
C GLY D 245 16.70 -21.10 21.98
N ILE D 246 16.80 -20.86 20.68
CA ILE D 246 15.76 -21.22 19.70
C ILE D 246 16.24 -22.36 18.82
N VAL D 247 17.52 -22.36 18.44
CA VAL D 247 18.10 -23.43 17.65
C VAL D 247 19.36 -24.05 18.30
N ASP D 248 19.38 -25.37 18.54
CA ASP D 248 20.61 -26.05 19.04
C ASP D 248 21.43 -26.62 17.90
N ASP D 249 20.77 -27.31 16.97
CA ASP D 249 21.41 -27.92 15.82
C ASP D 249 20.75 -27.50 14.52
N ILE D 250 21.54 -27.37 13.47
CA ILE D 250 21.03 -27.10 12.13
C ILE D 250 21.25 -28.37 11.27
N LEU D 251 20.18 -28.81 10.59
CA LEU D 251 20.21 -29.98 9.72
C LEU D 251 20.27 -29.51 8.28
N VAL D 252 21.33 -29.90 7.57
CA VAL D 252 21.64 -29.39 6.24
C VAL D 252 21.93 -30.49 5.24
N HIS D 253 21.57 -30.27 3.99
CA HIS D 253 21.93 -31.19 2.91
C HIS D 253 23.30 -30.81 2.40
N GLY D 254 24.32 -31.54 2.86
CA GLY D 254 25.69 -31.20 2.54
C GLY D 254 26.29 -31.89 1.35
N GLU D 255 25.48 -32.58 0.56
CA GLU D 255 25.98 -33.30 -0.59
C GLU D 255 25.41 -32.63 -1.85
N PRO D 256 25.90 -32.99 -3.04
CA PRO D 256 25.50 -32.28 -4.25
C PRO D 256 24.11 -32.65 -4.79
N ILE D 257 23.70 -31.95 -5.84
CA ILE D 257 22.38 -32.01 -6.41
C ILE D 257 22.55 -32.27 -7.92
N SER D 258 21.65 -33.05 -8.51
CA SER D 258 21.76 -33.36 -9.94
C SER D 258 21.80 -32.07 -10.75
N ASP D 259 22.47 -32.09 -11.89
CA ASP D 259 22.58 -30.90 -12.71
C ASP D 259 21.23 -30.54 -13.32
N THR D 260 20.43 -31.55 -13.64
CA THR D 260 19.11 -31.32 -14.23
C THR D 260 18.19 -30.60 -13.24
N VAL D 261 18.27 -30.97 -11.96
CA VAL D 261 17.53 -30.26 -10.90
C VAL D 261 18.02 -28.81 -10.71
N LYS D 262 19.33 -28.63 -10.58
CA LYS D 262 19.91 -27.27 -10.50
C LYS D 262 19.42 -26.42 -11.65
N ALA D 263 19.37 -27.00 -12.85
CA ALA D 263 18.98 -26.27 -14.04
C ALA D 263 17.52 -25.84 -13.97
N LYS D 264 16.66 -26.75 -13.53
CA LYS D 264 15.24 -26.48 -13.43
C LYS D 264 14.97 -25.39 -12.41
N TYR D 265 15.68 -25.44 -11.27
CA TYR D 265 15.55 -24.42 -10.22
C TYR D 265 16.17 -23.06 -10.63
N ALA D 266 17.24 -23.08 -11.42
CA ALA D 266 17.84 -21.85 -11.95
C ALA D 266 16.87 -21.06 -12.84
N LYS D 267 15.95 -21.74 -13.51
CA LYS D 267 14.93 -21.03 -14.31
C LYS D 267 14.02 -20.16 -13.43
N GLU D 268 13.90 -20.47 -12.14
CA GLU D 268 13.14 -19.63 -11.20
C GLU D 268 14.07 -18.83 -10.29
N LYS D 269 15.28 -18.56 -10.75
CA LYS D 269 16.30 -17.84 -9.98
C LYS D 269 16.49 -18.39 -8.55
N ALA D 270 16.35 -19.70 -8.40
CA ALA D 270 16.65 -20.41 -7.15
C ALA D 270 17.95 -21.20 -7.34
N GLU D 271 18.79 -21.21 -6.31
CA GLU D 271 20.02 -22.00 -6.37
C GLU D 271 20.32 -22.67 -5.02
N PRO D 272 21.17 -23.71 -5.02
CA PRO D 272 21.44 -24.45 -3.80
C PRO D 272 22.01 -23.60 -2.68
N VAL D 273 21.59 -23.90 -1.46
CA VAL D 273 22.05 -23.17 -0.28
C VAL D 273 23.42 -23.71 0.10
N ILE D 274 24.46 -22.91 -0.10
CA ILE D 274 25.84 -23.33 0.24
C ILE D 274 25.89 -23.55 1.74
N VAL D 275 26.48 -24.69 2.16
CA VAL D 275 26.63 -25.00 3.58
C VAL D 275 28.00 -24.52 3.99
N ASP D 276 28.05 -23.45 4.79
CA ASP D 276 29.30 -22.81 5.26
C ASP D 276 29.56 -23.20 6.70
N GLU D 277 30.29 -24.30 6.86
CA GLU D 277 30.48 -24.96 8.16
C GLU D 277 31.15 -24.08 9.19
N HIS D 278 32.16 -23.33 8.74
CA HIS D 278 32.95 -22.54 9.68
C HIS D 278 32.05 -21.48 10.29
N LYS D 279 31.27 -20.80 9.46
CA LYS D 279 30.34 -19.76 9.98
C LYS D 279 29.21 -20.34 10.83
N LEU D 280 28.75 -21.55 10.51
CA LEU D 280 27.71 -22.19 11.32
C LEU D 280 28.24 -22.55 12.71
N LYS D 281 29.47 -23.08 12.76
CA LYS D 281 30.09 -23.41 14.04
C LYS D 281 30.28 -22.15 14.88
N ALA D 282 30.69 -21.08 14.22
CA ALA D 282 30.80 -19.75 14.82
C ALA D 282 29.50 -19.25 15.43
N LEU D 283 28.35 -19.63 14.87
CA LEU D 283 27.07 -19.19 15.45
C LEU D 283 26.68 -20.05 16.65
N GLY D 284 27.48 -21.06 16.96
CA GLY D 284 27.33 -21.80 18.21
C GLY D 284 26.40 -23.01 18.17
N VAL D 285 26.04 -23.47 16.96
CA VAL D 285 25.11 -24.61 16.81
C VAL D 285 25.85 -25.82 16.26
N GLY D 286 25.30 -27.00 16.53
CA GLY D 286 25.78 -28.23 15.89
C GLY D 286 25.25 -28.33 14.46
N THR D 287 25.97 -29.08 13.64
CA THR D 287 25.62 -29.32 12.26
C THR D 287 25.37 -30.79 12.01
N ILE D 288 24.18 -31.12 11.53
CA ILE D 288 23.87 -32.47 11.10
C ILE D 288 23.82 -32.45 9.59
N SER D 289 24.87 -32.97 8.95
CA SER D 289 25.00 -32.94 7.49
C SER D 289 24.91 -34.37 6.91
N ASP D 290 24.13 -34.54 5.85
CA ASP D 290 23.99 -35.83 5.17
C ASP D 290 23.34 -35.66 3.80
N TYR D 291 23.05 -36.76 3.11
CA TYR D 291 22.16 -36.79 1.95
C TYR D 291 20.75 -36.80 2.50
N PHE D 292 20.10 -35.66 2.45
CA PHE D 292 18.80 -35.52 3.07
C PHE D 292 17.69 -35.15 2.08
N VAL D 293 17.98 -35.06 0.78
CA VAL D 293 16.94 -34.72 -0.20
C VAL D 293 16.74 -35.82 -1.25
N LEU D 294 15.55 -35.86 -1.83
CA LEU D 294 15.23 -36.75 -2.92
C LEU D 294 14.70 -35.90 -4.06
N GLU D 295 14.76 -36.43 -5.26
CA GLU D 295 14.23 -35.77 -6.45
C GLU D 295 12.90 -36.48 -6.82
N GLN D 296 11.79 -35.75 -6.90
CA GLN D 296 10.48 -36.36 -7.20
C GLN D 296 9.39 -35.30 -7.41
N ASP D 298 10.81 -34.27 -10.58
CA ASP D 298 11.64 -33.18 -11.08
C ASP D 298 11.93 -32.11 -9.98
N VAL D 299 11.26 -32.25 -8.83
CA VAL D 299 11.23 -31.28 -7.71
C VAL D 299 12.07 -31.82 -6.52
N LEU D 300 12.52 -30.92 -5.65
CA LEU D 300 13.53 -31.28 -4.65
C LEU D 300 12.90 -31.26 -3.25
N ARG D 301 12.75 -32.45 -2.65
CA ARG D 301 12.10 -32.58 -1.35
C ARG D 301 12.99 -33.27 -0.36
N HIS D 302 12.80 -32.97 0.91
CA HIS D 302 13.51 -33.69 1.96
C HIS D 302 13.03 -35.14 1.98
N ASN D 303 13.95 -36.02 2.40
CA ASN D 303 13.70 -37.42 2.68
C ASN D 303 13.19 -37.53 4.09
N ALA D 304 11.87 -37.61 4.20
CA ALA D 304 11.18 -37.61 5.49
C ALA D 304 11.76 -38.64 6.44
N SER D 305 12.06 -39.81 5.93
CA SER D 305 12.54 -40.90 6.72
C SER D 305 13.89 -40.61 7.32
N LYS D 306 14.88 -40.27 6.49
CA LYS D 306 16.22 -39.98 6.97
C LYS D 306 16.17 -38.80 7.94
N VAL D 307 15.46 -37.74 7.57
CA VAL D 307 15.37 -36.55 8.40
C VAL D 307 14.74 -36.87 9.74
N SER D 308 13.63 -37.60 9.72
CA SER D 308 12.97 -38.03 10.97
C SER D 308 13.91 -38.80 11.90
N GLU D 309 14.69 -39.69 11.30
CA GLU D 309 15.62 -40.52 12.04
C GLU D 309 16.74 -39.66 12.64
N ALA D 310 17.26 -38.72 11.85
CA ALA D 310 18.35 -37.85 12.29
C ALA D 310 17.94 -36.98 13.46
N ILE D 311 16.70 -36.49 13.44
CA ILE D 311 16.24 -35.61 14.52
C ILE D 311 15.78 -36.38 15.77
N LEU D 312 15.49 -37.67 15.64
CA LEU D 312 15.11 -38.50 16.81
C LEU D 312 16.29 -39.20 17.50
N GLU D 313 17.48 -39.24 16.88
CA GLU D 313 18.68 -39.86 17.48
C GLU D 313 19.58 -38.82 18.16
S SO4 E . 20.31 30.65 -15.48
O1 SO4 E . 21.19 31.29 -16.44
O2 SO4 E . 19.39 31.65 -14.94
O3 SO4 E . 19.62 29.49 -16.07
O4 SO4 E . 21.09 30.25 -14.34
S SO4 F . 27.42 37.49 -21.29
O1 SO4 F . 28.90 37.43 -21.32
O2 SO4 F . 26.87 38.78 -21.68
O3 SO4 F . 26.86 36.47 -22.18
O4 SO4 F . 27.02 37.29 -19.92
PA NAD G . 32.42 31.97 -24.01
O1A NAD G . 33.84 32.03 -23.56
O2A NAD G . 32.25 32.49 -25.39
O5B NAD G . 31.83 30.46 -23.86
C5B NAD G . 30.43 30.35 -24.04
C4B NAD G . 29.61 30.03 -22.77
O4B NAD G . 29.02 28.74 -22.90
C3B NAD G . 30.43 29.96 -21.48
O3B NAD G . 29.77 30.68 -20.45
C2B NAD G . 30.55 28.46 -21.19
O2B NAD G . 29.83 28.06 -20.05
C1B NAD G . 29.96 27.79 -22.43
N9A NAD G . 30.93 27.57 -23.54
C8A NAD G . 30.51 27.56 -24.84
N7A NAD G . 31.58 27.38 -25.64
C5A NAD G . 32.68 27.25 -24.88
C6A NAD G . 33.98 27.02 -25.25
N6A NAD G . 34.27 26.74 -26.50
N1A NAD G . 34.94 26.91 -24.27
C2A NAD G . 34.57 27.05 -22.95
N3A NAD G . 33.25 27.27 -22.59
C4A NAD G . 32.30 27.37 -23.55
O3 NAD G . 31.56 32.75 -22.86
PN NAD G . 30.17 33.61 -22.91
O1N NAD G . 29.14 33.03 -23.82
O2N NAD G . 29.79 33.85 -21.48
O5D NAD G . 30.71 34.98 -23.57
C5D NAD G . 29.96 35.78 -24.44
C4D NAD G . 30.94 36.72 -25.13
O4D NAD G . 31.57 37.46 -24.10
C3D NAD G . 32.02 35.99 -25.95
O3D NAD G . 32.20 36.45 -27.26
C2D NAD G . 33.27 36.23 -25.16
O2D NAD G . 34.47 36.34 -25.91
C1D NAD G . 32.89 37.57 -24.53
N1N NAD G . 33.90 37.80 -23.52
C2N NAD G . 33.94 37.17 -22.33
C3N NAD G . 35.03 37.47 -21.52
C7N NAD G . 35.03 37.26 -20.05
O7N NAD G . 35.90 38.06 -19.27
N7N NAD G . 34.20 36.36 -19.54
C4N NAD G . 36.01 38.34 -21.95
C5N NAD G . 35.93 38.94 -23.20
C6N NAD G . 34.86 38.64 -23.97
S SO4 H . 5.17 22.54 3.99
O1 SO4 H . 4.51 22.56 2.68
O2 SO4 H . 4.40 23.44 4.82
O3 SO4 H . 5.15 21.19 4.50
O4 SO4 H . 6.56 22.88 4.05
S SO4 I . 2.01 19.52 14.81
O1 SO4 I . 3.38 19.84 15.21
O2 SO4 I . 1.14 20.18 15.78
O3 SO4 I . 1.69 20.07 13.49
O4 SO4 I . 1.80 18.06 14.76
PA NAD J . -5.16 22.74 14.96
O1A NAD J . -5.53 23.93 15.73
O2A NAD J . -5.73 21.53 15.61
O5B NAD J . -5.71 22.96 13.45
C5B NAD J . -5.31 22.15 12.34
C4B NAD J . -4.35 22.84 11.35
O4B NAD J . -5.04 23.35 10.22
C3B NAD J . -3.65 24.07 11.92
O3B NAD J . -2.40 24.33 11.29
C2B NAD J . -4.66 25.18 11.69
O2B NAD J . -4.03 26.42 11.39
C1B NAD J . -5.55 24.63 10.56
N9A NAD J . -6.94 24.40 11.00
C8A NAD J . -7.59 23.24 10.73
N7A NAD J . -8.80 23.33 11.28
C5A NAD J . -8.96 24.52 11.87
C6A NAD J . -10.04 25.06 12.51
N6A NAD J . -11.25 24.65 12.10
N1A NAD J . -9.93 26.34 13.03
C2A NAD J . -8.76 27.06 12.87
N3A NAD J . -7.69 26.49 12.21
C4A NAD J . -7.78 25.23 11.70
O3 NAD J . -3.51 22.70 14.91
PN NAD J . -2.39 21.62 14.37
O1N NAD J . -2.93 20.64 13.39
O2N NAD J . -1.17 22.40 13.95
O5D NAD J . -2.02 20.82 15.73
C5D NAD J . -2.16 19.42 15.85
C4D NAD J . -2.46 19.06 17.29
O4D NAD J . -1.62 19.85 18.13
C3D NAD J . -3.94 19.32 17.66
O3D NAD J . -4.57 18.28 18.39
C2D NAD J . -3.84 20.58 18.50
O2D NAD J . -4.87 20.74 19.45
C1D NAD J . -2.47 20.37 19.13
N1N NAD J . -2.12 21.65 19.75
C2N NAD J . -1.30 22.62 19.23
C3N NAD J . -1.15 23.77 20.02
C7N NAD J . -0.27 24.92 19.69
O7N NAD J . 0.19 25.73 20.77
N7N NAD J . 0.01 25.16 18.42
C4N NAD J . -1.81 23.91 21.22
C5N NAD J . -2.62 22.90 21.69
C6N NAD J . -2.77 21.78 20.94
S SO4 K . -29.85 -26.13 -3.90
O1 SO4 K . -29.43 -24.87 -3.30
O2 SO4 K . -31.29 -26.14 -4.09
O3 SO4 K . -29.28 -26.26 -5.22
O4 SO4 K . -29.39 -27.25 -3.12
S SO4 L . -40.05 -31.78 -4.15
O1 SO4 L . -38.99 -30.79 -4.34
O2 SO4 L . -40.77 -31.60 -2.88
O3 SO4 L . -40.95 -31.65 -5.30
O4 SO4 L . -39.44 -33.12 -4.08
PA NAD M . -44.21 -26.41 -0.08
O1A NAD M . -44.80 -26.66 1.26
O2A NAD M . -45.29 -26.21 -1.08
O5B NAD M . -43.23 -25.12 0.05
C5B NAD M . -42.43 -24.65 -1.03
C4B NAD M . -40.90 -24.82 -0.85
O4B NAD M . -40.28 -23.57 -0.59
C3B NAD M . -40.51 -25.68 0.36
O3B NAD M . -39.23 -26.27 0.25
C2B NAD M . -40.54 -24.67 1.49
O2B NAD M . -39.48 -24.92 2.39
C1B NAD M . -40.49 -23.29 0.78
N9A NAD M . -41.75 -22.50 0.82
C8A NAD M . -42.07 -21.61 -0.17
N7A NAD M . -43.26 -21.08 0.13
C5A NAD M . -43.73 -21.57 1.30
C6A NAD M . -44.90 -21.33 2.02
N6A NAD M . -45.98 -20.92 1.37
N1A NAD M . -45.11 -22.00 3.21
C2A NAD M . -44.17 -22.90 3.65
N3A NAD M . -43.01 -23.14 2.92
C4A NAD M . -42.78 -22.48 1.75
O3 NAD M . -43.31 -27.71 -0.48
PN NAD M . -42.30 -27.96 -1.75
O1N NAD M . -42.38 -26.92 -2.81
O2N NAD M . -40.98 -28.35 -1.19
O5D NAD M . -42.91 -29.31 -2.41
C5D NAD M . -43.57 -29.31 -3.67
C4D NAD M . -44.88 -30.09 -3.56
O4D NAD M . -44.66 -31.23 -2.74
C3D NAD M . -46.03 -29.26 -2.95
O3D NAD M . -47.21 -29.33 -3.74
C2D NAD M . -46.24 -29.92 -1.60
O2D NAD M . -47.55 -29.90 -1.06
C1D NAD M . -45.82 -31.35 -1.95
N1N NAD M . -45.72 -32.04 -0.69
C2N NAD M . -44.58 -32.17 0.04
C3N NAD M . -44.69 -32.86 1.24
C7N NAD M . -43.56 -32.98 2.19
O7N NAD M . -43.60 -34.03 3.13
N7N NAD M . -42.56 -32.09 2.09
C4N NAD M . -45.89 -33.37 1.69
C5N NAD M . -47.02 -33.21 0.92
C6N NAD M . -46.92 -32.53 -0.28
S SO4 N . -4.23 -23.05 -1.88
O1 SO4 N . -4.81 -22.66 -3.15
O2 SO4 N . -3.74 -21.85 -1.23
O3 SO4 N . -5.22 -23.77 -1.08
O4 SO4 N . -3.10 -23.93 -2.08
S SO4 O . 6.42 -23.66 2.54
O1 SO4 O . 7.33 -24.71 2.02
O2 SO4 O . 7.02 -22.34 2.41
O3 SO4 O . 5.15 -23.72 1.83
O4 SO4 O . 6.13 -23.92 3.94
PA NAD P . 10.56 -25.45 -3.84
O1A NAD P . 11.43 -26.65 -3.89
O2A NAD P . 11.39 -24.26 -3.53
O5B NAD P . 9.73 -25.28 -5.23
C5B NAD P . 8.93 -24.11 -5.32
C4B NAD P . 7.46 -24.34 -5.69
O4B NAD P . 7.30 -24.03 -7.06
C3B NAD P . 6.98 -25.77 -5.49
O3B NAD P . 5.78 -25.82 -4.72
C2B NAD P . 6.77 -26.29 -6.89
O2B NAD P . 5.40 -26.49 -7.15
C1B NAD P . 7.33 -25.22 -7.82
N9A NAD P . 8.69 -25.53 -8.31
C8A NAD P . 9.84 -24.84 -8.05
N7A NAD P . 10.87 -25.42 -8.67
C5A NAD P . 10.41 -26.48 -9.35
C6A NAD P . 11.04 -27.41 -10.17
N6A NAD P . 12.21 -27.03 -10.71
N1A NAD P . 10.31 -28.42 -10.76
C2A NAD P . 8.95 -28.51 -10.55
N3A NAD P . 8.32 -27.58 -9.74
C4A NAD P . 9.03 -26.58 -9.15
O3 NAD P . 9.34 -25.67 -2.77
PN NAD P . 8.51 -24.63 -1.81
O1N NAD P . 8.29 -23.29 -2.41
O2N NAD P . 7.31 -25.36 -1.33
O5D NAD P . 9.50 -24.49 -0.52
C5D NAD P . 9.82 -23.26 0.11
C4D NAD P . 11.19 -23.33 0.75
O4D NAD P . 11.29 -24.53 1.51
C3D NAD P . 12.34 -23.36 -0.29
O3D NAD P . 13.37 -22.47 0.08
C2D NAD P . 12.82 -24.80 -0.24
O2D NAD P . 14.18 -25.06 -0.58
C1D NAD P . 12.52 -25.12 1.21
N1N NAD P . 12.60 -26.57 1.30
C2N NAD P . 11.51 -27.37 1.08
C3N NAD P . 11.71 -28.75 1.17
C7N NAD P . 10.56 -29.68 1.31
O7N NAD P . 10.73 -30.86 2.07
N7N NAD P . 9.42 -29.34 0.71
C4N NAD P . 12.95 -29.26 1.46
C5N NAD P . 14.02 -28.42 1.67
C6N NAD P . 13.83 -27.05 1.59
#